data_5A6I
# 
_entry.id   5A6I 
# 
_audit_conform.dict_name       mmcif_pdbx.dic 
_audit_conform.dict_version    5.391 
_audit_conform.dict_location   http://mmcif.pdb.org/dictionaries/ascii/mmcif_pdbx.dic 
# 
loop_
_database_2.database_id 
_database_2.database_code 
_database_2.pdbx_database_accession 
_database_2.pdbx_DOI 
PDB   5A6I         pdb_00005a6i 10.2210/pdb5a6i/pdb 
PDBE  EBI-64195    ?            ?                   
WWPDB D_1290064195 ?            ?                   
# 
loop_
_pdbx_audit_revision_history.ordinal 
_pdbx_audit_revision_history.data_content_type 
_pdbx_audit_revision_history.major_revision 
_pdbx_audit_revision_history.minor_revision 
_pdbx_audit_revision_history.revision_date 
1 'Structure model' 1 0 2016-02-24 
2 'Structure model' 1 1 2016-03-02 
3 'Structure model' 1 2 2017-08-23 
4 'Structure model' 1 3 2024-05-08 
# 
_pdbx_audit_revision_details.ordinal             1 
_pdbx_audit_revision_details.revision_ordinal    1 
_pdbx_audit_revision_details.data_content_type   'Structure model' 
_pdbx_audit_revision_details.provider            repository 
_pdbx_audit_revision_details.type                'Initial release' 
_pdbx_audit_revision_details.description         ? 
_pdbx_audit_revision_details.details             ? 
# 
loop_
_pdbx_audit_revision_group.ordinal 
_pdbx_audit_revision_group.revision_ordinal 
_pdbx_audit_revision_group.data_content_type 
_pdbx_audit_revision_group.group 
1 2 'Structure model' 'Database references'  
2 3 'Structure model' 'Data collection'      
3 4 'Structure model' 'Data collection'      
4 4 'Structure model' 'Database references'  
5 4 'Structure model' 'Derived calculations' 
6 4 'Structure model' Other                  
# 
loop_
_pdbx_audit_revision_category.ordinal 
_pdbx_audit_revision_category.revision_ordinal 
_pdbx_audit_revision_category.data_content_type 
_pdbx_audit_revision_category.category 
1 3 'Structure model' diffrn_detector              
2 4 'Structure model' chem_comp_atom               
3 4 'Structure model' chem_comp_bond               
4 4 'Structure model' database_2                   
5 4 'Structure model' pdbx_database_status         
6 4 'Structure model' pdbx_struct_special_symmetry 
7 4 'Structure model' struct_site                  
# 
loop_
_pdbx_audit_revision_item.ordinal 
_pdbx_audit_revision_item.revision_ordinal 
_pdbx_audit_revision_item.data_content_type 
_pdbx_audit_revision_item.item 
1 3 'Structure model' '_diffrn_detector.type'                
2 4 'Structure model' '_database_2.pdbx_DOI'                 
3 4 'Structure model' '_database_2.pdbx_database_accession'  
4 4 'Structure model' '_pdbx_database_status.status_code_sf' 
5 4 'Structure model' '_struct_site.pdbx_auth_asym_id'       
6 4 'Structure model' '_struct_site.pdbx_auth_comp_id'       
7 4 'Structure model' '_struct_site.pdbx_auth_seq_id'        
# 
_pdbx_database_status.status_code                     REL 
_pdbx_database_status.entry_id                        5A6I 
_pdbx_database_status.deposit_site                    PDBE 
_pdbx_database_status.process_site                    PDBE 
_pdbx_database_status.SG_entry                        . 
_pdbx_database_status.recvd_initial_deposition_date   2015-06-26 
_pdbx_database_status.pdb_format_compatible           Y 
_pdbx_database_status.status_code_sf                  REL 
_pdbx_database_status.status_code_mr                  ? 
_pdbx_database_status.status_code_cs                  ? 
_pdbx_database_status.methods_development_category    ? 
_pdbx_database_status.status_code_nmr_data            ? 
# 
loop_
_audit_author.name 
_audit_author.pdbx_ordinal 
_audit_author.identifier_ORCID 
'Reverter, D.' 1 ? 
'Gallego, P.'  2 ? 
'Santana, R.'  3 ? 
'Ventura, S.'  4 ? 
# 
_citation.id                        primary 
_citation.title                     
'Repositioning Tolcapone as a Potent Inhibitor of Transthyretin Amyloidogenesis and its Associated Cellular Toxicity' 
_citation.journal_abbrev            Nat.Commun. 
_citation.journal_volume            7 
_citation.page_first                10787 
_citation.page_last                 ? 
_citation.year                      2016 
_citation.journal_id_ASTM           ? 
_citation.country                   UK 
_citation.journal_id_ISSN           2041-1723 
_citation.journal_id_CSD            ? 
_citation.book_publisher            ? 
_citation.pdbx_database_id_PubMed   26902880 
_citation.pdbx_database_id_DOI      10.1038/NCOMMS10787 
# 
loop_
_citation_author.citation_id 
_citation_author.name 
_citation_author.ordinal 
_citation_author.identifier_ORCID 
primary 'Reverter, D.' 1 ? 
primary 'Gallego, P.'  2 ? 
primary 'Santana, R.'  3 ? 
primary 'Ventura, S.'  4 ? 
# 
loop_
_entity.id 
_entity.type 
_entity.src_method 
_entity.pdbx_description 
_entity.formula_weight 
_entity.pdbx_number_of_molecules 
_entity.pdbx_ec 
_entity.pdbx_mutation 
_entity.pdbx_fragment 
_entity.details 
1 polymer     man TRANSTHYRETIN 13922.583 1  ? YES 'RESIDUES 21-147' ? 
2 non-polymer syn Tolcapone     273.241   1  ? ?   ?                 ? 
3 water       nat water         18.015    23 ? ?   ?                 ? 
# 
_entity_name_com.entity_id   1 
_entity_name_com.name        'ATTR, PREALBUMIN, TBPA' 
# 
_entity_poly.entity_id                      1 
_entity_poly.type                           'polypeptide(L)' 
_entity_poly.nstd_linkage                   no 
_entity_poly.nstd_monomer                   no 
_entity_poly.pdbx_seq_one_letter_code       
;MGPTGTGESKCPLMVKVLDAVRGSPAINVAVHVFRKAADDTWEPFASGKTSESGELHGLTTEEEFVEGIYKVEIDTKSYW
KALGISPFHEHAEVVFTANDSGPRRYTIAALLSPYSYSTTAVITNPKE
;
_entity_poly.pdbx_seq_one_letter_code_can   
;MGPTGTGESKCPLMVKVLDAVRGSPAINVAVHVFRKAADDTWEPFASGKTSESGELHGLTTEEEFVEGIYKVEIDTKSYW
KALGISPFHEHAEVVFTANDSGPRRYTIAALLSPYSYSTTAVITNPKE
;
_entity_poly.pdbx_strand_id                 A 
_entity_poly.pdbx_target_identifier         ? 
# 
loop_
_pdbx_entity_nonpoly.entity_id 
_pdbx_entity_nonpoly.name 
_pdbx_entity_nonpoly.comp_id 
2 Tolcapone TCW 
3 water     HOH 
# 
loop_
_entity_poly_seq.entity_id 
_entity_poly_seq.num 
_entity_poly_seq.mon_id 
_entity_poly_seq.hetero 
1 1   MET n 
1 2   GLY n 
1 3   PRO n 
1 4   THR n 
1 5   GLY n 
1 6   THR n 
1 7   GLY n 
1 8   GLU n 
1 9   SER n 
1 10  LYS n 
1 11  CYS n 
1 12  PRO n 
1 13  LEU n 
1 14  MET n 
1 15  VAL n 
1 16  LYS n 
1 17  VAL n 
1 18  LEU n 
1 19  ASP n 
1 20  ALA n 
1 21  VAL n 
1 22  ARG n 
1 23  GLY n 
1 24  SER n 
1 25  PRO n 
1 26  ALA n 
1 27  ILE n 
1 28  ASN n 
1 29  VAL n 
1 30  ALA n 
1 31  VAL n 
1 32  HIS n 
1 33  VAL n 
1 34  PHE n 
1 35  ARG n 
1 36  LYS n 
1 37  ALA n 
1 38  ALA n 
1 39  ASP n 
1 40  ASP n 
1 41  THR n 
1 42  TRP n 
1 43  GLU n 
1 44  PRO n 
1 45  PHE n 
1 46  ALA n 
1 47  SER n 
1 48  GLY n 
1 49  LYS n 
1 50  THR n 
1 51  SER n 
1 52  GLU n 
1 53  SER n 
1 54  GLY n 
1 55  GLU n 
1 56  LEU n 
1 57  HIS n 
1 58  GLY n 
1 59  LEU n 
1 60  THR n 
1 61  THR n 
1 62  GLU n 
1 63  GLU n 
1 64  GLU n 
1 65  PHE n 
1 66  VAL n 
1 67  GLU n 
1 68  GLY n 
1 69  ILE n 
1 70  TYR n 
1 71  LYS n 
1 72  VAL n 
1 73  GLU n 
1 74  ILE n 
1 75  ASP n 
1 76  THR n 
1 77  LYS n 
1 78  SER n 
1 79  TYR n 
1 80  TRP n 
1 81  LYS n 
1 82  ALA n 
1 83  LEU n 
1 84  GLY n 
1 85  ILE n 
1 86  SER n 
1 87  PRO n 
1 88  PHE n 
1 89  HIS n 
1 90  GLU n 
1 91  HIS n 
1 92  ALA n 
1 93  GLU n 
1 94  VAL n 
1 95  VAL n 
1 96  PHE n 
1 97  THR n 
1 98  ALA n 
1 99  ASN n 
1 100 ASP n 
1 101 SER n 
1 102 GLY n 
1 103 PRO n 
1 104 ARG n 
1 105 ARG n 
1 106 TYR n 
1 107 THR n 
1 108 ILE n 
1 109 ALA n 
1 110 ALA n 
1 111 LEU n 
1 112 LEU n 
1 113 SER n 
1 114 PRO n 
1 115 TYR n 
1 116 SER n 
1 117 TYR n 
1 118 SER n 
1 119 THR n 
1 120 THR n 
1 121 ALA n 
1 122 VAL n 
1 123 ILE n 
1 124 THR n 
1 125 ASN n 
1 126 PRO n 
1 127 LYS n 
1 128 GLU n 
# 
_entity_src_gen.entity_id                          1 
_entity_src_gen.pdbx_src_id                        1 
_entity_src_gen.pdbx_alt_source_flag               sample 
_entity_src_gen.pdbx_seq_type                      ? 
_entity_src_gen.pdbx_beg_seq_num                   ? 
_entity_src_gen.pdbx_end_seq_num                   ? 
_entity_src_gen.gene_src_common_name               HUMAN 
_entity_src_gen.gene_src_genus                     ? 
_entity_src_gen.pdbx_gene_src_gene                 ? 
_entity_src_gen.gene_src_species                   ? 
_entity_src_gen.gene_src_strain                    ? 
_entity_src_gen.gene_src_tissue                    ? 
_entity_src_gen.gene_src_tissue_fraction           ? 
_entity_src_gen.gene_src_details                   ? 
_entity_src_gen.pdbx_gene_src_fragment             ? 
_entity_src_gen.pdbx_gene_src_scientific_name      'HOMO SAPIENS' 
_entity_src_gen.pdbx_gene_src_ncbi_taxonomy_id     9606 
_entity_src_gen.pdbx_gene_src_variant              ? 
_entity_src_gen.pdbx_gene_src_cell_line            ? 
_entity_src_gen.pdbx_gene_src_atcc                 ? 
_entity_src_gen.pdbx_gene_src_organ                ? 
_entity_src_gen.pdbx_gene_src_organelle            ? 
_entity_src_gen.pdbx_gene_src_cell                 ? 
_entity_src_gen.pdbx_gene_src_cellular_location    ? 
_entity_src_gen.host_org_common_name               ? 
_entity_src_gen.pdbx_host_org_scientific_name      'ESCHERICHIA COLI' 
_entity_src_gen.pdbx_host_org_ncbi_taxonomy_id     562 
_entity_src_gen.host_org_genus                     ? 
_entity_src_gen.pdbx_host_org_gene                 ? 
_entity_src_gen.pdbx_host_org_organ                ? 
_entity_src_gen.host_org_species                   ? 
_entity_src_gen.pdbx_host_org_tissue               ? 
_entity_src_gen.pdbx_host_org_tissue_fraction      ? 
_entity_src_gen.pdbx_host_org_strain               ? 
_entity_src_gen.pdbx_host_org_variant              ? 
_entity_src_gen.pdbx_host_org_cell_line            ? 
_entity_src_gen.pdbx_host_org_atcc                 ? 
_entity_src_gen.pdbx_host_org_culture_collection   ? 
_entity_src_gen.pdbx_host_org_cell                 ? 
_entity_src_gen.pdbx_host_org_organelle            ? 
_entity_src_gen.pdbx_host_org_cellular_location    ? 
_entity_src_gen.pdbx_host_org_vector_type          ? 
_entity_src_gen.pdbx_host_org_vector               ? 
_entity_src_gen.host_org_details                   ? 
_entity_src_gen.expression_system_id               ? 
_entity_src_gen.plasmid_name                       ? 
_entity_src_gen.plasmid_details                    ? 
_entity_src_gen.pdbx_description                   ? 
# 
loop_
_chem_comp.id 
_chem_comp.type 
_chem_comp.mon_nstd_flag 
_chem_comp.name 
_chem_comp.pdbx_synonyms 
_chem_comp.formula 
_chem_comp.formula_weight 
ALA 'L-peptide linking' y ALANINE         ?                                                        'C3 H7 N O2'     89.093  
ARG 'L-peptide linking' y ARGININE        ?                                                        'C6 H15 N4 O2 1' 175.209 
ASN 'L-peptide linking' y ASPARAGINE      ?                                                        'C4 H8 N2 O3'    132.118 
ASP 'L-peptide linking' y 'ASPARTIC ACID' ?                                                        'C4 H7 N O4'     133.103 
CYS 'L-peptide linking' y CYSTEINE        ?                                                        'C3 H7 N O2 S'   121.158 
GLU 'L-peptide linking' y 'GLUTAMIC ACID' ?                                                        'C5 H9 N O4'     147.129 
GLY 'peptide linking'   y GLYCINE         ?                                                        'C2 H5 N O2'     75.067  
HIS 'L-peptide linking' y HISTIDINE       ?                                                        'C6 H10 N3 O2 1' 156.162 
HOH non-polymer         . WATER           ?                                                        'H2 O'           18.015  
ILE 'L-peptide linking' y ISOLEUCINE      ?                                                        'C6 H13 N O2'    131.173 
LEU 'L-peptide linking' y LEUCINE         ?                                                        'C6 H13 N O2'    131.173 
LYS 'L-peptide linking' y LYSINE          ?                                                        'C6 H15 N2 O2 1' 147.195 
MET 'L-peptide linking' y METHIONINE      ?                                                        'C5 H11 N O2 S'  149.211 
PHE 'L-peptide linking' y PHENYLALANINE   ?                                                        'C9 H11 N O2'    165.189 
PRO 'L-peptide linking' y PROLINE         ?                                                        'C5 H9 N O2'     115.130 
SER 'L-peptide linking' y SERINE          ?                                                        'C3 H7 N O3'     105.093 
TCW non-polymer         . Tolcapone       '(3,4-dihydroxy-5-nitrophenyl)(4-methylphenyl)methanone' 'C14 H11 N O5'   273.241 
THR 'L-peptide linking' y THREONINE       ?                                                        'C4 H9 N O3'     119.119 
TRP 'L-peptide linking' y TRYPTOPHAN      ?                                                        'C11 H12 N2 O2'  204.225 
TYR 'L-peptide linking' y TYROSINE        ?                                                        'C9 H11 N O3'    181.189 
VAL 'L-peptide linking' y VALINE          ?                                                        'C5 H11 N O2'    117.146 
# 
loop_
_pdbx_poly_seq_scheme.asym_id 
_pdbx_poly_seq_scheme.entity_id 
_pdbx_poly_seq_scheme.seq_id 
_pdbx_poly_seq_scheme.mon_id 
_pdbx_poly_seq_scheme.ndb_seq_num 
_pdbx_poly_seq_scheme.pdb_seq_num 
_pdbx_poly_seq_scheme.auth_seq_num 
_pdbx_poly_seq_scheme.pdb_mon_id 
_pdbx_poly_seq_scheme.auth_mon_id 
_pdbx_poly_seq_scheme.pdb_strand_id 
_pdbx_poly_seq_scheme.pdb_ins_code 
_pdbx_poly_seq_scheme.hetero 
A 1 1   MET 1   0   ?   ?   ?   A . n 
A 1 2   GLY 2   1   ?   ?   ?   A . n 
A 1 3   PRO 3   2   ?   ?   ?   A . n 
A 1 4   THR 4   3   ?   ?   ?   A . n 
A 1 5   GLY 5   4   ?   ?   ?   A . n 
A 1 6   THR 6   5   ?   ?   ?   A . n 
A 1 7   GLY 7   6   ?   ?   ?   A . n 
A 1 8   GLU 8   7   ?   ?   ?   A . n 
A 1 9   SER 9   8   ?   ?   ?   A . n 
A 1 10  LYS 10  9   ?   ?   ?   A . n 
A 1 11  CYS 11  10  10  CYS CYS A . n 
A 1 12  PRO 12  11  11  PRO PRO A . n 
A 1 13  LEU 13  12  12  LEU LEU A . n 
A 1 14  MET 14  13  13  MET MET A . n 
A 1 15  VAL 15  14  14  VAL VAL A . n 
A 1 16  LYS 16  15  15  LYS LYS A . n 
A 1 17  VAL 17  16  16  VAL VAL A . n 
A 1 18  LEU 18  17  17  LEU LEU A . n 
A 1 19  ASP 19  18  18  ASP ASP A . n 
A 1 20  ALA 20  19  19  ALA ALA A . n 
A 1 21  VAL 21  20  20  VAL VAL A . n 
A 1 22  ARG 22  21  21  ARG ARG A . n 
A 1 23  GLY 23  22  22  GLY GLY A . n 
A 1 24  SER 24  23  23  SER SER A . n 
A 1 25  PRO 25  24  24  PRO PRO A . n 
A 1 26  ALA 26  25  25  ALA ALA A . n 
A 1 27  ILE 27  26  26  ILE ILE A . n 
A 1 28  ASN 28  27  27  ASN ASN A . n 
A 1 29  VAL 29  28  28  VAL VAL A . n 
A 1 30  ALA 30  29  29  ALA ALA A . n 
A 1 31  VAL 31  30  30  VAL VAL A . n 
A 1 32  HIS 32  31  31  HIS HIS A . n 
A 1 33  VAL 33  32  32  VAL VAL A . n 
A 1 34  PHE 34  33  33  PHE PHE A . n 
A 1 35  ARG 35  34  34  ARG ARG A . n 
A 1 36  LYS 36  35  35  LYS LYS A . n 
A 1 37  ALA 37  36  36  ALA ALA A . n 
A 1 38  ALA 38  37  37  ALA ALA A . n 
A 1 39  ASP 39  38  38  ASP ASP A . n 
A 1 40  ASP 40  39  39  ASP ASP A . n 
A 1 41  THR 41  40  40  THR THR A . n 
A 1 42  TRP 42  41  41  TRP TRP A . n 
A 1 43  GLU 43  42  42  GLU GLU A . n 
A 1 44  PRO 44  43  43  PRO PRO A . n 
A 1 45  PHE 45  44  44  PHE PHE A . n 
A 1 46  ALA 46  45  45  ALA ALA A . n 
A 1 47  SER 47  46  46  SER SER A . n 
A 1 48  GLY 48  47  47  GLY GLY A . n 
A 1 49  LYS 49  48  48  LYS LYS A . n 
A 1 50  THR 50  49  49  THR THR A . n 
A 1 51  SER 51  50  50  SER SER A . n 
A 1 52  GLU 52  51  51  GLU GLU A . n 
A 1 53  SER 53  52  52  SER SER A . n 
A 1 54  GLY 54  53  53  GLY GLY A . n 
A 1 55  GLU 55  54  54  GLU GLU A . n 
A 1 56  LEU 56  55  55  LEU LEU A . n 
A 1 57  HIS 57  56  56  HIS HIS A . n 
A 1 58  GLY 58  57  57  GLY GLY A . n 
A 1 59  LEU 59  58  58  LEU LEU A . n 
A 1 60  THR 60  59  59  THR THR A . n 
A 1 61  THR 61  60  60  THR THR A . n 
A 1 62  GLU 62  61  61  GLU GLU A . n 
A 1 63  GLU 63  62  62  GLU GLU A . n 
A 1 64  GLU 64  63  63  GLU GLU A . n 
A 1 65  PHE 65  64  64  PHE PHE A . n 
A 1 66  VAL 66  65  65  VAL VAL A . n 
A 1 67  GLU 67  66  66  GLU GLU A . n 
A 1 68  GLY 68  67  67  GLY GLY A . n 
A 1 69  ILE 69  68  68  ILE ILE A . n 
A 1 70  TYR 70  69  69  TYR TYR A . n 
A 1 71  LYS 71  70  70  LYS LYS A . n 
A 1 72  VAL 72  71  71  VAL VAL A . n 
A 1 73  GLU 73  72  72  GLU GLU A . n 
A 1 74  ILE 74  73  73  ILE ILE A . n 
A 1 75  ASP 75  74  74  ASP ASP A . n 
A 1 76  THR 76  75  75  THR THR A . n 
A 1 77  LYS 77  76  76  LYS LYS A . n 
A 1 78  SER 78  77  77  SER SER A . n 
A 1 79  TYR 79  78  78  TYR TYR A . n 
A 1 80  TRP 80  79  79  TRP TRP A . n 
A 1 81  LYS 81  80  80  LYS LYS A . n 
A 1 82  ALA 82  81  81  ALA ALA A . n 
A 1 83  LEU 83  82  82  LEU LEU A . n 
A 1 84  GLY 84  83  83  GLY GLY A . n 
A 1 85  ILE 85  84  84  ILE ILE A . n 
A 1 86  SER 86  85  85  SER SER A . n 
A 1 87  PRO 87  86  86  PRO PRO A . n 
A 1 88  PHE 88  87  87  PHE PHE A . n 
A 1 89  HIS 89  88  88  HIS HIS A . n 
A 1 90  GLU 90  89  89  GLU GLU A . n 
A 1 91  HIS 91  90  90  HIS HIS A . n 
A 1 92  ALA 92  91  91  ALA ALA A . n 
A 1 93  GLU 93  92  92  GLU GLU A . n 
A 1 94  VAL 94  93  93  VAL VAL A . n 
A 1 95  VAL 95  94  94  VAL VAL A . n 
A 1 96  PHE 96  95  95  PHE PHE A . n 
A 1 97  THR 97  96  96  THR THR A . n 
A 1 98  ALA 98  97  97  ALA ALA A . n 
A 1 99  ASN 99  98  98  ASN ASN A . n 
A 1 100 ASP 100 99  99  ASP ASP A . n 
A 1 101 SER 101 100 100 SER SER A . n 
A 1 102 GLY 102 101 101 GLY GLY A . n 
A 1 103 PRO 103 102 102 PRO PRO A . n 
A 1 104 ARG 104 103 103 ARG ARG A . n 
A 1 105 ARG 105 104 104 ARG ARG A . n 
A 1 106 TYR 106 105 105 TYR TYR A . n 
A 1 107 THR 107 106 106 THR THR A . n 
A 1 108 ILE 108 107 107 ILE ILE A . n 
A 1 109 ALA 109 108 108 ALA ALA A . n 
A 1 110 ALA 110 109 109 ALA ALA A . n 
A 1 111 LEU 111 110 110 LEU LEU A . n 
A 1 112 LEU 112 111 111 LEU LEU A . n 
A 1 113 SER 113 112 112 SER SER A . n 
A 1 114 PRO 114 113 113 PRO PRO A . n 
A 1 115 TYR 115 114 114 TYR TYR A . n 
A 1 116 SER 116 115 115 SER SER A . n 
A 1 117 TYR 117 116 116 TYR TYR A . n 
A 1 118 SER 118 117 117 SER SER A . n 
A 1 119 THR 119 118 118 THR THR A . n 
A 1 120 THR 120 119 119 THR THR A . n 
A 1 121 ALA 121 120 120 ALA ALA A . n 
A 1 122 VAL 122 121 121 VAL VAL A . n 
A 1 123 ILE 123 122 122 ILE ILE A . n 
A 1 124 THR 124 123 123 THR THR A . n 
A 1 125 ASN 125 124 ?   ?   ?   A . n 
A 1 126 PRO 126 125 ?   ?   ?   A . n 
A 1 127 LYS 127 126 ?   ?   ?   A . n 
A 1 128 GLU 128 127 ?   ?   ?   A . n 
# 
loop_
_pdbx_nonpoly_scheme.asym_id 
_pdbx_nonpoly_scheme.entity_id 
_pdbx_nonpoly_scheme.mon_id 
_pdbx_nonpoly_scheme.ndb_seq_num 
_pdbx_nonpoly_scheme.pdb_seq_num 
_pdbx_nonpoly_scheme.auth_seq_num 
_pdbx_nonpoly_scheme.pdb_mon_id 
_pdbx_nonpoly_scheme.auth_mon_id 
_pdbx_nonpoly_scheme.pdb_strand_id 
_pdbx_nonpoly_scheme.pdb_ins_code 
B 2 TCW 1  1124 1124 TCW TCW A . 
C 3 HOH 1  2001 2001 HOH HOH A . 
C 3 HOH 2  2002 2002 HOH HOH A . 
C 3 HOH 3  2003 2003 HOH HOH A . 
C 3 HOH 4  2004 2004 HOH HOH A . 
C 3 HOH 5  2005 2005 HOH HOH A . 
C 3 HOH 6  2006 2006 HOH HOH A . 
C 3 HOH 7  2007 2007 HOH HOH A . 
C 3 HOH 8  2008 2008 HOH HOH A . 
C 3 HOH 9  2009 2009 HOH HOH A . 
C 3 HOH 10 2010 2010 HOH HOH A . 
C 3 HOH 11 2011 2011 HOH HOH A . 
C 3 HOH 12 2012 2012 HOH HOH A . 
C 3 HOH 13 2013 2013 HOH HOH A . 
C 3 HOH 14 2014 2014 HOH HOH A . 
C 3 HOH 15 2015 2015 HOH HOH A . 
C 3 HOH 16 2016 2016 HOH HOH A . 
C 3 HOH 17 2017 2017 HOH HOH A . 
C 3 HOH 18 2018 2018 HOH HOH A . 
C 3 HOH 19 2019 2019 HOH HOH A . 
C 3 HOH 20 2020 2020 HOH HOH A . 
C 3 HOH 21 2021 2021 HOH HOH A . 
C 3 HOH 22 2022 2022 HOH HOH A . 
C 3 HOH 23 2023 2023 HOH HOH A . 
# 
_software.name             REFMAC 
_software.classification   refinement 
_software.version          5.6.0117 
_software.citation_id      ? 
_software.pdbx_ordinal     1 
_software.date             ? 
_software.type             ? 
_software.location         ? 
_software.language         ? 
# 
_cell.entry_id           5A6I 
_cell.length_a           42.484 
_cell.length_b           62.547 
_cell.length_c           84.684 
_cell.angle_alpha        90.00 
_cell.angle_beta         90.00 
_cell.angle_gamma        90.00 
_cell.Z_PDB              8 
_cell.pdbx_unique_axis   ? 
# 
_symmetry.entry_id                         5A6I 
_symmetry.space_group_name_H-M             'I 2 2 2' 
_symmetry.pdbx_full_space_group_name_H-M   ? 
_symmetry.cell_setting                     ? 
_symmetry.Int_Tables_number                23 
# 
_exptl.entry_id          5A6I 
_exptl.method            'X-RAY DIFFRACTION' 
_exptl.crystals_number   ? 
# 
_exptl_crystal.id                    1 
_exptl_crystal.density_meas          ? 
_exptl_crystal.density_Matthews      2.02 
_exptl_crystal.density_percent_sol   39.12 
_exptl_crystal.description           NONE 
_exptl_crystal.preparation           ? 
# 
_diffrn.id                     1 
_diffrn.ambient_temp           100 
_diffrn.ambient_temp_details   ? 
_diffrn.crystal_id             1 
# 
_diffrn_detector.diffrn_id              1 
_diffrn_detector.detector               PIXEL 
_diffrn_detector.type                   'DECTRIS PILATUS 6M' 
_diffrn_detector.pdbx_collection_date   . 
_diffrn_detector.details                ? 
# 
_diffrn_radiation.diffrn_id                        1 
_diffrn_radiation.wavelength_id                    1 
_diffrn_radiation.pdbx_monochromatic_or_laue_m_l   M 
_diffrn_radiation.monochromator                    ? 
_diffrn_radiation.pdbx_diffrn_protocol             'SINGLE WAVELENGTH' 
_diffrn_radiation.pdbx_scattering_type             x-ray 
# 
_diffrn_radiation_wavelength.id           1 
_diffrn_radiation_wavelength.wavelength   0.9795 
_diffrn_radiation_wavelength.wt           1.0 
# 
_diffrn_source.diffrn_id                   1 
_diffrn_source.source                      SYNCHROTRON 
_diffrn_source.type                        'ALBA BEAMLINE XALOC' 
_diffrn_source.pdbx_synchrotron_site       ALBA 
_diffrn_source.pdbx_synchrotron_beamline   XALOC 
_diffrn_source.pdbx_wavelength             0.9795 
_diffrn_source.pdbx_wavelength_list        ? 
# 
_reflns.pdbx_diffrn_id               1 
_reflns.pdbx_ordinal                 1 
_reflns.entry_id                     5A6I 
_reflns.observed_criterion_sigma_I   1.0 
_reflns.observed_criterion_sigma_F   ? 
_reflns.d_resolution_low             50.00 
_reflns.d_resolution_high            1.86 
_reflns.number_obs                   38169 
_reflns.number_all                   ? 
_reflns.percent_possible_obs         99.3 
_reflns.pdbx_Rmerge_I_obs            0.04 
_reflns.pdbx_Rsym_value              ? 
_reflns.pdbx_netI_over_sigmaI        17.50 
_reflns.B_iso_Wilson_estimate        ? 
_reflns.pdbx_redundancy              3.9 
# 
_reflns_shell.pdbx_diffrn_id         1 
_reflns_shell.pdbx_ordinal           1 
_reflns_shell.d_res_high             1.86 
_reflns_shell.d_res_low              1.87 
_reflns_shell.percent_possible_all   100.0 
_reflns_shell.Rmerge_I_obs           0.47 
_reflns_shell.pdbx_Rsym_value        ? 
_reflns_shell.meanI_over_sigI_obs    2.40 
_reflns_shell.pdbx_redundancy        3.9 
# 
_refine.pdbx_refine_id                           'X-RAY DIFFRACTION' 
_refine.entry_id                                 5A6I 
_refine.pdbx_diffrn_id                           1 
_refine.pdbx_TLS_residual_ADP_flag               ? 
_refine.ls_number_reflns_obs                     9250 
_refine.ls_number_reflns_all                     ? 
_refine.pdbx_ls_sigma_I                          ? 
_refine.pdbx_ls_sigma_F                          . 
_refine.pdbx_data_cutoff_high_absF               ? 
_refine.pdbx_data_cutoff_low_absF                ? 
_refine.pdbx_data_cutoff_high_rms_absF           ? 
_refine.ls_d_res_low                             50.31 
_refine.ls_d_res_high                            1.86 
_refine.ls_percent_reflns_obs                    99.27 
_refine.ls_R_factor_obs                          0.20066 
_refine.ls_R_factor_all                          ? 
_refine.ls_R_factor_R_work                       0.19702 
_refine.ls_R_factor_R_free                       0.27084 
_refine.ls_R_factor_R_free_error                 ? 
_refine.ls_R_factor_R_free_error_details         ? 
_refine.ls_percent_reflns_R_free                 5.1 
_refine.ls_number_reflns_R_free                  493 
_refine.ls_number_parameters                     ? 
_refine.ls_number_restraints                     ? 
_refine.occupancy_min                            ? 
_refine.occupancy_max                            ? 
_refine.correlation_coeff_Fo_to_Fc               0.961 
_refine.correlation_coeff_Fo_to_Fc_free          0.942 
_refine.B_iso_mean                               40.446 
_refine.aniso_B[1][1]                            -1.59 
_refine.aniso_B[2][2]                            2.03 
_refine.aniso_B[3][3]                            -0.44 
_refine.aniso_B[1][2]                            0.00 
_refine.aniso_B[1][3]                            0.00 
_refine.aniso_B[2][3]                            0.00 
_refine.solvent_model_details                    MASK 
_refine.solvent_model_param_ksol                 ? 
_refine.solvent_model_param_bsol                 ? 
_refine.pdbx_solvent_vdw_probe_radii             1.20 
_refine.pdbx_solvent_ion_probe_radii             0.80 
_refine.pdbx_solvent_shrinkage_radii             0.80 
_refine.pdbx_ls_cross_valid_method               THROUGHOUT 
_refine.details                                  'HYDROGENS HAVE BEEN ADDED IN THE RIDING POSITIONS. U VALUES WITH TLS ADDED' 
_refine.pdbx_starting_model                      ? 
_refine.pdbx_method_to_determine_struct          'MOLECULAR REPLACEMENT' 
_refine.pdbx_isotropic_thermal_model             ? 
_refine.pdbx_stereochemistry_target_values       'MAXIMUM LIKELIHOOD' 
_refine.pdbx_stereochem_target_val_spec_case     ? 
_refine.pdbx_R_Free_selection_details            RANDOM 
_refine.pdbx_overall_ESU_R                       0.413 
_refine.pdbx_overall_ESU_R_Free                  0.164 
_refine.overall_SU_ML                            0.132 
_refine.pdbx_overall_phase_error                 ? 
_refine.overall_SU_B                             10.079 
_refine.overall_SU_R_Cruickshank_DPI             ? 
_refine.pdbx_overall_SU_R_free_Cruickshank_DPI   ? 
_refine.pdbx_overall_SU_R_Blow_DPI               ? 
_refine.pdbx_overall_SU_R_free_Blow_DPI          ? 
# 
_refine_hist.pdbx_refine_id                   'X-RAY DIFFRACTION' 
_refine_hist.cycle_id                         LAST 
_refine_hist.pdbx_number_atoms_protein        882 
_refine_hist.pdbx_number_atoms_nucleic_acid   0 
_refine_hist.pdbx_number_atoms_ligand         20 
_refine_hist.number_atoms_solvent             23 
_refine_hist.number_atoms_total               925 
_refine_hist.d_res_high                       1.86 
_refine_hist.d_res_low                        50.31 
# 
loop_
_refine_ls_restr.type 
_refine_ls_restr.dev_ideal 
_refine_ls_restr.dev_ideal_target 
_refine_ls_restr.weight 
_refine_ls_restr.number 
_refine_ls_restr.pdbx_refine_id 
_refine_ls_restr.pdbx_restraint_function 
r_bond_refined_d             0.016  0.019  ? 946  'X-RAY DIFFRACTION' ? 
r_bond_other_d               ?      ?      ? ?    'X-RAY DIFFRACTION' ? 
r_angle_refined_deg          1.810  1.952  ? 1295 'X-RAY DIFFRACTION' ? 
r_angle_other_deg            ?      ?      ? ?    'X-RAY DIFFRACTION' ? 
r_dihedral_angle_1_deg       6.811  5.000  ? 119  'X-RAY DIFFRACTION' ? 
r_dihedral_angle_2_deg       35.813 23.514 ? 37   'X-RAY DIFFRACTION' ? 
r_dihedral_angle_3_deg       16.251 15.000 ? 145  'X-RAY DIFFRACTION' ? 
r_dihedral_angle_4_deg       21.868 15.000 ? 4    'X-RAY DIFFRACTION' ? 
r_chiral_restr               0.123  0.200  ? 144  'X-RAY DIFFRACTION' ? 
r_gen_planes_refined         0.010  0.021  ? 729  'X-RAY DIFFRACTION' ? 
r_gen_planes_other           ?      ?      ? ?    'X-RAY DIFFRACTION' ? 
r_nbd_refined                ?      ?      ? ?    'X-RAY DIFFRACTION' ? 
r_nbd_other                  ?      ?      ? ?    'X-RAY DIFFRACTION' ? 
r_nbtor_refined              ?      ?      ? ?    'X-RAY DIFFRACTION' ? 
r_nbtor_other                ?      ?      ? ?    'X-RAY DIFFRACTION' ? 
r_xyhbond_nbd_refined        ?      ?      ? ?    'X-RAY DIFFRACTION' ? 
r_xyhbond_nbd_other          ?      ?      ? ?    'X-RAY DIFFRACTION' ? 
r_metal_ion_refined          ?      ?      ? ?    'X-RAY DIFFRACTION' ? 
r_metal_ion_other            ?      ?      ? ?    'X-RAY DIFFRACTION' ? 
r_symmetry_vdw_refined       ?      ?      ? ?    'X-RAY DIFFRACTION' ? 
r_symmetry_vdw_other         ?      ?      ? ?    'X-RAY DIFFRACTION' ? 
r_symmetry_hbond_refined     ?      ?      ? ?    'X-RAY DIFFRACTION' ? 
r_symmetry_hbond_other       ?      ?      ? ?    'X-RAY DIFFRACTION' ? 
r_symmetry_metal_ion_refined ?      ?      ? ?    'X-RAY DIFFRACTION' ? 
r_symmetry_metal_ion_other   ?      ?      ? ?    'X-RAY DIFFRACTION' ? 
r_mcbond_it                  ?      ?      ? ?    'X-RAY DIFFRACTION' ? 
r_mcbond_other               ?      ?      ? ?    'X-RAY DIFFRACTION' ? 
r_mcangle_it                 ?      ?      ? ?    'X-RAY DIFFRACTION' ? 
r_mcangle_other              ?      ?      ? ?    'X-RAY DIFFRACTION' ? 
r_scbond_it                  ?      ?      ? ?    'X-RAY DIFFRACTION' ? 
r_scbond_other               ?      ?      ? ?    'X-RAY DIFFRACTION' ? 
r_scangle_it                 ?      ?      ? ?    'X-RAY DIFFRACTION' ? 
r_scangle_other              ?      ?      ? ?    'X-RAY DIFFRACTION' ? 
r_long_range_B_refined       ?      ?      ? ?    'X-RAY DIFFRACTION' ? 
r_long_range_B_other         ?      ?      ? ?    'X-RAY DIFFRACTION' ? 
r_rigid_bond_restr           6.920  3.000  ? 946  'X-RAY DIFFRACTION' ? 
r_sphericity_free            24.397 5.000  ? 9    'X-RAY DIFFRACTION' ? 
r_sphericity_bonded          13.831 5.000  ? 933  'X-RAY DIFFRACTION' ? 
# 
_refine_ls_shell.pdbx_refine_id                   'X-RAY DIFFRACTION' 
_refine_ls_shell.pdbx_total_number_of_bins_used   20 
_refine_ls_shell.d_res_high                       1.862 
_refine_ls_shell.d_res_low                        1.910 
_refine_ls_shell.number_reflns_R_work             616 
_refine_ls_shell.R_factor_R_work                  0.245 
_refine_ls_shell.percent_reflns_obs               99.54 
_refine_ls_shell.R_factor_R_free                  0.387 
_refine_ls_shell.R_factor_R_free_error            ? 
_refine_ls_shell.percent_reflns_R_free            ? 
_refine_ls_shell.number_reflns_R_free             33 
_refine_ls_shell.number_reflns_all                ? 
_refine_ls_shell.R_factor_all                     ? 
# 
_struct.entry_id                  5A6I 
_struct.title                     'V122I Transthyretin structure in complex with Tolcalpone' 
_struct.pdbx_model_details        ? 
_struct.pdbx_CASP_flag            ? 
_struct.pdbx_model_type_details   ? 
# 
_struct_keywords.entry_id        5A6I 
_struct_keywords.pdbx_keywords   'TRANSPORT PROTEIN' 
_struct_keywords.text            'TRANSPORT PROTEIN, TRANSPROT PROTEIN, TRANSTHYRETIN, AMYLOID' 
# 
loop_
_struct_asym.id 
_struct_asym.pdbx_blank_PDB_chainid_flag 
_struct_asym.pdbx_modified 
_struct_asym.entity_id 
_struct_asym.details 
A N N 1 ? 
B N N 2 ? 
C N N 3 ? 
# 
_struct_ref.id                         1 
_struct_ref.db_name                    UNP 
_struct_ref.db_code                    TTHY_HUMAN 
_struct_ref.entity_id                  1 
_struct_ref.pdbx_seq_one_letter_code   ? 
_struct_ref.pdbx_align_begin           ? 
_struct_ref.pdbx_db_accession          P02766 
_struct_ref.pdbx_db_isoform            ? 
# 
_struct_ref_seq.align_id                      1 
_struct_ref_seq.ref_id                        1 
_struct_ref_seq.pdbx_PDB_id_code              5A6I 
_struct_ref_seq.pdbx_strand_id                A 
_struct_ref_seq.seq_align_beg                 2 
_struct_ref_seq.pdbx_seq_align_beg_ins_code   ? 
_struct_ref_seq.seq_align_end                 128 
_struct_ref_seq.pdbx_seq_align_end_ins_code   ? 
_struct_ref_seq.pdbx_db_accession             P02766 
_struct_ref_seq.db_align_beg                  21 
_struct_ref_seq.pdbx_db_align_beg_ins_code    ? 
_struct_ref_seq.db_align_end                  147 
_struct_ref_seq.pdbx_db_align_end_ins_code    ? 
_struct_ref_seq.pdbx_auth_seq_align_beg       1 
_struct_ref_seq.pdbx_auth_seq_align_end       127 
# 
loop_
_struct_ref_seq_dif.align_id 
_struct_ref_seq_dif.pdbx_pdb_id_code 
_struct_ref_seq_dif.mon_id 
_struct_ref_seq_dif.pdbx_pdb_strand_id 
_struct_ref_seq_dif.seq_num 
_struct_ref_seq_dif.pdbx_pdb_ins_code 
_struct_ref_seq_dif.pdbx_seq_db_name 
_struct_ref_seq_dif.pdbx_seq_db_accession_code 
_struct_ref_seq_dif.db_mon_id 
_struct_ref_seq_dif.pdbx_seq_db_seq_num 
_struct_ref_seq_dif.details 
_struct_ref_seq_dif.pdbx_auth_seq_num 
_struct_ref_seq_dif.pdbx_ordinal 
1 5A6I MET A 1   ? UNP P02766 ?   ?   'expression tag'      0   1 
1 5A6I ILE A 123 ? UNP P02766 VAL 142 'engineered mutation' 122 2 
# 
_pdbx_struct_assembly.id                   1 
_pdbx_struct_assembly.details              author_and_software_defined_assembly 
_pdbx_struct_assembly.method_details       PISA 
_pdbx_struct_assembly.oligomeric_details   tetrameric 
_pdbx_struct_assembly.oligomeric_count     4 
# 
loop_
_pdbx_struct_assembly_prop.biol_id 
_pdbx_struct_assembly_prop.type 
_pdbx_struct_assembly_prop.value 
_pdbx_struct_assembly_prop.details 
1 'ABSA (A^2)' 6180  ? 
1 MORE         -43.0 ? 
1 'SSA (A^2)'  19040 ? 
# 
_pdbx_struct_assembly_gen.assembly_id       1 
_pdbx_struct_assembly_gen.oper_expression   1,2,3,4 
_pdbx_struct_assembly_gen.asym_id_list      A,B,C 
# 
loop_
_pdbx_struct_oper_list.id 
_pdbx_struct_oper_list.type 
_pdbx_struct_oper_list.name 
_pdbx_struct_oper_list.symmetry_operation 
_pdbx_struct_oper_list.matrix[1][1] 
_pdbx_struct_oper_list.matrix[1][2] 
_pdbx_struct_oper_list.matrix[1][3] 
_pdbx_struct_oper_list.vector[1] 
_pdbx_struct_oper_list.matrix[2][1] 
_pdbx_struct_oper_list.matrix[2][2] 
_pdbx_struct_oper_list.matrix[2][3] 
_pdbx_struct_oper_list.vector[2] 
_pdbx_struct_oper_list.matrix[3][1] 
_pdbx_struct_oper_list.matrix[3][2] 
_pdbx_struct_oper_list.matrix[3][3] 
_pdbx_struct_oper_list.vector[3] 
1 'identity operation'         1_555 x,y,z       1.0000000000  0.0000000000  0.0000000000  0.0000000000  0.0000000000  1.0000000000  0.0000000000  0.0000000000   0.0000000000  0.0000000000  1.0000000000  0.0000000000   
2 'crystal symmetry operation' 4_567 x,-y+1,-z+2 -0.5430217082 0.8067580776  -0.2329567098 14.8354588644 0.8067580776  0.4242658950  -0.4112661602 -15.2716019983 -0.2329567098 -0.4112661602 -0.8812441868 -23.7855592314 
3 'crystal symmetry operation' 3_557 -x,y,-z+2   0.5232470081  -0.8512354156 0.0401352180  -1.1790002163 -0.8512354156 -0.5243045094 -0.0224287452 -3.2841777406  0.0401352180  -0.0224287452 -0.9989424987 -24.9082950505 
4 'crystal symmetry operation' 2_565 -x,-y+1,z   -0.9802253000 0.0444773380  0.1928214918  18.6286991175 0.0444773380  -0.8999613855 0.4336949054  -7.3721956917  0.1928214918  0.4336949054  0.8801866855  -0.2099418343   
# 
_struct_conf.conf_type_id            HELX_P 
_struct_conf.id                      HELX_P1 
_struct_conf.pdbx_PDB_helix_id       1 
_struct_conf.beg_label_comp_id       THR 
_struct_conf.beg_label_asym_id       A 
_struct_conf.beg_label_seq_id        76 
_struct_conf.pdbx_beg_PDB_ins_code   ? 
_struct_conf.end_label_comp_id       LEU 
_struct_conf.end_label_asym_id       A 
_struct_conf.end_label_seq_id        83 
_struct_conf.pdbx_end_PDB_ins_code   ? 
_struct_conf.beg_auth_comp_id        THR 
_struct_conf.beg_auth_asym_id        A 
_struct_conf.beg_auth_seq_id         75 
_struct_conf.end_auth_comp_id        LEU 
_struct_conf.end_auth_asym_id        A 
_struct_conf.end_auth_seq_id         82 
_struct_conf.pdbx_PDB_helix_class    1 
_struct_conf.details                 ? 
_struct_conf.pdbx_PDB_helix_length   8 
# 
_struct_conf_type.id          HELX_P 
_struct_conf_type.criteria    ? 
_struct_conf_type.reference   ? 
# 
loop_
_struct_sheet.id 
_struct_sheet.type 
_struct_sheet.number_strands 
_struct_sheet.details 
AA ? 2 ? 
AB ? 2 ? 
AC ? 4 ? 
AD ? 4 ? 
AE ? 4 ? 
# 
loop_
_struct_sheet_order.sheet_id 
_struct_sheet_order.range_id_1 
_struct_sheet_order.range_id_2 
_struct_sheet_order.offset 
_struct_sheet_order.sense 
AA 1 2 ? anti-parallel 
AB 1 2 ? anti-parallel 
AC 1 2 ? anti-parallel 
AC 2 3 ? parallel      
AC 3 4 ? anti-parallel 
AD 1 2 ? anti-parallel 
AD 2 3 ? parallel      
AD 3 4 ? anti-parallel 
AE 1 2 ? anti-parallel 
AE 2 3 ? anti-parallel 
AE 3 4 ? anti-parallel 
# 
loop_
_struct_sheet_range.sheet_id 
_struct_sheet_range.id 
_struct_sheet_range.beg_label_comp_id 
_struct_sheet_range.beg_label_asym_id 
_struct_sheet_range.beg_label_seq_id 
_struct_sheet_range.pdbx_beg_PDB_ins_code 
_struct_sheet_range.end_label_comp_id 
_struct_sheet_range.end_label_asym_id 
_struct_sheet_range.end_label_seq_id 
_struct_sheet_range.pdbx_end_PDB_ins_code 
_struct_sheet_range.beg_auth_comp_id 
_struct_sheet_range.beg_auth_asym_id 
_struct_sheet_range.beg_auth_seq_id 
_struct_sheet_range.end_auth_comp_id 
_struct_sheet_range.end_auth_asym_id 
_struct_sheet_range.end_auth_seq_id 
AA 1 SER A 24  ? PRO A 25  ? SER A 23  PRO A 24  
AA 2 LEU A 13  ? ASP A 19  ? LEU A 12  ASP A 18  
AB 1 GLU A 55  ? LEU A 56  ? GLU A 54  LEU A 55  
AB 2 LEU A 13  ? ASP A 19  ? LEU A 12  ASP A 18  
AC 1 TYR A 117 ? THR A 124 ? TYR A 116 THR A 123 
AC 2 ARG A 105 ? LEU A 112 ? ARG A 104 LEU A 111 
AC 3 LEU A 13  ? ASP A 19  ? LEU A 12  ASP A 18  
AC 4 SER A 24  ? PRO A 25  ? SER A 23  PRO A 24  
AD 1 TYR A 117 ? THR A 124 ? TYR A 116 THR A 123 
AD 2 ARG A 105 ? LEU A 112 ? ARG A 104 LEU A 111 
AD 3 LEU A 13  ? ASP A 19  ? LEU A 12  ASP A 18  
AD 4 GLU A 55  ? LEU A 56  ? GLU A 54  LEU A 55  
AE 1 TRP A 42  ? LYS A 49  ? TRP A 41  LYS A 48  
AE 2 ALA A 30  ? LYS A 36  ? ALA A 29  LYS A 35  
AE 3 GLY A 68  ? ASP A 75  ? GLY A 67  ASP A 74  
AE 4 ALA A 92  ? ALA A 98  ? ALA A 91  ALA A 97  
# 
loop_
_pdbx_struct_sheet_hbond.sheet_id 
_pdbx_struct_sheet_hbond.range_id_1 
_pdbx_struct_sheet_hbond.range_id_2 
_pdbx_struct_sheet_hbond.range_1_label_atom_id 
_pdbx_struct_sheet_hbond.range_1_label_comp_id 
_pdbx_struct_sheet_hbond.range_1_label_asym_id 
_pdbx_struct_sheet_hbond.range_1_label_seq_id 
_pdbx_struct_sheet_hbond.range_1_PDB_ins_code 
_pdbx_struct_sheet_hbond.range_1_auth_atom_id 
_pdbx_struct_sheet_hbond.range_1_auth_comp_id 
_pdbx_struct_sheet_hbond.range_1_auth_asym_id 
_pdbx_struct_sheet_hbond.range_1_auth_seq_id 
_pdbx_struct_sheet_hbond.range_2_label_atom_id 
_pdbx_struct_sheet_hbond.range_2_label_comp_id 
_pdbx_struct_sheet_hbond.range_2_label_asym_id 
_pdbx_struct_sheet_hbond.range_2_label_seq_id 
_pdbx_struct_sheet_hbond.range_2_PDB_ins_code 
_pdbx_struct_sheet_hbond.range_2_auth_atom_id 
_pdbx_struct_sheet_hbond.range_2_auth_comp_id 
_pdbx_struct_sheet_hbond.range_2_auth_asym_id 
_pdbx_struct_sheet_hbond.range_2_auth_seq_id 
AA 1 2 O SER A 24  ? O SER A 23  N ASP A 19  ? N ASP A 18  
AB 1 2 N LEU A 56  ? N LEU A 55  O VAL A 15  ? O VAL A 14  
AC 1 2 N THR A 124 ? N THR A 123 O ARG A 105 ? O ARG A 104 
AC 2 3 N ILE A 108 ? N ILE A 107 O MET A 14  ? O MET A 13  
AC 3 4 N ASP A 19  ? N ASP A 18  O SER A 24  ? O SER A 23  
AD 1 2 N THR A 124 ? N THR A 123 O ARG A 105 ? O ARG A 104 
AD 2 3 N ILE A 108 ? N ILE A 107 O MET A 14  ? O MET A 13  
AD 3 4 N VAL A 15  ? N VAL A 14  O LEU A 56  ? O LEU A 55  
AE 1 2 N GLY A 48  ? N GLY A 47  O VAL A 31  ? O VAL A 30  
AE 2 3 N LYS A 36  ? N LYS A 35  O ILE A 69  ? O ILE A 68  
AE 3 4 N ILE A 74  ? N ILE A 73  O ALA A 92  ? O ALA A 91  
# 
_struct_site.id                   AC1 
_struct_site.pdbx_evidence_code   Software 
_struct_site.pdbx_auth_asym_id    A 
_struct_site.pdbx_auth_comp_id    TCW 
_struct_site.pdbx_auth_seq_id     1124 
_struct_site.pdbx_auth_ins_code   ? 
_struct_site.pdbx_num_residues    10 
_struct_site.details              'BINDING SITE FOR RESIDUE TCW A 1124' 
# 
loop_
_struct_site_gen.id 
_struct_site_gen.site_id 
_struct_site_gen.pdbx_num_res 
_struct_site_gen.label_comp_id 
_struct_site_gen.label_asym_id 
_struct_site_gen.label_seq_id 
_struct_site_gen.pdbx_auth_ins_code 
_struct_site_gen.auth_comp_id 
_struct_site_gen.auth_asym_id 
_struct_site_gen.auth_seq_id 
_struct_site_gen.label_atom_id 
_struct_site_gen.label_alt_id 
_struct_site_gen.symmetry 
_struct_site_gen.details 
1  AC1 10 LYS A 16  ? LYS A 15  . ? 1_555 ? 
2  AC1 10 LYS A 16  ? LYS A 15  . ? 3_557 ? 
3  AC1 10 LEU A 18  ? LEU A 17  . ? 1_555 ? 
4  AC1 10 LEU A 18  ? LEU A 17  . ? 3_557 ? 
5  AC1 10 ALA A 109 ? ALA A 108 . ? 3_557 ? 
6  AC1 10 ALA A 109 ? ALA A 108 . ? 1_555 ? 
7  AC1 10 SER A 118 ? SER A 117 . ? 1_555 ? 
8  AC1 10 THR A 119 ? THR A 118 . ? 1_555 ? 
9  AC1 10 THR A 120 ? THR A 119 . ? 3_557 ? 
10 AC1 10 VAL A 122 ? VAL A 121 . ? 1_555 ? 
# 
loop_
_pdbx_validate_torsion.id 
_pdbx_validate_torsion.PDB_model_num 
_pdbx_validate_torsion.auth_comp_id 
_pdbx_validate_torsion.auth_asym_id 
_pdbx_validate_torsion.auth_seq_id 
_pdbx_validate_torsion.PDB_ins_code 
_pdbx_validate_torsion.label_alt_id 
_pdbx_validate_torsion.phi 
_pdbx_validate_torsion.psi 
1 1 PRO A 86 ? ? -86.38 -157.50 
2 1 ASN A 98 ? ? 47.31  18.96   
# 
_pdbx_struct_special_symmetry.id              1 
_pdbx_struct_special_symmetry.PDB_model_num   1 
_pdbx_struct_special_symmetry.auth_asym_id    A 
_pdbx_struct_special_symmetry.auth_comp_id    TCW 
_pdbx_struct_special_symmetry.auth_seq_id     1124 
_pdbx_struct_special_symmetry.PDB_ins_code    ? 
_pdbx_struct_special_symmetry.label_asym_id   B 
_pdbx_struct_special_symmetry.label_comp_id   TCW 
_pdbx_struct_special_symmetry.label_seq_id    . 
# 
_pdbx_refine_tls.pdbx_refine_id   'X-RAY DIFFRACTION' 
_pdbx_refine_tls.id               1 
_pdbx_refine_tls.details          ? 
_pdbx_refine_tls.method           refined 
_pdbx_refine_tls.origin_x         0.2423 
_pdbx_refine_tls.origin_y         0.1301 
_pdbx_refine_tls.origin_z         0.4401 
_pdbx_refine_tls.T[1][1]          0.0606 
_pdbx_refine_tls.T[2][2]          0.0454 
_pdbx_refine_tls.T[3][3]          0.0677 
_pdbx_refine_tls.T[1][2]          0.0105 
_pdbx_refine_tls.T[1][3]          0.0372 
_pdbx_refine_tls.T[2][3]          0.0240 
_pdbx_refine_tls.L[1][1]          2.2193 
_pdbx_refine_tls.L[2][2]          6.8190 
_pdbx_refine_tls.L[3][3]          5.3125 
_pdbx_refine_tls.L[1][2]          0.7087 
_pdbx_refine_tls.L[1][3]          0.1943 
_pdbx_refine_tls.L[2][3]          3.7856 
_pdbx_refine_tls.S[1][1]          0.1528 
_pdbx_refine_tls.S[1][2]          -0.1274 
_pdbx_refine_tls.S[1][3]          0.0898 
_pdbx_refine_tls.S[2][1]          0.4918 
_pdbx_refine_tls.S[2][2]          0.0133 
_pdbx_refine_tls.S[2][3]          -0.0228 
_pdbx_refine_tls.S[3][1]          0.2531 
_pdbx_refine_tls.S[3][2]          -0.1070 
_pdbx_refine_tls.S[3][3]          -0.1661 
# 
_pdbx_refine_tls_group.pdbx_refine_id      'X-RAY DIFFRACTION' 
_pdbx_refine_tls_group.id                  1 
_pdbx_refine_tls_group.refine_tls_id       1 
_pdbx_refine_tls_group.beg_auth_asym_id    A 
_pdbx_refine_tls_group.beg_auth_seq_id     10 
_pdbx_refine_tls_group.beg_label_asym_id   ? 
_pdbx_refine_tls_group.beg_label_seq_id    ? 
_pdbx_refine_tls_group.end_auth_asym_id    A 
_pdbx_refine_tls_group.end_auth_seq_id     123 
_pdbx_refine_tls_group.end_label_asym_id   ? 
_pdbx_refine_tls_group.end_label_seq_id    ? 
_pdbx_refine_tls_group.selection           ? 
_pdbx_refine_tls_group.selection_details   ? 
# 
loop_
_pdbx_unobs_or_zero_occ_residues.id 
_pdbx_unobs_or_zero_occ_residues.PDB_model_num 
_pdbx_unobs_or_zero_occ_residues.polymer_flag 
_pdbx_unobs_or_zero_occ_residues.occupancy_flag 
_pdbx_unobs_or_zero_occ_residues.auth_asym_id 
_pdbx_unobs_or_zero_occ_residues.auth_comp_id 
_pdbx_unobs_or_zero_occ_residues.auth_seq_id 
_pdbx_unobs_or_zero_occ_residues.PDB_ins_code 
_pdbx_unobs_or_zero_occ_residues.label_asym_id 
_pdbx_unobs_or_zero_occ_residues.label_comp_id 
_pdbx_unobs_or_zero_occ_residues.label_seq_id 
1  1 Y 1 A MET 0   ? A MET 1   
2  1 Y 1 A GLY 1   ? A GLY 2   
3  1 Y 1 A PRO 2   ? A PRO 3   
4  1 Y 1 A THR 3   ? A THR 4   
5  1 Y 1 A GLY 4   ? A GLY 5   
6  1 Y 1 A THR 5   ? A THR 6   
7  1 Y 1 A GLY 6   ? A GLY 7   
8  1 Y 1 A GLU 7   ? A GLU 8   
9  1 Y 1 A SER 8   ? A SER 9   
10 1 Y 1 A LYS 9   ? A LYS 10  
11 1 Y 1 A ASN 124 ? A ASN 125 
12 1 Y 1 A PRO 125 ? A PRO 126 
13 1 Y 1 A LYS 126 ? A LYS 127 
14 1 Y 1 A GLU 127 ? A GLU 128 
# 
loop_
_chem_comp_atom.comp_id 
_chem_comp_atom.atom_id 
_chem_comp_atom.type_symbol 
_chem_comp_atom.pdbx_aromatic_flag 
_chem_comp_atom.pdbx_stereo_config 
_chem_comp_atom.pdbx_ordinal 
ALA N    N N N 1   
ALA CA   C N S 2   
ALA C    C N N 3   
ALA O    O N N 4   
ALA CB   C N N 5   
ALA OXT  O N N 6   
ALA H    H N N 7   
ALA H2   H N N 8   
ALA HA   H N N 9   
ALA HB1  H N N 10  
ALA HB2  H N N 11  
ALA HB3  H N N 12  
ALA HXT  H N N 13  
ARG N    N N N 14  
ARG CA   C N S 15  
ARG C    C N N 16  
ARG O    O N N 17  
ARG CB   C N N 18  
ARG CG   C N N 19  
ARG CD   C N N 20  
ARG NE   N N N 21  
ARG CZ   C N N 22  
ARG NH1  N N N 23  
ARG NH2  N N N 24  
ARG OXT  O N N 25  
ARG H    H N N 26  
ARG H2   H N N 27  
ARG HA   H N N 28  
ARG HB2  H N N 29  
ARG HB3  H N N 30  
ARG HG2  H N N 31  
ARG HG3  H N N 32  
ARG HD2  H N N 33  
ARG HD3  H N N 34  
ARG HE   H N N 35  
ARG HH11 H N N 36  
ARG HH12 H N N 37  
ARG HH21 H N N 38  
ARG HH22 H N N 39  
ARG HXT  H N N 40  
ASN N    N N N 41  
ASN CA   C N S 42  
ASN C    C N N 43  
ASN O    O N N 44  
ASN CB   C N N 45  
ASN CG   C N N 46  
ASN OD1  O N N 47  
ASN ND2  N N N 48  
ASN OXT  O N N 49  
ASN H    H N N 50  
ASN H2   H N N 51  
ASN HA   H N N 52  
ASN HB2  H N N 53  
ASN HB3  H N N 54  
ASN HD21 H N N 55  
ASN HD22 H N N 56  
ASN HXT  H N N 57  
ASP N    N N N 58  
ASP CA   C N S 59  
ASP C    C N N 60  
ASP O    O N N 61  
ASP CB   C N N 62  
ASP CG   C N N 63  
ASP OD1  O N N 64  
ASP OD2  O N N 65  
ASP OXT  O N N 66  
ASP H    H N N 67  
ASP H2   H N N 68  
ASP HA   H N N 69  
ASP HB2  H N N 70  
ASP HB3  H N N 71  
ASP HD2  H N N 72  
ASP HXT  H N N 73  
CYS N    N N N 74  
CYS CA   C N R 75  
CYS C    C N N 76  
CYS O    O N N 77  
CYS CB   C N N 78  
CYS SG   S N N 79  
CYS OXT  O N N 80  
CYS H    H N N 81  
CYS H2   H N N 82  
CYS HA   H N N 83  
CYS HB2  H N N 84  
CYS HB3  H N N 85  
CYS HG   H N N 86  
CYS HXT  H N N 87  
GLU N    N N N 88  
GLU CA   C N S 89  
GLU C    C N N 90  
GLU O    O N N 91  
GLU CB   C N N 92  
GLU CG   C N N 93  
GLU CD   C N N 94  
GLU OE1  O N N 95  
GLU OE2  O N N 96  
GLU OXT  O N N 97  
GLU H    H N N 98  
GLU H2   H N N 99  
GLU HA   H N N 100 
GLU HB2  H N N 101 
GLU HB3  H N N 102 
GLU HG2  H N N 103 
GLU HG3  H N N 104 
GLU HE2  H N N 105 
GLU HXT  H N N 106 
GLY N    N N N 107 
GLY CA   C N N 108 
GLY C    C N N 109 
GLY O    O N N 110 
GLY OXT  O N N 111 
GLY H    H N N 112 
GLY H2   H N N 113 
GLY HA2  H N N 114 
GLY HA3  H N N 115 
GLY HXT  H N N 116 
HIS N    N N N 117 
HIS CA   C N S 118 
HIS C    C N N 119 
HIS O    O N N 120 
HIS CB   C N N 121 
HIS CG   C Y N 122 
HIS ND1  N Y N 123 
HIS CD2  C Y N 124 
HIS CE1  C Y N 125 
HIS NE2  N Y N 126 
HIS OXT  O N N 127 
HIS H    H N N 128 
HIS H2   H N N 129 
HIS HA   H N N 130 
HIS HB2  H N N 131 
HIS HB3  H N N 132 
HIS HD1  H N N 133 
HIS HD2  H N N 134 
HIS HE1  H N N 135 
HIS HE2  H N N 136 
HIS HXT  H N N 137 
HOH O    O N N 138 
HOH H1   H N N 139 
HOH H2   H N N 140 
ILE N    N N N 141 
ILE CA   C N S 142 
ILE C    C N N 143 
ILE O    O N N 144 
ILE CB   C N S 145 
ILE CG1  C N N 146 
ILE CG2  C N N 147 
ILE CD1  C N N 148 
ILE OXT  O N N 149 
ILE H    H N N 150 
ILE H2   H N N 151 
ILE HA   H N N 152 
ILE HB   H N N 153 
ILE HG12 H N N 154 
ILE HG13 H N N 155 
ILE HG21 H N N 156 
ILE HG22 H N N 157 
ILE HG23 H N N 158 
ILE HD11 H N N 159 
ILE HD12 H N N 160 
ILE HD13 H N N 161 
ILE HXT  H N N 162 
LEU N    N N N 163 
LEU CA   C N S 164 
LEU C    C N N 165 
LEU O    O N N 166 
LEU CB   C N N 167 
LEU CG   C N N 168 
LEU CD1  C N N 169 
LEU CD2  C N N 170 
LEU OXT  O N N 171 
LEU H    H N N 172 
LEU H2   H N N 173 
LEU HA   H N N 174 
LEU HB2  H N N 175 
LEU HB3  H N N 176 
LEU HG   H N N 177 
LEU HD11 H N N 178 
LEU HD12 H N N 179 
LEU HD13 H N N 180 
LEU HD21 H N N 181 
LEU HD22 H N N 182 
LEU HD23 H N N 183 
LEU HXT  H N N 184 
LYS N    N N N 185 
LYS CA   C N S 186 
LYS C    C N N 187 
LYS O    O N N 188 
LYS CB   C N N 189 
LYS CG   C N N 190 
LYS CD   C N N 191 
LYS CE   C N N 192 
LYS NZ   N N N 193 
LYS OXT  O N N 194 
LYS H    H N N 195 
LYS H2   H N N 196 
LYS HA   H N N 197 
LYS HB2  H N N 198 
LYS HB3  H N N 199 
LYS HG2  H N N 200 
LYS HG3  H N N 201 
LYS HD2  H N N 202 
LYS HD3  H N N 203 
LYS HE2  H N N 204 
LYS HE3  H N N 205 
LYS HZ1  H N N 206 
LYS HZ2  H N N 207 
LYS HZ3  H N N 208 
LYS HXT  H N N 209 
MET N    N N N 210 
MET CA   C N S 211 
MET C    C N N 212 
MET O    O N N 213 
MET CB   C N N 214 
MET CG   C N N 215 
MET SD   S N N 216 
MET CE   C N N 217 
MET OXT  O N N 218 
MET H    H N N 219 
MET H2   H N N 220 
MET HA   H N N 221 
MET HB2  H N N 222 
MET HB3  H N N 223 
MET HG2  H N N 224 
MET HG3  H N N 225 
MET HE1  H N N 226 
MET HE2  H N N 227 
MET HE3  H N N 228 
MET HXT  H N N 229 
PHE N    N N N 230 
PHE CA   C N S 231 
PHE C    C N N 232 
PHE O    O N N 233 
PHE CB   C N N 234 
PHE CG   C Y N 235 
PHE CD1  C Y N 236 
PHE CD2  C Y N 237 
PHE CE1  C Y N 238 
PHE CE2  C Y N 239 
PHE CZ   C Y N 240 
PHE OXT  O N N 241 
PHE H    H N N 242 
PHE H2   H N N 243 
PHE HA   H N N 244 
PHE HB2  H N N 245 
PHE HB3  H N N 246 
PHE HD1  H N N 247 
PHE HD2  H N N 248 
PHE HE1  H N N 249 
PHE HE2  H N N 250 
PHE HZ   H N N 251 
PHE HXT  H N N 252 
PRO N    N N N 253 
PRO CA   C N S 254 
PRO C    C N N 255 
PRO O    O N N 256 
PRO CB   C N N 257 
PRO CG   C N N 258 
PRO CD   C N N 259 
PRO OXT  O N N 260 
PRO H    H N N 261 
PRO HA   H N N 262 
PRO HB2  H N N 263 
PRO HB3  H N N 264 
PRO HG2  H N N 265 
PRO HG3  H N N 266 
PRO HD2  H N N 267 
PRO HD3  H N N 268 
PRO HXT  H N N 269 
SER N    N N N 270 
SER CA   C N S 271 
SER C    C N N 272 
SER O    O N N 273 
SER CB   C N N 274 
SER OG   O N N 275 
SER OXT  O N N 276 
SER H    H N N 277 
SER H2   H N N 278 
SER HA   H N N 279 
SER HB2  H N N 280 
SER HB3  H N N 281 
SER HG   H N N 282 
SER HXT  H N N 283 
TCW O13  O N N 284 
TCW C12  C N N 285 
TCW C4   C Y N 286 
TCW C3   C Y N 287 
TCW C2   C Y N 288 
TCW O7   O N N 289 
TCW C5   C Y N 290 
TCW C6   C Y N 291 
TCW N9   N N N 292 
TCW O11  O N N 293 
TCW O10  O N N 294 
TCW C1   C Y N 295 
TCW O8   O N N 296 
TCW C14  C Y N 297 
TCW C19  C Y N 298 
TCW C18  C Y N 299 
TCW C17  C Y N 300 
TCW C20  C N N 301 
TCW C16  C Y N 302 
TCW C15  C Y N 303 
TCW H3   H N N 304 
TCW HO7  H N N 305 
TCW H5   H N N 306 
TCW HO8  H N N 307 
TCW H19  H N N 308 
TCW H18  H N N 309 
TCW H20  H N N 310 
TCW H20A H N N 311 
TCW H20B H N N 312 
TCW H16  H N N 313 
TCW H15  H N N 314 
THR N    N N N 315 
THR CA   C N S 316 
THR C    C N N 317 
THR O    O N N 318 
THR CB   C N R 319 
THR OG1  O N N 320 
THR CG2  C N N 321 
THR OXT  O N N 322 
THR H    H N N 323 
THR H2   H N N 324 
THR HA   H N N 325 
THR HB   H N N 326 
THR HG1  H N N 327 
THR HG21 H N N 328 
THR HG22 H N N 329 
THR HG23 H N N 330 
THR HXT  H N N 331 
TRP N    N N N 332 
TRP CA   C N S 333 
TRP C    C N N 334 
TRP O    O N N 335 
TRP CB   C N N 336 
TRP CG   C Y N 337 
TRP CD1  C Y N 338 
TRP CD2  C Y N 339 
TRP NE1  N Y N 340 
TRP CE2  C Y N 341 
TRP CE3  C Y N 342 
TRP CZ2  C Y N 343 
TRP CZ3  C Y N 344 
TRP CH2  C Y N 345 
TRP OXT  O N N 346 
TRP H    H N N 347 
TRP H2   H N N 348 
TRP HA   H N N 349 
TRP HB2  H N N 350 
TRP HB3  H N N 351 
TRP HD1  H N N 352 
TRP HE1  H N N 353 
TRP HE3  H N N 354 
TRP HZ2  H N N 355 
TRP HZ3  H N N 356 
TRP HH2  H N N 357 
TRP HXT  H N N 358 
TYR N    N N N 359 
TYR CA   C N S 360 
TYR C    C N N 361 
TYR O    O N N 362 
TYR CB   C N N 363 
TYR CG   C Y N 364 
TYR CD1  C Y N 365 
TYR CD2  C Y N 366 
TYR CE1  C Y N 367 
TYR CE2  C Y N 368 
TYR CZ   C Y N 369 
TYR OH   O N N 370 
TYR OXT  O N N 371 
TYR H    H N N 372 
TYR H2   H N N 373 
TYR HA   H N N 374 
TYR HB2  H N N 375 
TYR HB3  H N N 376 
TYR HD1  H N N 377 
TYR HD2  H N N 378 
TYR HE1  H N N 379 
TYR HE2  H N N 380 
TYR HH   H N N 381 
TYR HXT  H N N 382 
VAL N    N N N 383 
VAL CA   C N S 384 
VAL C    C N N 385 
VAL O    O N N 386 
VAL CB   C N N 387 
VAL CG1  C N N 388 
VAL CG2  C N N 389 
VAL OXT  O N N 390 
VAL H    H N N 391 
VAL H2   H N N 392 
VAL HA   H N N 393 
VAL HB   H N N 394 
VAL HG11 H N N 395 
VAL HG12 H N N 396 
VAL HG13 H N N 397 
VAL HG21 H N N 398 
VAL HG22 H N N 399 
VAL HG23 H N N 400 
VAL HXT  H N N 401 
# 
loop_
_chem_comp_bond.comp_id 
_chem_comp_bond.atom_id_1 
_chem_comp_bond.atom_id_2 
_chem_comp_bond.value_order 
_chem_comp_bond.pdbx_aromatic_flag 
_chem_comp_bond.pdbx_stereo_config 
_chem_comp_bond.pdbx_ordinal 
ALA N   CA   sing N N 1   
ALA N   H    sing N N 2   
ALA N   H2   sing N N 3   
ALA CA  C    sing N N 4   
ALA CA  CB   sing N N 5   
ALA CA  HA   sing N N 6   
ALA C   O    doub N N 7   
ALA C   OXT  sing N N 8   
ALA CB  HB1  sing N N 9   
ALA CB  HB2  sing N N 10  
ALA CB  HB3  sing N N 11  
ALA OXT HXT  sing N N 12  
ARG N   CA   sing N N 13  
ARG N   H    sing N N 14  
ARG N   H2   sing N N 15  
ARG CA  C    sing N N 16  
ARG CA  CB   sing N N 17  
ARG CA  HA   sing N N 18  
ARG C   O    doub N N 19  
ARG C   OXT  sing N N 20  
ARG CB  CG   sing N N 21  
ARG CB  HB2  sing N N 22  
ARG CB  HB3  sing N N 23  
ARG CG  CD   sing N N 24  
ARG CG  HG2  sing N N 25  
ARG CG  HG3  sing N N 26  
ARG CD  NE   sing N N 27  
ARG CD  HD2  sing N N 28  
ARG CD  HD3  sing N N 29  
ARG NE  CZ   sing N N 30  
ARG NE  HE   sing N N 31  
ARG CZ  NH1  sing N N 32  
ARG CZ  NH2  doub N N 33  
ARG NH1 HH11 sing N N 34  
ARG NH1 HH12 sing N N 35  
ARG NH2 HH21 sing N N 36  
ARG NH2 HH22 sing N N 37  
ARG OXT HXT  sing N N 38  
ASN N   CA   sing N N 39  
ASN N   H    sing N N 40  
ASN N   H2   sing N N 41  
ASN CA  C    sing N N 42  
ASN CA  CB   sing N N 43  
ASN CA  HA   sing N N 44  
ASN C   O    doub N N 45  
ASN C   OXT  sing N N 46  
ASN CB  CG   sing N N 47  
ASN CB  HB2  sing N N 48  
ASN CB  HB3  sing N N 49  
ASN CG  OD1  doub N N 50  
ASN CG  ND2  sing N N 51  
ASN ND2 HD21 sing N N 52  
ASN ND2 HD22 sing N N 53  
ASN OXT HXT  sing N N 54  
ASP N   CA   sing N N 55  
ASP N   H    sing N N 56  
ASP N   H2   sing N N 57  
ASP CA  C    sing N N 58  
ASP CA  CB   sing N N 59  
ASP CA  HA   sing N N 60  
ASP C   O    doub N N 61  
ASP C   OXT  sing N N 62  
ASP CB  CG   sing N N 63  
ASP CB  HB2  sing N N 64  
ASP CB  HB3  sing N N 65  
ASP CG  OD1  doub N N 66  
ASP CG  OD2  sing N N 67  
ASP OD2 HD2  sing N N 68  
ASP OXT HXT  sing N N 69  
CYS N   CA   sing N N 70  
CYS N   H    sing N N 71  
CYS N   H2   sing N N 72  
CYS CA  C    sing N N 73  
CYS CA  CB   sing N N 74  
CYS CA  HA   sing N N 75  
CYS C   O    doub N N 76  
CYS C   OXT  sing N N 77  
CYS CB  SG   sing N N 78  
CYS CB  HB2  sing N N 79  
CYS CB  HB3  sing N N 80  
CYS SG  HG   sing N N 81  
CYS OXT HXT  sing N N 82  
GLU N   CA   sing N N 83  
GLU N   H    sing N N 84  
GLU N   H2   sing N N 85  
GLU CA  C    sing N N 86  
GLU CA  CB   sing N N 87  
GLU CA  HA   sing N N 88  
GLU C   O    doub N N 89  
GLU C   OXT  sing N N 90  
GLU CB  CG   sing N N 91  
GLU CB  HB2  sing N N 92  
GLU CB  HB3  sing N N 93  
GLU CG  CD   sing N N 94  
GLU CG  HG2  sing N N 95  
GLU CG  HG3  sing N N 96  
GLU CD  OE1  doub N N 97  
GLU CD  OE2  sing N N 98  
GLU OE2 HE2  sing N N 99  
GLU OXT HXT  sing N N 100 
GLY N   CA   sing N N 101 
GLY N   H    sing N N 102 
GLY N   H2   sing N N 103 
GLY CA  C    sing N N 104 
GLY CA  HA2  sing N N 105 
GLY CA  HA3  sing N N 106 
GLY C   O    doub N N 107 
GLY C   OXT  sing N N 108 
GLY OXT HXT  sing N N 109 
HIS N   CA   sing N N 110 
HIS N   H    sing N N 111 
HIS N   H2   sing N N 112 
HIS CA  C    sing N N 113 
HIS CA  CB   sing N N 114 
HIS CA  HA   sing N N 115 
HIS C   O    doub N N 116 
HIS C   OXT  sing N N 117 
HIS CB  CG   sing N N 118 
HIS CB  HB2  sing N N 119 
HIS CB  HB3  sing N N 120 
HIS CG  ND1  sing Y N 121 
HIS CG  CD2  doub Y N 122 
HIS ND1 CE1  doub Y N 123 
HIS ND1 HD1  sing N N 124 
HIS CD2 NE2  sing Y N 125 
HIS CD2 HD2  sing N N 126 
HIS CE1 NE2  sing Y N 127 
HIS CE1 HE1  sing N N 128 
HIS NE2 HE2  sing N N 129 
HIS OXT HXT  sing N N 130 
HOH O   H1   sing N N 131 
HOH O   H2   sing N N 132 
ILE N   CA   sing N N 133 
ILE N   H    sing N N 134 
ILE N   H2   sing N N 135 
ILE CA  C    sing N N 136 
ILE CA  CB   sing N N 137 
ILE CA  HA   sing N N 138 
ILE C   O    doub N N 139 
ILE C   OXT  sing N N 140 
ILE CB  CG1  sing N N 141 
ILE CB  CG2  sing N N 142 
ILE CB  HB   sing N N 143 
ILE CG1 CD1  sing N N 144 
ILE CG1 HG12 sing N N 145 
ILE CG1 HG13 sing N N 146 
ILE CG2 HG21 sing N N 147 
ILE CG2 HG22 sing N N 148 
ILE CG2 HG23 sing N N 149 
ILE CD1 HD11 sing N N 150 
ILE CD1 HD12 sing N N 151 
ILE CD1 HD13 sing N N 152 
ILE OXT HXT  sing N N 153 
LEU N   CA   sing N N 154 
LEU N   H    sing N N 155 
LEU N   H2   sing N N 156 
LEU CA  C    sing N N 157 
LEU CA  CB   sing N N 158 
LEU CA  HA   sing N N 159 
LEU C   O    doub N N 160 
LEU C   OXT  sing N N 161 
LEU CB  CG   sing N N 162 
LEU CB  HB2  sing N N 163 
LEU CB  HB3  sing N N 164 
LEU CG  CD1  sing N N 165 
LEU CG  CD2  sing N N 166 
LEU CG  HG   sing N N 167 
LEU CD1 HD11 sing N N 168 
LEU CD1 HD12 sing N N 169 
LEU CD1 HD13 sing N N 170 
LEU CD2 HD21 sing N N 171 
LEU CD2 HD22 sing N N 172 
LEU CD2 HD23 sing N N 173 
LEU OXT HXT  sing N N 174 
LYS N   CA   sing N N 175 
LYS N   H    sing N N 176 
LYS N   H2   sing N N 177 
LYS CA  C    sing N N 178 
LYS CA  CB   sing N N 179 
LYS CA  HA   sing N N 180 
LYS C   O    doub N N 181 
LYS C   OXT  sing N N 182 
LYS CB  CG   sing N N 183 
LYS CB  HB2  sing N N 184 
LYS CB  HB3  sing N N 185 
LYS CG  CD   sing N N 186 
LYS CG  HG2  sing N N 187 
LYS CG  HG3  sing N N 188 
LYS CD  CE   sing N N 189 
LYS CD  HD2  sing N N 190 
LYS CD  HD3  sing N N 191 
LYS CE  NZ   sing N N 192 
LYS CE  HE2  sing N N 193 
LYS CE  HE3  sing N N 194 
LYS NZ  HZ1  sing N N 195 
LYS NZ  HZ2  sing N N 196 
LYS NZ  HZ3  sing N N 197 
LYS OXT HXT  sing N N 198 
MET N   CA   sing N N 199 
MET N   H    sing N N 200 
MET N   H2   sing N N 201 
MET CA  C    sing N N 202 
MET CA  CB   sing N N 203 
MET CA  HA   sing N N 204 
MET C   O    doub N N 205 
MET C   OXT  sing N N 206 
MET CB  CG   sing N N 207 
MET CB  HB2  sing N N 208 
MET CB  HB3  sing N N 209 
MET CG  SD   sing N N 210 
MET CG  HG2  sing N N 211 
MET CG  HG3  sing N N 212 
MET SD  CE   sing N N 213 
MET CE  HE1  sing N N 214 
MET CE  HE2  sing N N 215 
MET CE  HE3  sing N N 216 
MET OXT HXT  sing N N 217 
PHE N   CA   sing N N 218 
PHE N   H    sing N N 219 
PHE N   H2   sing N N 220 
PHE CA  C    sing N N 221 
PHE CA  CB   sing N N 222 
PHE CA  HA   sing N N 223 
PHE C   O    doub N N 224 
PHE C   OXT  sing N N 225 
PHE CB  CG   sing N N 226 
PHE CB  HB2  sing N N 227 
PHE CB  HB3  sing N N 228 
PHE CG  CD1  doub Y N 229 
PHE CG  CD2  sing Y N 230 
PHE CD1 CE1  sing Y N 231 
PHE CD1 HD1  sing N N 232 
PHE CD2 CE2  doub Y N 233 
PHE CD2 HD2  sing N N 234 
PHE CE1 CZ   doub Y N 235 
PHE CE1 HE1  sing N N 236 
PHE CE2 CZ   sing Y N 237 
PHE CE2 HE2  sing N N 238 
PHE CZ  HZ   sing N N 239 
PHE OXT HXT  sing N N 240 
PRO N   CA   sing N N 241 
PRO N   CD   sing N N 242 
PRO N   H    sing N N 243 
PRO CA  C    sing N N 244 
PRO CA  CB   sing N N 245 
PRO CA  HA   sing N N 246 
PRO C   O    doub N N 247 
PRO C   OXT  sing N N 248 
PRO CB  CG   sing N N 249 
PRO CB  HB2  sing N N 250 
PRO CB  HB3  sing N N 251 
PRO CG  CD   sing N N 252 
PRO CG  HG2  sing N N 253 
PRO CG  HG3  sing N N 254 
PRO CD  HD2  sing N N 255 
PRO CD  HD3  sing N N 256 
PRO OXT HXT  sing N N 257 
SER N   CA   sing N N 258 
SER N   H    sing N N 259 
SER N   H2   sing N N 260 
SER CA  C    sing N N 261 
SER CA  CB   sing N N 262 
SER CA  HA   sing N N 263 
SER C   O    doub N N 264 
SER C   OXT  sing N N 265 
SER CB  OG   sing N N 266 
SER CB  HB2  sing N N 267 
SER CB  HB3  sing N N 268 
SER OG  HG   sing N N 269 
SER OXT HXT  sing N N 270 
TCW O13 C12  doub N N 271 
TCW C12 C4   sing N N 272 
TCW C12 C14  sing N N 273 
TCW C4  C3   doub Y N 274 
TCW C4  C5   sing Y N 275 
TCW C3  C2   sing Y N 276 
TCW C2  O7   sing N N 277 
TCW C2  C1   doub Y N 278 
TCW C5  C6   doub Y N 279 
TCW C6  N9   sing N N 280 
TCW C6  C1   sing Y N 281 
TCW N9  O11  sing N N 282 
TCW N9  O10  doub N N 283 
TCW C1  O8   sing N N 284 
TCW C14 C19  doub Y N 285 
TCW C14 C15  sing Y N 286 
TCW C19 C18  sing Y N 287 
TCW C18 C17  doub Y N 288 
TCW C17 C20  sing N N 289 
TCW C17 C16  sing Y N 290 
TCW C16 C15  doub Y N 291 
TCW C3  H3   sing N N 292 
TCW O7  HO7  sing N N 293 
TCW C5  H5   sing N N 294 
TCW O8  HO8  sing N N 295 
TCW C19 H19  sing N N 296 
TCW C18 H18  sing N N 297 
TCW C20 H20  sing N N 298 
TCW C20 H20A sing N N 299 
TCW C20 H20B sing N N 300 
TCW C16 H16  sing N N 301 
TCW C15 H15  sing N N 302 
THR N   CA   sing N N 303 
THR N   H    sing N N 304 
THR N   H2   sing N N 305 
THR CA  C    sing N N 306 
THR CA  CB   sing N N 307 
THR CA  HA   sing N N 308 
THR C   O    doub N N 309 
THR C   OXT  sing N N 310 
THR CB  OG1  sing N N 311 
THR CB  CG2  sing N N 312 
THR CB  HB   sing N N 313 
THR OG1 HG1  sing N N 314 
THR CG2 HG21 sing N N 315 
THR CG2 HG22 sing N N 316 
THR CG2 HG23 sing N N 317 
THR OXT HXT  sing N N 318 
TRP N   CA   sing N N 319 
TRP N   H    sing N N 320 
TRP N   H2   sing N N 321 
TRP CA  C    sing N N 322 
TRP CA  CB   sing N N 323 
TRP CA  HA   sing N N 324 
TRP C   O    doub N N 325 
TRP C   OXT  sing N N 326 
TRP CB  CG   sing N N 327 
TRP CB  HB2  sing N N 328 
TRP CB  HB3  sing N N 329 
TRP CG  CD1  doub Y N 330 
TRP CG  CD2  sing Y N 331 
TRP CD1 NE1  sing Y N 332 
TRP CD1 HD1  sing N N 333 
TRP CD2 CE2  doub Y N 334 
TRP CD2 CE3  sing Y N 335 
TRP NE1 CE2  sing Y N 336 
TRP NE1 HE1  sing N N 337 
TRP CE2 CZ2  sing Y N 338 
TRP CE3 CZ3  doub Y N 339 
TRP CE3 HE3  sing N N 340 
TRP CZ2 CH2  doub Y N 341 
TRP CZ2 HZ2  sing N N 342 
TRP CZ3 CH2  sing Y N 343 
TRP CZ3 HZ3  sing N N 344 
TRP CH2 HH2  sing N N 345 
TRP OXT HXT  sing N N 346 
TYR N   CA   sing N N 347 
TYR N   H    sing N N 348 
TYR N   H2   sing N N 349 
TYR CA  C    sing N N 350 
TYR CA  CB   sing N N 351 
TYR CA  HA   sing N N 352 
TYR C   O    doub N N 353 
TYR C   OXT  sing N N 354 
TYR CB  CG   sing N N 355 
TYR CB  HB2  sing N N 356 
TYR CB  HB3  sing N N 357 
TYR CG  CD1  doub Y N 358 
TYR CG  CD2  sing Y N 359 
TYR CD1 CE1  sing Y N 360 
TYR CD1 HD1  sing N N 361 
TYR CD2 CE2  doub Y N 362 
TYR CD2 HD2  sing N N 363 
TYR CE1 CZ   doub Y N 364 
TYR CE1 HE1  sing N N 365 
TYR CE2 CZ   sing Y N 366 
TYR CE2 HE2  sing N N 367 
TYR CZ  OH   sing N N 368 
TYR OH  HH   sing N N 369 
TYR OXT HXT  sing N N 370 
VAL N   CA   sing N N 371 
VAL N   H    sing N N 372 
VAL N   H2   sing N N 373 
VAL CA  C    sing N N 374 
VAL CA  CB   sing N N 375 
VAL CA  HA   sing N N 376 
VAL C   O    doub N N 377 
VAL C   OXT  sing N N 378 
VAL CB  CG1  sing N N 379 
VAL CB  CG2  sing N N 380 
VAL CB  HB   sing N N 381 
VAL CG1 HG11 sing N N 382 
VAL CG1 HG12 sing N N 383 
VAL CG1 HG13 sing N N 384 
VAL CG2 HG21 sing N N 385 
VAL CG2 HG22 sing N N 386 
VAL CG2 HG23 sing N N 387 
VAL OXT HXT  sing N N 388 
# 
_atom_sites.entry_id                    5A6I 
_atom_sites.fract_transf_matrix[1][1]   -0.01125129 
_atom_sites.fract_transf_matrix[1][2]   -0.01986324 
_atom_sites.fract_transf_matrix[1][3]   0.00573564 
_atom_sites.fract_transf_matrix[2][1]   0.01395289 
_atom_sites.fract_transf_matrix[2][2]   -0.00779729 
_atom_sites.fract_transf_matrix[2][3]   0.00036764 
_atom_sites.fract_transf_matrix[3][1]   0.00117423 
_atom_sites.fract_transf_matrix[3][2]   0.00264108 
_atom_sites.fract_transf_matrix[3][3]   0.01144982 
_atom_sites.fract_transf_vector[1]      0.032183 
_atom_sites.fract_transf_vector[2]      0.341336 
_atom_sites.fract_transf_vector[3]      1.147660 
# 
loop_
_atom_type.symbol 
C 
N 
O 
S 
# 
loop_
_atom_site.group_PDB 
_atom_site.id 
_atom_site.type_symbol 
_atom_site.label_atom_id 
_atom_site.label_alt_id 
_atom_site.label_comp_id 
_atom_site.label_asym_id 
_atom_site.label_entity_id 
_atom_site.label_seq_id 
_atom_site.pdbx_PDB_ins_code 
_atom_site.Cartn_x 
_atom_site.Cartn_y 
_atom_site.Cartn_z 
_atom_site.occupancy 
_atom_site.B_iso_or_equiv 
_atom_site.pdbx_formal_charge 
_atom_site.auth_seq_id 
_atom_site.auth_comp_id 
_atom_site.auth_asym_id 
_atom_site.auth_atom_id 
_atom_site.pdbx_PDB_model_num 
ATOM   1   N N   . CYS A 1 11  ? -8.916  12.657  -3.389  1.00 49.99 ? 10   CYS A N   1 
ATOM   2   C CA  . CYS A 1 11  ? -8.260  11.591  -2.546  1.00 43.73 ? 10   CYS A CA  1 
ATOM   3   C C   . CYS A 1 11  ? -6.731  11.503  -2.897  1.00 40.96 ? 10   CYS A C   1 
ATOM   4   O O   . CYS A 1 11  ? -6.366  11.067  -3.985  1.00 43.80 ? 10   CYS A O   1 
ATOM   5   C CB  . CYS A 1 11  ? -9.041  10.262  -2.760  1.00 47.37 ? 10   CYS A CB  1 
ATOM   6   S SG  . CYS A 1 11  ? -8.468  8.737   -1.964  1.00 57.95 ? 10   CYS A SG  1 
ATOM   7   N N   . PRO A 1 12  ? -5.848  11.980  -1.991  1.00 39.25 ? 11   PRO A N   1 
ATOM   8   C CA  . PRO A 1 12  ? -4.417  12.190  -2.253  1.00 37.42 ? 11   PRO A CA  1 
ATOM   9   C C   . PRO A 1 12  ? -3.528  10.960  -2.182  1.00 36.19 ? 11   PRO A C   1 
ATOM   10  O O   . PRO A 1 12  ? -2.361  11.010  -2.671  1.00 34.58 ? 11   PRO A O   1 
ATOM   11  C CB  . PRO A 1 12  ? -3.995  13.162  -1.137  1.00 38.08 ? 11   PRO A CB  1 
ATOM   12  C CG  . PRO A 1 12  ? -4.951  12.875  -0.045  1.00 38.03 ? 11   PRO A CG  1 
ATOM   13  C CD  . PRO A 1 12  ? -6.266  12.641  -0.736  1.00 42.41 ? 11   PRO A CD  1 
ATOM   14  N N   . LEU A 1 13  ? -4.016  9.873   -1.576  1.00 31.58 ? 12   LEU A N   1 
ATOM   15  C CA  . LEU A 1 13  ? -3.186  8.679   -1.511  1.00 27.41 ? 12   LEU A CA  1 
ATOM   16  C C   . LEU A 1 13  ? -4.088  7.506   -1.672  1.00 31.92 ? 12   LEU A C   1 
ATOM   17  O O   . LEU A 1 13  ? -5.048  7.308   -0.860  1.00 35.90 ? 12   LEU A O   1 
ATOM   18  C CB  . LEU A 1 13  ? -2.473  8.592   -0.168  1.00 32.01 ? 12   LEU A CB  1 
ATOM   19  C CG  . LEU A 1 13  ? -1.629  7.378   0.235   1.00 31.94 ? 12   LEU A CG  1 
ATOM   20  C CD1 . LEU A 1 13  ? -0.434  7.144   -0.661  1.00 26.96 ? 12   LEU A CD1 1 
ATOM   21  C CD2 . LEU A 1 13  ? -1.177  7.494   1.707   1.00 34.24 ? 12   LEU A CD2 1 
ATOM   22  N N   . MET A 1 14  ? -3.819  6.713   -2.692  1.00 27.86 ? 13   MET A N   1 
ATOM   23  C CA  A MET A 1 14  ? -4.625  5.511   -2.858  0.69 29.68 ? 13   MET A CA  1 
ATOM   24  C CA  B MET A 1 14  ? -4.641  5.529   -2.981  0.31 29.61 ? 13   MET A CA  1 
ATOM   25  C C   . MET A 1 14  ? -3.721  4.337   -3.149  1.00 29.66 ? 13   MET A C   1 
ATOM   26  O O   . MET A 1 14  ? -2.599  4.495   -3.626  1.00 30.74 ? 13   MET A O   1 
ATOM   27  C CB  A MET A 1 14  ? -5.728  5.701   -3.909  0.69 32.01 ? 13   MET A CB  1 
ATOM   28  C CB  B MET A 1 14  ? -5.487  5.743   -4.249  0.31 32.83 ? 13   MET A CB  1 
ATOM   29  C CG  A MET A 1 14  ? -5.228  6.251   -5.233  0.69 35.45 ? 13   MET A CG  1 
ATOM   30  C CG  B MET A 1 14  ? -6.559  4.686   -4.516  0.31 31.52 ? 13   MET A CG  1 
ATOM   31  S SD  A MET A 1 14  ? -6.384  7.514   -5.795  0.69 49.27 ? 13   MET A SD  1 
ATOM   32  S SD  B MET A 1 14  ? -6.124  3.345   -5.653  0.31 28.08 ? 13   MET A SD  1 
ATOM   33  C CE  A MET A 1 14  ? -5.238  8.878   -6.023  0.69 44.70 ? 13   MET A CE  1 
ATOM   34  C CE  B MET A 1 14  ? -6.374  4.164   -7.222  0.31 30.16 ? 13   MET A CE  1 
ATOM   35  N N   . VAL A 1 15  ? -4.183  3.160   -2.779  1.00 26.32 ? 14   VAL A N   1 
ATOM   36  C CA  . VAL A 1 15  ? -3.383  1.991   -2.915  1.00 25.72 ? 14   VAL A CA  1 
ATOM   37  C C   . VAL A 1 15  ? -4.197  1.028   -3.756  1.00 29.72 ? 14   VAL A C   1 
ATOM   38  O O   . VAL A 1 15  ? -5.426  0.898   -3.569  1.00 27.93 ? 14   VAL A O   1 
ATOM   39  C CB  . VAL A 1 15  ? -3.075  1.375   -1.530  1.00 28.20 ? 14   VAL A CB  1 
ATOM   40  C CG1 . VAL A 1 15  ? -2.361  -0.007  -1.668  1.00 23.44 ? 14   VAL A CG1 1 
ATOM   41  C CG2 . VAL A 1 15  ? -2.240  2.360   -0.681  1.00 27.04 ? 14   VAL A CG2 1 
ATOM   42  N N   . LYS A 1 16  ? -3.530  0.379   -4.705  1.00 22.01 ? 15   LYS A N   1 
ATOM   43  C CA  . LYS A 1 16  ? -4.156  -0.624  -5.519  1.00 24.97 ? 15   LYS A CA  1 
ATOM   44  C C   . LYS A 1 16  ? -3.332  -1.885  -5.489  1.00 24.27 ? 15   LYS A C   1 
ATOM   45  O O   . LYS A 1 16  ? -2.146  -1.805  -5.589  1.00 24.08 ? 15   LYS A O   1 
ATOM   46  C CB  . LYS A 1 16  ? -4.271  -0.142  -6.964  1.00 27.82 ? 15   LYS A CB  1 
ATOM   47  C CG  . LYS A 1 16  ? -5.060  -1.097  -7.879  1.00 34.44 ? 15   LYS A CG  1 
ATOM   48  C CD  . LYS A 1 16  ? -5.619  -0.413  -9.131  1.00 36.62 ? 15   LYS A CD  1 
ATOM   49  C CE  . LYS A 1 16  ? -6.356  -1.424  -10.023 1.00 33.28 ? 15   LYS A CE  1 
ATOM   50  N NZ  . LYS A 1 16  ? -7.007  -0.691  -11.162 1.00 45.28 ? 15   LYS A NZ  1 
ATOM   51  N N   . VAL A 1 17  ? -3.976  -3.049  -5.388  1.00 22.59 ? 16   VAL A N   1 
ATOM   52  C CA  . VAL A 1 17  ? -3.238  -4.292  -5.246  1.00 23.13 ? 16   VAL A CA  1 
ATOM   53  C C   . VAL A 1 17  ? -3.798  -5.315  -6.228  1.00 26.20 ? 16   VAL A C   1 
ATOM   54  O O   . VAL A 1 17  ? -5.045  -5.542  -6.329  1.00 25.13 ? 16   VAL A O   1 
ATOM   55  C CB  . VAL A 1 17  ? -3.350  -4.861  -3.811  1.00 22.73 ? 16   VAL A CB  1 
ATOM   56  C CG1 . VAL A 1 17  ? -2.388  -6.043  -3.641  1.00 21.94 ? 16   VAL A CG1 1 
ATOM   57  C CG2 . VAL A 1 17  ? -2.942  -3.791  -2.807  1.00 23.37 ? 16   VAL A CG2 1 
ATOM   58  N N   . LEU A 1 18  ? -2.878  -5.929  -6.964  1.00 24.59 ? 17   LEU A N   1 
ATOM   59  C CA  . LEU A 1 18  ? -3.239  -6.923  -7.984  1.00 25.80 ? 17   LEU A CA  1 
ATOM   60  C C   . LEU A 1 18  ? -2.626  -8.282  -7.654  1.00 26.52 ? 17   LEU A C   1 
ATOM   61  O O   . LEU A 1 18  ? -1.558  -8.345  -7.061  1.00 26.22 ? 17   LEU A O   1 
ATOM   62  C CB  . LEU A 1 18  ? -2.779  -6.441  -9.356  1.00 24.23 ? 17   LEU A CB  1 
ATOM   63  C CG  . LEU A 1 18  ? -3.441  -5.181  -9.879  1.00 28.17 ? 17   LEU A CG  1 
ATOM   64  C CD1 . LEU A 1 18  ? -2.771  -4.922  -11.194 1.00 32.36 ? 17   LEU A CD1 1 
ATOM   65  C CD2 . LEU A 1 18  ? -4.953  -5.387  -10.055 1.00 31.59 ? 17   LEU A CD2 1 
ATOM   66  N N   . ASP A 1 19  ? -3.298  -9.354  -8.054  1.00 28.97 ? 18   ASP A N   1 
ATOM   67  C CA  . ASP A 1 19  ? -2.868  -10.733 -7.849  1.00 30.13 ? 18   ASP A CA  1 
ATOM   68  C C   . ASP A 1 19  ? -2.352  -11.354 -9.198  1.00 31.31 ? 18   ASP A C   1 
ATOM   69  O O   . ASP A 1 19  ? -3.127  -11.588 -10.147 1.00 30.50 ? 18   ASP A O   1 
ATOM   70  C CB  . ASP A 1 19  ? -4.089  -11.475 -7.282  1.00 31.94 ? 18   ASP A CB  1 
ATOM   71  C CG  . ASP A 1 19  ? -3.857  -12.928 -7.041  1.00 34.14 ? 18   ASP A CG  1 
ATOM   72  O OD1 . ASP A 1 19  ? -2.996  -13.554 -7.696  1.00 37.53 ? 18   ASP A OD1 1 
ATOM   73  O OD2 . ASP A 1 19  ? -4.597  -13.480 -6.193  1.00 38.65 ? 18   ASP A OD2 1 
ATOM   74  N N   . ALA A 1 20  ? -1.055  -11.637 -9.267  1.00 25.76 ? 19   ALA A N   1 
ATOM   75  C CA  . ALA A 1 20  ? -0.447  -12.122 -10.498 1.00 28.13 ? 19   ALA A CA  1 
ATOM   76  C C   . ALA A 1 20  ? -0.704  -13.593 -10.730 1.00 30.92 ? 19   ALA A C   1 
ATOM   77  O O   . ALA A 1 20  ? -0.421  -14.125 -11.828 1.00 35.04 ? 19   ALA A O   1 
ATOM   78  C CB  . ALA A 1 20  ? 1.064   -11.870 -10.476 1.00 31.22 ? 19   ALA A CB  1 
ATOM   79  N N   . VAL A 1 21  ? -1.189  -14.275 -9.696  1.00 31.22 ? 20   VAL A N   1 
ATOM   80  C CA  . VAL A 1 21  ? -1.475  -15.685 -9.749  1.00 31.76 ? 20   VAL A CA  1 
ATOM   81  C C   . VAL A 1 21  ? -2.858  -15.921 -10.366 1.00 34.19 ? 20   VAL A C   1 
ATOM   82  O O   . VAL A 1 21  ? -3.012  -16.855 -11.133 1.00 32.77 ? 20   VAL A O   1 
ATOM   83  C CB  . VAL A 1 21  ? -1.486  -16.304 -8.319  1.00 36.02 ? 20   VAL A CB  1 
ATOM   84  C CG1 . VAL A 1 21  ? -1.902  -17.789 -8.361  1.00 37.60 ? 20   VAL A CG1 1 
ATOM   85  C CG2 . VAL A 1 21  ? -0.112  -16.205 -7.729  1.00 41.97 ? 20   VAL A CG2 1 
ATOM   86  N N   . ARG A 1 22  ? -3.861  -15.109 -9.991  1.00 35.29 ? 21   ARG A N   1 
ATOM   87  C CA  . ARG A 1 22  ? -5.233  -15.320 -10.472 1.00 35.35 ? 21   ARG A CA  1 
ATOM   88  C C   . ARG A 1 22  ? -5.581  -14.297 -11.556 1.00 33.30 ? 21   ARG A C   1 
ATOM   89  O O   . ARG A 1 22  ? -6.610  -14.384 -12.198 1.00 37.14 ? 21   ARG A O   1 
ATOM   90  C CB  . ARG A 1 22  ? -6.209  -15.167 -9.300  1.00 40.80 ? 21   ARG A CB  1 
ATOM   91  C CG  . ARG A 1 22  ? -6.035  -16.208 -8.199  1.00 49.43 ? 21   ARG A CG  1 
ATOM   92  C CD  . ARG A 1 22  ? -7.175  -16.209 -7.175  1.00 55.31 ? 21   ARG A CD  1 
ATOM   93  N NE  . ARG A 1 22  ? -7.312  -14.910 -6.516  1.00 55.38 ? 21   ARG A NE  1 
ATOM   94  C CZ  . ARG A 1 22  ? -8.414  -14.150 -6.517  1.00 52.52 ? 21   ARG A CZ  1 
ATOM   95  N NH1 . ARG A 1 22  ? -9.529  -14.563 -7.135  1.00 58.31 ? 21   ARG A NH1 1 
ATOM   96  N NH2 . ARG A 1 22  ? -8.397  -12.973 -5.879  1.00 60.61 ? 21   ARG A NH2 1 
ATOM   97  N N   . GLY A 1 23  ? -4.753  -13.288 -11.728 1.00 32.28 ? 22   GLY A N   1 
ATOM   98  C CA  . GLY A 1 23  ? -4.956  -12.313 -12.793 1.00 31.65 ? 22   GLY A CA  1 
ATOM   99  C C   . GLY A 1 23  ? -6.137  -11.464 -12.381 1.00 34.77 ? 22   GLY A C   1 
ATOM   100 O O   . GLY A 1 23  ? -7.009  -11.200 -13.175 1.00 35.23 ? 22   GLY A O   1 
ATOM   101 N N   . SER A 1 24  ? -6.190  -11.045 -11.133 1.00 30.42 ? 23   SER A N   1 
ATOM   102 C CA  . SER A 1 24  ? -7.386  -10.334 -10.691 1.00 35.33 ? 23   SER A CA  1 
ATOM   103 C C   . SER A 1 24  ? -7.041  -9.305  -9.629  1.00 30.46 ? 23   SER A C   1 
ATOM   104 O O   . SER A 1 24  ? -5.943  -9.319  -9.080  1.00 29.36 ? 23   SER A O   1 
ATOM   105 C CB  . SER A 1 24  ? -8.413  -11.325 -10.154 1.00 36.52 ? 23   SER A CB  1 
ATOM   106 O OG  . SER A 1 24  ? -8.034  -11.739 -8.848  1.00 43.10 ? 23   SER A OG  1 
ATOM   107 N N   . PRO A 1 25  ? -7.983  -8.414  -9.309  1.00 30.41 ? 24   PRO A N   1 
ATOM   108 C CA  . PRO A 1 25  ? -7.721  -7.566  -8.148  1.00 30.57 ? 24   PRO A CA  1 
ATOM   109 C C   . PRO A 1 25  ? -7.537  -8.400  -6.857  1.00 30.67 ? 24   PRO A C   1 
ATOM   110 O O   . PRO A 1 25  ? -8.122  -9.488  -6.725  1.00 32.82 ? 24   PRO A O   1 
ATOM   111 C CB  . PRO A 1 25  ? -9.020  -6.718  -8.050  1.00 35.80 ? 24   PRO A CB  1 
ATOM   112 C CG  . PRO A 1 25  ? -9.518  -6.688  -9.465  1.00 39.22 ? 24   PRO A CG  1 
ATOM   113 C CD  . PRO A 1 25  ? -9.296  -8.108  -9.930  1.00 34.26 ? 24   PRO A CD  1 
ATOM   114 N N   . ALA A 1 26  ? -6.754  -7.889  -5.904  1.00 30.86 ? 25   ALA A N   1 
ATOM   115 C CA  . ALA A 1 26  ? -6.644  -8.544  -4.598  1.00 30.20 ? 25   ALA A CA  1 
ATOM   116 C C   . ALA A 1 26  ? -7.633  -7.815  -3.711  1.00 32.05 ? 25   ALA A C   1 
ATOM   117 O O   . ALA A 1 26  ? -7.449  -6.640  -3.348  1.00 29.40 ? 25   ALA A O   1 
ATOM   118 C CB  . ALA A 1 26  ? -5.218  -8.433  -4.053  1.00 30.88 ? 25   ALA A CB  1 
ATOM   119 N N   . ILE A 1 27  ? -8.687  -8.532  -3.354  1.00 33.49 ? 26   ILE A N   1 
ATOM   120 C CA  . ILE A 1 27  ? -9.820  -7.964  -2.669  1.00 38.76 ? 26   ILE A CA  1 
ATOM   121 C C   . ILE A 1 27  ? -9.663  -8.247  -1.173  1.00 38.66 ? 26   ILE A C   1 
ATOM   122 O O   . ILE A 1 27  ? -9.235  -9.345  -0.788  1.00 45.23 ? 26   ILE A O   1 
ATOM   123 C CB  . ILE A 1 27  ? -11.117 -8.634  -3.174  1.00 40.98 ? 26   ILE A CB  1 
ATOM   124 C CG1 . ILE A 1 27  ? -11.217 -8.565  -4.698  1.00 43.01 ? 26   ILE A CG1 1 
ATOM   125 C CG2 . ILE A 1 27  ? -12.375 -8.089  -2.482  1.00 45.56 ? 26   ILE A CG2 1 
ATOM   126 C CD1 . ILE A 1 27  ? -12.496 -9.164  -5.265  1.00 44.71 ? 26   ILE A CD1 1 
ATOM   127 N N   . ASN A 1 28  ? -10.006 -7.258  -0.341  1.00 37.23 ? 27   ASN A N   1 
ATOM   128 C CA  . ASN A 1 28  ? -9.983  -7.413  1.113   1.00 38.86 ? 27   ASN A CA  1 
ATOM   129 C C   . ASN A 1 28  ? -8.579  -7.659  1.685   1.00 39.28 ? 27   ASN A C   1 
ATOM   130 O O   . ASN A 1 28  ? -8.422  -8.364  2.671   1.00 43.84 ? 27   ASN A O   1 
ATOM   131 C CB  . ASN A 1 28  ? -10.940 -8.495  1.565   1.00 42.64 ? 27   ASN A CB  1 
ATOM   132 C CG  . ASN A 1 28  ? -11.596 -8.140  2.867   1.00 48.77 ? 27   ASN A CG  1 
ATOM   133 O OD1 . ASN A 1 28  ? -11.779 -6.963  3.147   1.00 53.84 ? 27   ASN A OD1 1 
ATOM   134 N ND2 . ASN A 1 28  ? -11.921 -9.135  3.691   1.00 55.88 ? 27   ASN A ND2 1 
ATOM   135 N N   . VAL A 1 29  ? -7.570  -7.069  1.054   1.00 30.67 ? 28   VAL A N   1 
ATOM   136 C CA  . VAL A 1 29  ? -6.218  -7.060  1.587   1.00 32.39 ? 28   VAL A CA  1 
ATOM   137 C C   . VAL A 1 29  ? -6.007  -5.898  2.586   1.00 32.42 ? 28   VAL A C   1 
ATOM   138 O O   . VAL A 1 29  ? -6.337  -4.754  2.261   1.00 29.99 ? 28   VAL A O   1 
ATOM   139 C CB  . VAL A 1 29  ? -5.200  -6.938  0.452   1.00 33.26 ? 28   VAL A CB  1 
ATOM   140 C CG1 . VAL A 1 29  ? -3.764  -6.917  1.003   1.00 32.85 ? 28   VAL A CG1 1 
ATOM   141 C CG2 . VAL A 1 29  ? -5.373  -8.129  -0.487  1.00 37.49 ? 28   VAL A CG2 1 
ATOM   142 N N   . ALA A 1 30  ? -5.455  -6.200  3.777   1.00 29.84 ? 29   ALA A N   1 
ATOM   143 C CA  . ALA A 1 30  ? -5.046  -5.185  4.810   1.00 30.40 ? 29   ALA A CA  1 
ATOM   144 C C   . ALA A 1 30  ? -3.835  -4.337  4.400   1.00 31.58 ? 29   ALA A C   1 
ATOM   145 O O   . ALA A 1 30  ? -2.822  -4.858  3.909   1.00 29.26 ? 29   ALA A O   1 
ATOM   146 C CB  . ALA A 1 30  ? -4.758  -5.886  6.130   1.00 30.75 ? 29   ALA A CB  1 
ATOM   147 N N   . VAL A 1 31  ? -3.934  -3.016  4.585   1.00 28.35 ? 30   VAL A N   1 
ATOM   148 C CA  . VAL A 1 31  ? -2.909  -2.067  4.156   1.00 26.76 ? 30   VAL A CA  1 
ATOM   149 C C   . VAL A 1 31  ? -2.731  -1.139  5.355   1.00 26.35 ? 30   VAL A C   1 
ATOM   150 O O   . VAL A 1 31  ? -3.711  -0.611  5.888   1.00 30.18 ? 30   VAL A O   1 
ATOM   151 C CB  . VAL A 1 31  ? -3.349  -1.247  2.917   1.00 26.48 ? 30   VAL A CB  1 
ATOM   152 C CG1 . VAL A 1 31  ? -2.315  -0.166  2.550   1.00 27.42 ? 30   VAL A CG1 1 
ATOM   153 C CG2 . VAL A 1 31  ? -3.550  -2.149  1.696   1.00 24.59 ? 30   VAL A CG2 1 
ATOM   154 N N   . HIS A 1 32  ? -1.493  -0.956  5.797   1.00 28.05 ? 31   HIS A N   1 
ATOM   155 C CA  . HIS A 1 32  ? -1.178  -0.026  6.904   1.00 29.78 ? 31   HIS A CA  1 
ATOM   156 C C   . HIS A 1 32  ? -0.206  1.031   6.382   1.00 29.79 ? 31   HIS A C   1 
ATOM   157 O O   . HIS A 1 32  ? 0.792   0.708   5.717   1.00 29.10 ? 31   HIS A O   1 
ATOM   158 C CB  . HIS A 1 32  ? -0.507  -0.760  8.050   1.00 31.38 ? 31   HIS A CB  1 
ATOM   159 C CG  . HIS A 1 32  ? -1.425  -1.692  8.830   1.00 35.10 ? 31   HIS A CG  1 
ATOM   160 N ND1 . HIS A 1 32  ? -1.780  -2.909  8.366   1.00 40.73 ? 31   HIS A ND1 1 
ATOM   161 C CD2 . HIS A 1 32  ? -2.019  -1.560  10.080  1.00 39.63 ? 31   HIS A CD2 1 
ATOM   162 C CE1 . HIS A 1 32  ? -2.576  -3.530  9.281   1.00 39.98 ? 31   HIS A CE1 1 
ATOM   163 N NE2 . HIS A 1 32  ? -2.723  -2.712  10.325  1.00 44.48 ? 31   HIS A NE2 1 
ATOM   164 N N   . VAL A 1 33  ? -0.466  2.287   6.709   1.00 26.18 ? 32   VAL A N   1 
ATOM   165 C CA  . VAL A 1 33  ? 0.440   3.369   6.327   1.00 24.36 ? 32   VAL A CA  1 
ATOM   166 C C   . VAL A 1 33  ? 1.052   3.977   7.592   1.00 27.06 ? 32   VAL A C   1 
ATOM   167 O O   . VAL A 1 33  ? 0.342   4.236   8.572   1.00 32.11 ? 32   VAL A O   1 
ATOM   168 C CB  . VAL A 1 33  ? -0.300  4.438   5.488   1.00 26.43 ? 32   VAL A CB  1 
ATOM   169 C CG1 . VAL A 1 33  ? 0.683   5.458   4.940   1.00 26.11 ? 32   VAL A CG1 1 
ATOM   170 C CG2 . VAL A 1 33  ? -1.037  3.789   4.313   1.00 26.64 ? 32   VAL A CG2 1 
ATOM   171 N N   . PHE A 1 34  ? 2.376   4.139   7.604   1.00 28.49 ? 33   PHE A N   1 
ATOM   172 C CA  . PHE A 1 34  ? 3.103   4.755   8.702   1.00 31.45 ? 33   PHE A CA  1 
ATOM   173 C C   . PHE A 1 34  ? 3.825   6.003   8.186   1.00 30.79 ? 33   PHE A C   1 
ATOM   174 O O   . PHE A 1 34  ? 4.206   6.081   7.022   1.00 30.78 ? 33   PHE A O   1 
ATOM   175 C CB  . PHE A 1 34  ? 4.148   3.784   9.263   1.00 29.67 ? 33   PHE A CB  1 
ATOM   176 C CG  . PHE A 1 34  ? 3.581   2.488   9.702   1.00 34.21 ? 33   PHE A CG  1 
ATOM   177 C CD1 . PHE A 1 34  ? 3.302   1.490   8.775   1.00 32.86 ? 33   PHE A CD1 1 
ATOM   178 C CD2 . PHE A 1 34  ? 3.296   2.257   11.072  1.00 41.39 ? 33   PHE A CD2 1 
ATOM   179 C CE1 . PHE A 1 34  ? 2.768   0.269   9.203   1.00 31.57 ? 33   PHE A CE1 1 
ATOM   180 C CE2 . PHE A 1 34  ? 2.765   1.042   11.497  1.00 41.13 ? 33   PHE A CE2 1 
ATOM   181 C CZ  . PHE A 1 34  ? 2.506   0.063   10.547  1.00 35.51 ? 33   PHE A CZ  1 
ATOM   182 N N   . ARG A 1 35  ? 4.044   6.953   9.065   1.00 30.87 ? 34   ARG A N   1 
ATOM   183 C CA  . ARG A 1 35  ? 4.771   8.178   8.714   1.00 29.60 ? 34   ARG A CA  1 
ATOM   184 C C   . ARG A 1 35  ? 5.947   8.280   9.684   1.00 32.80 ? 34   ARG A C   1 
ATOM   185 O O   . ARG A 1 35  ? 5.792   8.068   10.903  1.00 37.74 ? 34   ARG A O   1 
ATOM   186 C CB  . ARG A 1 35  ? 3.812   9.377   8.832   1.00 31.69 ? 34   ARG A CB  1 
ATOM   187 C CG  . ARG A 1 35  ? 4.473   10.677  8.407   1.00 31.45 ? 34   ARG A CG  1 
ATOM   188 C CD  . ARG A 1 35  ? 3.602   11.911  8.514   1.00 32.64 ? 34   ARG A CD  1 
ATOM   189 N NE  . ARG A 1 35  ? 4.515   13.007  8.110   1.00 41.76 ? 34   ARG A NE  1 
ATOM   190 C CZ  . ARG A 1 35  ? 5.341   13.677  8.940   1.00 43.64 ? 34   ARG A CZ  1 
ATOM   191 N NH1 . ARG A 1 35  ? 5.309   13.418  10.290  1.00 37.58 ? 34   ARG A NH1 1 
ATOM   192 N NH2 . ARG A 1 35  ? 6.169   14.624  8.429   1.00 37.87 ? 34   ARG A NH2 1 
ATOM   193 N N   . LYS A 1 36  ? 7.132   8.546   9.175   1.00 34.39 ? 35   LYS A N   1 
ATOM   194 C CA  . LYS A 1 36  ? 8.285   8.719   10.063  1.00 37.56 ? 35   LYS A CA  1 
ATOM   195 C C   . LYS A 1 36  ? 8.181   10.033  10.823  1.00 39.96 ? 35   LYS A C   1 
ATOM   196 O O   . LYS A 1 36  ? 8.100   11.100  10.222  1.00 38.98 ? 35   LYS A O   1 
ATOM   197 C CB  . LYS A 1 36  ? 9.591   8.630   9.316   1.00 41.07 ? 35   LYS A CB  1 
ATOM   198 C CG  . LYS A 1 36  ? 10.826  8.592   10.222  1.00 44.67 ? 35   LYS A CG  1 
ATOM   199 C CD  . LYS A 1 36  ? 12.122  8.565   9.442   1.00 54.32 ? 35   LYS A CD  1 
ATOM   200 C CE  . LYS A 1 36  ? 13.180  9.393   10.177  1.00 64.83 ? 35   LYS A CE  1 
ATOM   201 N NZ  . LYS A 1 36  ? 14.419  9.711   9.386   1.00 71.17 ? 35   LYS A NZ  1 
ATOM   202 N N   . ALA A 1 37  ? 8.179   9.933   12.153  1.00 43.19 ? 36   ALA A N   1 
ATOM   203 C CA  . ALA A 1 37  ? 8.101   11.082  13.061  1.00 45.91 ? 36   ALA A CA  1 
ATOM   204 C C   . ALA A 1 37  ? 9.496   11.721  13.278  1.00 47.85 ? 36   ALA A C   1 
ATOM   205 O O   . ALA A 1 37  ? 10.524  11.157  12.839  1.00 52.75 ? 36   ALA A O   1 
ATOM   206 C CB  . ALA A 1 37  ? 7.493   10.639  14.393  1.00 53.14 ? 36   ALA A CB  1 
ATOM   207 N N   . ALA A 1 38  ? 9.530   12.886  13.925  1.00 48.18 ? 37   ALA A N   1 
ATOM   208 C CA  . ALA A 1 38  ? 10.789  13.564  14.297  1.00 53.99 ? 37   ALA A CA  1 
ATOM   209 C C   . ALA A 1 38  ? 11.652  12.667  15.200  1.00 56.40 ? 37   ALA A C   1 
ATOM   210 O O   . ALA A 1 38  ? 12.880  12.749  15.236  1.00 60.50 ? 37   ALA A O   1 
ATOM   211 C CB  . ALA A 1 38  ? 10.498  14.911  14.997  1.00 57.31 ? 37   ALA A CB  1 
ATOM   212 N N   . ASP A 1 39  ? 10.960  11.800  15.922  1.00 60.15 ? 38   ASP A N   1 
ATOM   213 C CA  . ASP A 1 39  ? 11.548  10.750  16.738  1.00 62.45 ? 38   ASP A CA  1 
ATOM   214 C C   . ASP A 1 39  ? 12.572  9.874   15.996  1.00 62.54 ? 38   ASP A C   1 
ATOM   215 O O   . ASP A 1 39  ? 13.523  9.410   16.599  1.00 70.09 ? 38   ASP A O   1 
ATOM   216 C CB  . ASP A 1 39  ? 10.394  9.840   17.202  1.00 62.71 ? 38   ASP A CB  1 
ATOM   217 C CG  . ASP A 1 39  ? 10.413  9.579   18.699  1.00 64.60 ? 38   ASP A CG  1 
ATOM   218 O OD1 . ASP A 1 39  ? 10.955  10.440  19.430  1.00 71.44 ? 38   ASP A OD1 1 
ATOM   219 O OD2 . ASP A 1 39  ? 9.892   8.514   19.128  1.00 77.54 ? 38   ASP A OD2 1 
ATOM   220 N N   . ASP A 1 40  ? 12.368  9.704   14.682  1.00 59.45 ? 39   ASP A N   1 
ATOM   221 C CA  . ASP A 1 40  ? 12.840  8.577   13.870  1.00 58.29 ? 39   ASP A CA  1 
ATOM   222 C C   . ASP A 1 40  ? 12.106  7.305   14.354  1.00 59.75 ? 39   ASP A C   1 
ATOM   223 O O   . ASP A 1 40  ? 12.715  6.290   14.662  1.00 69.43 ? 39   ASP A O   1 
ATOM   224 C CB  . ASP A 1 40  ? 14.374  8.431   13.901  1.00 64.91 ? 39   ASP A CB  1 
ATOM   225 C CG  . ASP A 1 40  ? 14.881  7.260   13.024  1.00 69.11 ? 39   ASP A CG  1 
ATOM   226 O OD1 . ASP A 1 40  ? 14.079  6.412   12.526  1.00 81.05 ? 39   ASP A OD1 1 
ATOM   227 O OD2 . ASP A 1 40  ? 16.104  7.181   12.820  1.00 83.09 ? 39   ASP A OD2 1 
ATOM   228 N N   . THR A 1 41  ? 10.794  7.403   14.506  1.00 56.24 ? 40   THR A N   1 
ATOM   229 C CA  . THR A 1 41  ? 9.969   6.269   14.831  1.00 53.63 ? 40   THR A CA  1 
ATOM   230 C C   . THR A 1 41  ? 8.886   6.317   13.799  1.00 48.58 ? 40   THR A C   1 
ATOM   231 O O   . THR A 1 41  ? 8.655   7.380   13.200  1.00 49.39 ? 40   THR A O   1 
ATOM   232 C CB  . THR A 1 41  ? 9.329   6.348   16.239  1.00 56.09 ? 40   THR A CB  1 
ATOM   233 O OG1 . THR A 1 41  ? 8.571   7.555   16.393  1.00 63.22 ? 40   THR A OG1 1 
ATOM   234 C CG2 . THR A 1 41  ? 10.377  6.278   17.325  1.00 64.35 ? 40   THR A CG2 1 
ATOM   235 N N   . TRP A 1 42  ? 8.237   5.181   13.580  1.00 45.96 ? 41   TRP A N   1 
ATOM   236 C CA  . TRP A 1 42  ? 7.128   5.099   12.634  1.00 43.95 ? 41   TRP A CA  1 
ATOM   237 C C   . TRP A 1 42  ? 5.898   5.301   13.406  1.00 46.36 ? 41   TRP A C   1 
ATOM   238 O O   . TRP A 1 42  ? 5.652   4.548   14.344  1.00 54.97 ? 41   TRP A O   1 
ATOM   239 C CB  . TRP A 1 42  ? 7.062   3.728   12.025  1.00 44.04 ? 41   TRP A CB  1 
ATOM   240 C CG  . TRP A 1 42  ? 8.108   3.562   10.961  1.00 48.29 ? 41   TRP A CG  1 
ATOM   241 C CD1 . TRP A 1 42  ? 9.248   2.761   11.012  1.00 51.47 ? 41   TRP A CD1 1 
ATOM   242 C CD2 . TRP A 1 42  ? 8.168   4.253   9.667   1.00 44.06 ? 41   TRP A CD2 1 
ATOM   243 N NE1 . TRP A 1 42  ? 9.980   2.887   9.846   1.00 53.20 ? 41   TRP A NE1 1 
ATOM   244 C CE2 . TRP A 1 42  ? 9.383   3.778   8.999   1.00 46.88 ? 41   TRP A CE2 1 
ATOM   245 C CE3 . TRP A 1 42  ? 7.372   5.174   9.020   1.00 37.35 ? 41   TRP A CE3 1 
ATOM   246 C CZ2 . TRP A 1 42  ? 9.750   4.224   7.722   1.00 42.07 ? 41   TRP A CZ2 1 
ATOM   247 C CZ3 . TRP A 1 42  ? 7.769   5.626   7.750   1.00 37.12 ? 41   TRP A CZ3 1 
ATOM   248 C CH2 . TRP A 1 42  ? 8.929   5.158   7.125   1.00 34.70 ? 41   TRP A CH2 1 
ATOM   249 N N   . GLU A 1 43  ? 5.132   6.327   13.050  1.00 43.46 ? 42   GLU A N   1 
ATOM   250 C CA  . GLU A 1 43  ? 3.822   6.567   13.644  1.00 47.10 ? 42   GLU A CA  1 
ATOM   251 C C   . GLU A 1 43  ? 2.753   5.983   12.727  1.00 43.71 ? 42   GLU A C   1 
ATOM   252 O O   . GLU A 1 43  ? 2.826   6.131   11.504  1.00 41.83 ? 42   GLU A O   1 
ATOM   253 C CB  . GLU A 1 43  ? 3.555   8.079   13.921  1.00 47.36 ? 42   GLU A CB  1 
ATOM   254 C CG  . GLU A 1 43  ? 4.519   8.775   14.889  1.00 57.73 ? 42   GLU A CG  1 
ATOM   255 C CD  . GLU A 1 43  ? 4.470   8.280   16.357  1.00 66.34 ? 42   GLU A CD  1 
ATOM   256 O OE1 . GLU A 1 43  ? 3.890   7.185   16.640  1.00 78.84 ? 42   GLU A OE1 1 
ATOM   257 O OE2 . GLU A 1 43  ? 5.032   8.983   17.254  1.00 72.05 ? 42   GLU A OE2 1 
ATOM   258 N N   . PRO A 1 44  ? 1.741   5.325   13.304  1.00 45.60 ? 43   PRO A N   1 
ATOM   259 C CA  . PRO A 1 44  ? 0.670   4.853   12.458  1.00 40.91 ? 43   PRO A CA  1 
ATOM   260 C C   . PRO A 1 44  ? -0.196  6.003   11.888  1.00 39.86 ? 43   PRO A C   1 
ATOM   261 O O   . PRO A 1 44  ? -0.756  6.826   12.630  1.00 45.33 ? 43   PRO A O   1 
ATOM   262 C CB  . PRO A 1 44  ? -0.117  3.928   13.403  1.00 46.60 ? 43   PRO A CB  1 
ATOM   263 C CG  . PRO A 1 44  ? 0.880   3.582   14.479  1.00 48.49 ? 43   PRO A CG  1 
ATOM   264 C CD  . PRO A 1 44  ? 1.530   4.906   14.710  1.00 49.12 ? 43   PRO A CD  1 
ATOM   265 N N   . PHE A 1 45  ? -0.334  6.014   10.571  1.00 31.06 ? 44   PHE A N   1 
ATOM   266 C CA  . PHE A 1 45  ? -0.851  7.170   9.871   1.00 34.98 ? 44   PHE A CA  1 
ATOM   267 C C   . PHE A 1 45  ? -2.247  6.892   9.395   1.00 33.67 ? 44   PHE A C   1 
ATOM   268 O O   . PHE A 1 45  ? -3.119  7.718   9.587   1.00 37.87 ? 44   PHE A O   1 
ATOM   269 C CB  . PHE A 1 45  ? 0.103   7.563   8.714   1.00 34.45 ? 44   PHE A CB  1 
ATOM   270 C CG  . PHE A 1 45  ? -0.406  8.683   7.867   1.00 32.82 ? 44   PHE A CG  1 
ATOM   271 C CD1 . PHE A 1 45  ? -0.393  9.992   8.346   1.00 36.74 ? 44   PHE A CD1 1 
ATOM   272 C CD2 . PHE A 1 45  ? -0.951  8.433   6.624   1.00 31.19 ? 44   PHE A CD2 1 
ATOM   273 C CE1 . PHE A 1 45  ? -0.893  11.034  7.594   1.00 34.34 ? 44   PHE A CE1 1 
ATOM   274 C CE2 . PHE A 1 45  ? -1.435  9.494   5.843   1.00 31.34 ? 44   PHE A CE2 1 
ATOM   275 C CZ  . PHE A 1 45  ? -1.419  10.790  6.343   1.00 32.40 ? 44   PHE A CZ  1 
ATOM   276 N N   . ALA A 1 46  ? -2.479  5.723   8.805   1.00 31.69 ? 45   ALA A N   1 
ATOM   277 C CA  . ALA A 1 46  ? -3.755  5.356   8.204   1.00 35.74 ? 45   ALA A CA  1 
ATOM   278 C C   . ALA A 1 46  ? -3.709  3.894   7.816   1.00 32.71 ? 45   ALA A C   1 
ATOM   279 O O   . ALA A 1 46  ? -2.641  3.349   7.624   1.00 30.18 ? 45   ALA A O   1 
ATOM   280 C CB  . ALA A 1 46  ? -4.039  6.184   6.934   1.00 35.94 ? 45   ALA A CB  1 
ATOM   281 N N   . SER A 1 47  ? -4.874  3.287   7.671   1.00 31.62 ? 46   SER A N   1 
ATOM   282 C CA  . SER A 1 47  ? -5.004  1.850   7.301   1.00 30.70 ? 46   SER A CA  1 
ATOM   283 C C   . SER A 1 47  ? -6.409  1.538   6.766   1.00 32.69 ? 46   SER A C   1 
ATOM   284 O O   . SER A 1 47  ? -7.335  2.332   6.958   1.00 33.63 ? 46   SER A O   1 
ATOM   285 C CB  . SER A 1 47  ? -4.657  0.918   8.511   1.00 32.50 ? 46   SER A CB  1 
ATOM   286 O OG  . SER A 1 47  ? -5.406  1.148   9.696   1.00 32.43 ? 46   SER A OG  1 
ATOM   287 N N   . GLY A 1 48  ? -6.600  0.356   6.169   1.00 28.29 ? 47   GLY A N   1 
ATOM   288 C CA  . GLY A 1 48  ? -7.876  -0.051  5.631   1.00 32.75 ? 47   GLY A CA  1 
ATOM   289 C C   . GLY A 1 48  ? -7.730  -1.332  4.822   1.00 31.96 ? 47   GLY A C   1 
ATOM   290 O O   . GLY A 1 48  ? -6.644  -1.891  4.740   1.00 32.21 ? 47   GLY A O   1 
ATOM   291 N N   . LYS A 1 49  ? -8.799  -1.806  4.206   1.00 33.33 ? 48   LYS A N   1 
ATOM   292 C CA  . LYS A 1 49  ? -8.712  -3.010  3.390   1.00 35.29 ? 48   LYS A CA  1 
ATOM   293 C C   . LYS A 1 49  ? -9.176  -2.647  1.980   1.00 36.25 ? 48   LYS A C   1 
ATOM   294 O O   . LYS A 1 49  ? -10.103 -1.849  1.830   1.00 35.75 ? 48   LYS A O   1 
ATOM   295 C CB  . LYS A 1 49  ? -9.552  -4.158  3.957   1.00 40.59 ? 48   LYS A CB  1 
ATOM   296 C CG  . LYS A 1 49  ? -8.971  -4.768  5.236   1.00 41.64 ? 48   LYS A CG  1 
ATOM   297 C CD  . LYS A 1 49  ? -9.411  -6.183  5.542   1.00 47.83 ? 48   LYS A CD  1 
ATOM   298 C CE  . LYS A 1 49  ? -8.965  -6.541  6.969   1.00 45.36 ? 48   LYS A CE  1 
ATOM   299 N NZ  . LYS A 1 49  ? -9.360  -7.886  7.474   1.00 60.81 ? 48   LYS A NZ  1 
ATOM   300 N N   . THR A 1 50  ? -8.537  -3.235  0.972   1.00 33.39 ? 49   THR A N   1 
ATOM   301 C CA  . THR A 1 50  ? -8.902  -3.025  -0.443  1.00 33.26 ? 49   THR A CA  1 
ATOM   302 C C   . THR A 1 50  ? -10.338 -3.489  -0.745  1.00 35.92 ? 49   THR A C   1 
ATOM   303 O O   . THR A 1 50  ? -10.901 -4.350  -0.040  1.00 38.47 ? 49   THR A O   1 
ATOM   304 C CB  . THR A 1 50  ? -7.924  -3.759  -1.384  1.00 29.69 ? 49   THR A CB  1 
ATOM   305 O OG1 . THR A 1 50  ? -7.955  -5.171  -1.084  1.00 31.17 ? 49   THR A OG1 1 
ATOM   306 C CG2 . THR A 1 50  ? -6.539  -3.221  -1.252  1.00 26.89 ? 49   THR A CG2 1 
ATOM   307 N N   . SER A 1 51  ? -10.966 -2.893  -1.756  1.00 34.11 ? 50   SER A N   1 
ATOM   308 C CA  . SER A 1 51  ? -12.344 -3.234  -2.116  1.00 38.72 ? 50   SER A CA  1 
ATOM   309 C C   . SER A 1 51  ? -12.344 -4.319  -3.213  1.00 39.57 ? 50   SER A C   1 
ATOM   310 O O   . SER A 1 51  ? -11.275 -4.850  -3.549  1.00 32.68 ? 50   SER A O   1 
ATOM   311 C CB  . SER A 1 51  ? -13.001 -1.985  -2.670  1.00 46.26 ? 50   SER A CB  1 
ATOM   312 O OG  . SER A 1 51  ? -12.243 -1.664  -3.838  1.00 46.14 ? 50   SER A OG  1 
ATOM   313 N N   . GLU A 1 52  ? -13.532 -4.635  -3.768  1.00 41.26 ? 51   GLU A N   1 
ATOM   314 C CA  . GLU A 1 52  ? -13.659 -5.619  -4.805  1.00 42.40 ? 51   GLU A CA  1 
ATOM   315 C C   . GLU A 1 52  ? -12.852 -5.254  -6.044  1.00 39.37 ? 51   GLU A C   1 
ATOM   316 O O   . GLU A 1 52  ? -12.557 -6.104  -6.850  1.00 41.32 ? 51   GLU A O   1 
ATOM   317 C CB  . GLU A 1 52  ? -15.141 -5.944  -5.122  1.00 51.03 ? 51   GLU A CB  1 
ATOM   318 C CG  . GLU A 1 52  ? -15.664 -7.186  -4.392  1.00 57.87 ? 51   GLU A CG  1 
ATOM   319 C CD  . GLU A 1 52  ? -17.200 -7.380  -4.478  1.00 68.87 ? 51   GLU A CD  1 
ATOM   320 O OE1 . GLU A 1 52  ? -17.805 -7.251  -5.582  1.00 82.11 ? 51   GLU A OE1 1 
ATOM   321 O OE2 . GLU A 1 52  ? -17.828 -7.695  -3.429  1.00 90.57 ? 51   GLU A OE2 1 
ATOM   322 N N   . SER A 1 53  ? -12.453 -4.003  -6.183  1.00 39.73 ? 52   SER A N   1 
ATOM   323 C CA  . SER A 1 53  ? -11.680 -3.586  -7.348  1.00 38.09 ? 52   SER A CA  1 
ATOM   324 C C   . SER A 1 53  ? -10.170 -3.628  -7.056  1.00 34.68 ? 52   SER A C   1 
ATOM   325 O O   . SER A 1 53  ? -9.347  -3.308  -7.904  1.00 35.45 ? 52   SER A O   1 
ATOM   326 C CB  . SER A 1 53  ? -12.099 -2.189  -7.777  1.00 44.80 ? 52   SER A CB  1 
ATOM   327 O OG  . SER A 1 53  ? -11.801 -1.236  -6.754  1.00 53.25 ? 52   SER A OG  1 
ATOM   328 N N   . GLY A 1 54  ? -9.800  -4.016  -5.839  1.00 34.34 ? 53   GLY A N   1 
ATOM   329 C CA  . GLY A 1 54  ? -8.398  -4.094  -5.423  1.00 29.45 ? 53   GLY A CA  1 
ATOM   330 C C   . GLY A 1 54  ? -7.897  -2.731  -4.960  1.00 28.48 ? 53   GLY A C   1 
ATOM   331 O O   . GLY A 1 54  ? -6.734  -2.567  -4.710  1.00 27.31 ? 53   GLY A O   1 
ATOM   332 N N   . GLU A 1 55  ? -8.792  -1.757  -4.839  1.00 29.80 ? 54   GLU A N   1 
ATOM   333 C CA  . GLU A 1 55  ? -8.416  -0.378  -4.554  1.00 30.31 ? 54   GLU A CA  1 
ATOM   334 C C   . GLU A 1 55  ? -8.773  0.010   -3.124  1.00 29.51 ? 54   GLU A C   1 
ATOM   335 O O   . GLU A 1 55  ? -9.748  -0.441  -2.589  1.00 33.62 ? 54   GLU A O   1 
ATOM   336 C CB  . GLU A 1 55  ? -9.091  0.575   -5.582  1.00 33.34 ? 54   GLU A CB  1 
ATOM   337 C CG  . GLU A 1 55  ? -8.524  0.446   -7.010  1.00 36.18 ? 54   GLU A CG  1 
ATOM   338 C CD  . GLU A 1 55  ? -9.023  1.517   -7.986  1.00 44.95 ? 54   GLU A CD  1 
ATOM   339 O OE1 . GLU A 1 55  ? -9.153  2.683   -7.576  1.00 54.84 ? 54   GLU A OE1 1 
ATOM   340 O OE2 . GLU A 1 55  ? -9.248  1.207   -9.184  1.00 55.32 ? 54   GLU A OE2 1 
ATOM   341 N N   . LEU A 1 56  ? -7.987  0.881   -2.519  1.00 28.49 ? 55   LEU A N   1 
ATOM   342 C CA  . LEU A 1 56  ? -8.284  1.414   -1.218  1.00 29.77 ? 55   LEU A CA  1 
ATOM   343 C C   . LEU A 1 56  ? -8.238  2.922   -1.298  1.00 29.86 ? 55   LEU A C   1 
ATOM   344 O O   . LEU A 1 56  ? -7.176  3.483   -1.493  1.00 33.30 ? 55   LEU A O   1 
ATOM   345 C CB  . LEU A 1 56  ? -7.243  0.922   -0.213  1.00 28.73 ? 55   LEU A CB  1 
ATOM   346 C CG  . LEU A 1 56  ? -7.286  1.535   1.193   1.00 31.84 ? 55   LEU A CG  1 
ATOM   347 C CD1 . LEU A 1 56  ? -8.694  1.531   1.841   1.00 34.39 ? 55   LEU A CD1 1 
ATOM   348 C CD2 . LEU A 1 56  ? -6.286  0.788   2.031   1.00 32.23 ? 55   LEU A CD2 1 
ATOM   349 N N   . HIS A 1 57  ? -9.389  3.568   -1.126  1.00 31.56 ? 56   HIS A N   1 
ATOM   350 C CA  . HIS A 1 57  ? -9.521  5.034   -1.167  1.00 37.94 ? 56   HIS A CA  1 
ATOM   351 C C   . HIS A 1 57  ? -9.881  5.465   0.223   1.00 39.40 ? 56   HIS A C   1 
ATOM   352 O O   . HIS A 1 57  ? -10.262 4.633   1.050   1.00 44.86 ? 56   HIS A O   1 
ATOM   353 C CB  . HIS A 1 57  ? -10.682 5.455   -2.108  1.00 41.60 ? 56   HIS A CB  1 
ATOM   354 C CG  . HIS A 1 57  ? -10.505 4.974   -3.539  1.00 47.08 ? 56   HIS A CG  1 
ATOM   355 N ND1 . HIS A 1 57  ? -9.636  5.552   -4.395  1.00 48.84 ? 56   HIS A ND1 1 
ATOM   356 C CD2 . HIS A 1 57  ? -11.089 3.914   -4.230  1.00 48.43 ? 56   HIS A CD2 1 
ATOM   357 C CE1 . HIS A 1 57  ? -9.664  4.897   -5.584  1.00 47.55 ? 56   HIS A CE1 1 
ATOM   358 N NE2 . HIS A 1 57  ? -10.545 3.891   -5.485  1.00 45.22 ? 56   HIS A NE2 1 
ATOM   359 N N   . GLY A 1 58  ? -9.795  6.759   0.498   1.00 37.45 ? 57   GLY A N   1 
ATOM   360 C CA  . GLY A 1 58  ? -10.284 7.317   1.768   1.00 43.04 ? 57   GLY A CA  1 
ATOM   361 C C   . GLY A 1 58  ? -9.249  7.118   2.867   1.00 37.47 ? 57   GLY A C   1 
ATOM   362 O O   . GLY A 1 58  ? -9.564  7.247   4.013   1.00 44.01 ? 57   GLY A O   1 
ATOM   363 N N   . LEU A 1 59  ? -8.002  6.808   2.511   1.00 32.26 ? 58   LEU A N   1 
ATOM   364 C CA  . LEU A 1 59  ? -6.972  6.600   3.518   1.00 31.53 ? 58   LEU A CA  1 
ATOM   365 C C   . LEU A 1 59  ? -6.715  7.854   4.328   1.00 33.42 ? 58   LEU A C   1 
ATOM   366 O O   . LEU A 1 59  ? -6.532  7.783   5.537   1.00 36.90 ? 58   LEU A O   1 
ATOM   367 C CB  . LEU A 1 59  ? -5.667  6.127   2.884   1.00 31.88 ? 58   LEU A CB  1 
ATOM   368 C CG  . LEU A 1 59  ? -5.592  4.611   2.722   1.00 27.69 ? 58   LEU A CG  1 
ATOM   369 C CD1 . LEU A 1 59  ? -4.369  4.230   1.908   1.00 27.36 ? 58   LEU A CD1 1 
ATOM   370 C CD2 . LEU A 1 59  ? -5.579  3.889   4.081   1.00 32.31 ? 58   LEU A CD2 1 
ATOM   371 N N   . THR A 1 60  ? -6.723  9.002   3.657   1.00 36.26 ? 59   THR A N   1 
ATOM   372 C CA  . THR A 1 60  ? -6.370  10.251  4.297   1.00 37.35 ? 59   THR A CA  1 
ATOM   373 C C   . THR A 1 60  ? -7.027  11.474  3.606   1.00 40.28 ? 59   THR A C   1 
ATOM   374 O O   . THR A 1 60  ? -7.768  11.348  2.614   1.00 40.14 ? 59   THR A O   1 
ATOM   375 C CB  . THR A 1 60  ? -4.810  10.320  4.398   1.00 37.38 ? 59   THR A CB  1 
ATOM   376 O OG1 . THR A 1 60  ? -4.403  11.461  5.155   1.00 43.77 ? 59   THR A OG1 1 
ATOM   377 C CG2 . THR A 1 60  ? -4.120  10.330  3.003   1.00 33.64 ? 59   THR A CG2 1 
ATOM   378 N N   . THR A 1 61  ? -6.793  12.660  4.139   1.00 39.79 ? 60   THR A N   1 
ATOM   379 C CA  . THR A 1 61  ? -7.262  13.867  3.488   1.00 40.56 ? 60   THR A CA  1 
ATOM   380 C C   . THR A 1 61  ? -6.028  14.690  3.071   1.00 38.55 ? 60   THR A C   1 
ATOM   381 O O   . THR A 1 61  ? -4.921  14.493  3.572   1.00 35.70 ? 60   THR A O   1 
ATOM   382 C CB  . THR A 1 61  ? -8.061  14.686  4.468   1.00 45.33 ? 60   THR A CB  1 
ATOM   383 O OG1 . THR A 1 61  ? -7.200  15.008  5.556   1.00 42.28 ? 60   THR A OG1 1 
ATOM   384 C CG2 . THR A 1 61  ? -9.234  13.864  5.040   1.00 46.80 ? 60   THR A CG2 1 
ATOM   385 N N   . GLU A 1 62  ? -6.201  15.630  2.166   1.00 41.59 ? 61   GLU A N   1 
ATOM   386 C CA  . GLU A 1 62  ? -5.063  16.434  1.776   1.00 43.59 ? 61   GLU A CA  1 
ATOM   387 C C   . GLU A 1 62  ? -4.538  17.314  2.924   1.00 42.23 ? 61   GLU A C   1 
ATOM   388 O O   . GLU A 1 62  ? -3.370  17.686  2.902   1.00 40.12 ? 61   GLU A O   1 
ATOM   389 C CB  . GLU A 1 62  ? -5.389  17.290  0.557   1.00 50.79 ? 61   GLU A CB  1 
ATOM   390 C CG  . GLU A 1 62  ? -4.385  18.402  0.342   1.00 55.62 ? 61   GLU A CG  1 
ATOM   391 C CD  . GLU A 1 62  ? -4.330  18.813  -1.104  1.00 58.36 ? 61   GLU A CD  1 
ATOM   392 O OE1 . GLU A 1 62  ? -3.905  17.964  -1.933  1.00 75.00 ? 61   GLU A OE1 1 
ATOM   393 O OE2 . GLU A 1 62  ? -4.745  19.957  -1.398  1.00 67.63 ? 61   GLU A OE2 1 
ATOM   394 N N   . GLU A 1 63  ? -5.395  17.662  3.886   1.00 38.23 ? 62   GLU A N   1 
ATOM   395 C CA  . GLU A 1 63  ? -4.931  18.332  5.106   1.00 40.82 ? 62   GLU A CA  1 
ATOM   396 C C   . GLU A 1 63  ? -3.933  17.472  5.919   1.00 39.14 ? 62   GLU A C   1 
ATOM   397 O O   . GLU A 1 63  ? -2.904  17.960  6.375   1.00 42.05 ? 62   GLU A O   1 
ATOM   398 C CB  . GLU A 1 63  ? -6.131  18.779  5.945   1.00 44.39 ? 62   GLU A CB  1 
ATOM   399 C CG  . GLU A 1 63  ? -6.536  20.173  5.573   1.00 51.54 ? 62   GLU A CG  1 
ATOM   400 C CD  . GLU A 1 63  ? -8.043  20.412  5.449   1.00 60.99 ? 62   GLU A CD  1 
ATOM   401 O OE1 . GLU A 1 63  ? -8.752  20.528  6.499   1.00 64.37 ? 62   GLU A OE1 1 
ATOM   402 O OE2 . GLU A 1 63  ? -8.509  20.538  4.281   1.00 65.68 ? 62   GLU A OE2 1 
ATOM   403 N N   . GLU A 1 64  ? -4.221  16.192  6.088   1.00 36.72 ? 63   GLU A N   1 
ATOM   404 C CA  . GLU A 1 64  ? -3.370  15.318  6.908   1.00 37.23 ? 63   GLU A CA  1 
ATOM   405 C C   . GLU A 1 64  ? -2.156  14.796  6.211   1.00 33.48 ? 63   GLU A C   1 
ATOM   406 O O   . GLU A 1 64  ? -1.199  14.367  6.872   1.00 30.70 ? 63   GLU A O   1 
ATOM   407 C CB  . GLU A 1 64  ? -4.170  14.121  7.493   1.00 36.96 ? 63   GLU A CB  1 
ATOM   408 C CG  . GLU A 1 64  ? -5.199  14.568  8.561   1.00 43.35 ? 63   GLU A CG  1 
ATOM   409 C CD  . GLU A 1 64  ? -4.597  15.385  9.730   1.00 53.06 ? 63   GLU A CD  1 
ATOM   410 O OE1 . GLU A 1 64  ? -3.596  14.896  10.324  1.00 58.93 ? 63   GLU A OE1 1 
ATOM   411 O OE2 . GLU A 1 64  ? -5.120  16.511  10.088  1.00 53.22 ? 63   GLU A OE2 1 
ATOM   412 N N   . PHE A 1 65  ? -2.165  14.821  4.878   1.00 29.81 ? 64   PHE A N   1 
ATOM   413 C CA  . PHE A 1 65  ? -1.104  14.127  4.121   1.00 29.68 ? 64   PHE A CA  1 
ATOM   414 C C   . PHE A 1 65  ? 0.010   15.134  3.791   1.00 33.67 ? 64   PHE A C   1 
ATOM   415 O O   . PHE A 1 65  ? 0.045   15.702  2.693   1.00 34.67 ? 64   PHE A O   1 
ATOM   416 C CB  . PHE A 1 65  ? -1.679  13.529  2.832   1.00 29.19 ? 64   PHE A CB  1 
ATOM   417 C CG  . PHE A 1 65  ? -0.698  12.673  2.071   1.00 29.87 ? 64   PHE A CG  1 
ATOM   418 C CD1 . PHE A 1 65  ? 0.117   11.778  2.736   1.00 28.68 ? 64   PHE A CD1 1 
ATOM   419 C CD2 . PHE A 1 65  ? -0.634  12.732  0.693   1.00 34.99 ? 64   PHE A CD2 1 
ATOM   420 C CE1 . PHE A 1 65  ? 1.030   10.989  2.066   1.00 27.72 ? 64   PHE A CE1 1 
ATOM   421 C CE2 . PHE A 1 65  ? 0.252   11.914  -0.014  1.00 33.74 ? 64   PHE A CE2 1 
ATOM   422 C CZ  . PHE A 1 65  ? 1.092   11.037  0.679   1.00 33.36 ? 64   PHE A CZ  1 
ATOM   423 N N   . VAL A 1 66  ? 0.913   15.353  4.737   1.00 29.83 ? 65   VAL A N   1 
ATOM   424 C CA  . VAL A 1 66  ? 1.972   16.365  4.588   1.00 33.93 ? 65   VAL A CA  1 
ATOM   425 C C   . VAL A 1 66  ? 3.277   15.769  4.032   1.00 30.59 ? 65   VAL A C   1 
ATOM   426 O O   . VAL A 1 66  ? 3.416   14.540  3.958   1.00 30.96 ? 65   VAL A O   1 
ATOM   427 C CB  . VAL A 1 66  ? 2.304   16.996  5.969   1.00 34.10 ? 65   VAL A CB  1 
ATOM   428 C CG1 . VAL A 1 66  ? 1.128   17.789  6.514   1.00 38.75 ? 65   VAL A CG1 1 
ATOM   429 C CG2 . VAL A 1 66  ? 2.732   15.906  6.945   1.00 29.84 ? 65   VAL A CG2 1 
ATOM   430 N N   . GLU A 1 67  ? 4.236   16.627  3.647   1.00 30.65 ? 66   GLU A N   1 
ATOM   431 C CA  . GLU A 1 67  ? 5.617   16.199  3.359   1.00 34.04 ? 66   GLU A CA  1 
ATOM   432 C C   . GLU A 1 67  ? 6.097   15.245  4.434   1.00 34.07 ? 66   GLU A C   1 
ATOM   433 O O   . GLU A 1 67  ? 5.909   15.510  5.620   1.00 32.61 ? 66   GLU A O   1 
ATOM   434 C CB  . GLU A 1 67  ? 6.604   17.395  3.400   1.00 37.17 ? 66   GLU A CB  1 
ATOM   435 C CG  . GLU A 1 67  ? 6.762   18.182  2.116   1.00 46.26 ? 66   GLU A CG  1 
ATOM   436 C CD  . GLU A 1 67  ? 7.689   19.438  2.175   1.00 51.12 ? 66   GLU A CD  1 
ATOM   437 O OE1 . GLU A 1 67  ? 7.998   20.099  3.234   1.00 50.97 ? 66   GLU A OE1 1 
ATOM   438 O OE2 . GLU A 1 67  ? 8.093   19.820  1.077   1.00 63.30 ? 66   GLU A OE2 1 
ATOM   439 N N   . GLY A 1 68  ? 6.812   14.203  4.040   1.00 34.36 ? 67   GLY A N   1 
ATOM   440 C CA  . GLY A 1 68  ? 7.411   13.305  5.018   1.00 34.99 ? 67   GLY A CA  1 
ATOM   441 C C   . GLY A 1 68  ? 7.787   11.986  4.378   1.00 33.93 ? 67   GLY A C   1 
ATOM   442 O O   . GLY A 1 68  ? 7.708   11.843  3.173   1.00 31.59 ? 67   GLY A O   1 
ATOM   443 N N   . ILE A 1 69  ? 8.229   11.027  5.190   1.00 31.16 ? 68   ILE A N   1 
ATOM   444 C CA  . ILE A 1 69  ? 8.641   9.749   4.701   1.00 30.81 ? 68   ILE A CA  1 
ATOM   445 C C   . ILE A 1 69  ? 7.536   8.838   5.177   1.00 29.06 ? 68   ILE A C   1 
ATOM   446 O O   . ILE A 1 69  ? 7.168   8.861   6.367   1.00 29.54 ? 68   ILE A O   1 
ATOM   447 C CB  . ILE A 1 69  ? 10.042  9.331   5.241   1.00 33.39 ? 68   ILE A CB  1 
ATOM   448 C CG1 . ILE A 1 69  ? 11.115  10.317  4.752   1.00 39.30 ? 68   ILE A CG1 1 
ATOM   449 C CG2 . ILE A 1 69  ? 10.351  7.888   4.787   1.00 33.48 ? 68   ILE A CG2 1 
ATOM   450 C CD1 . ILE A 1 69  ? 12.240  10.608  5.721   1.00 46.43 ? 68   ILE A CD1 1 
ATOM   451 N N   . TYR A 1 70  ? 6.964   8.086   4.232   1.00 27.50 ? 69   TYR A N   1 
ATOM   452 C CA  . TYR A 1 70  ? 5.903   7.156   4.512   1.00 26.92 ? 69   TYR A CA  1 
ATOM   453 C C   . TYR A 1 70  ? 6.260   5.712   4.205   1.00 27.85 ? 69   TYR A C   1 
ATOM   454 O O   . TYR A 1 70  ? 7.077   5.423   3.346   1.00 30.66 ? 69   TYR A O   1 
ATOM   455 C CB  . TYR A 1 70  ? 4.646   7.555   3.753   1.00 27.59 ? 69   TYR A CB  1 
ATOM   456 C CG  . TYR A 1 70  ? 4.059   8.906   4.147   1.00 26.84 ? 69   TYR A CG  1 
ATOM   457 C CD1 . TYR A 1 70  ? 4.535   10.094  3.607   1.00 25.55 ? 69   TYR A CD1 1 
ATOM   458 C CD2 . TYR A 1 70  ? 3.043   8.983   5.089   1.00 29.65 ? 69   TYR A CD2 1 
ATOM   459 C CE1 . TYR A 1 70  ? 3.963   11.348  4.007   1.00 26.63 ? 69   TYR A CE1 1 
ATOM   460 C CE2 . TYR A 1 70  ? 2.474   10.186  5.458   1.00 28.58 ? 69   TYR A CE2 1 
ATOM   461 C CZ  . TYR A 1 70  ? 2.968   11.361  4.929   1.00 27.74 ? 69   TYR A CZ  1 
ATOM   462 O OH  . TYR A 1 70  ? 2.356   12.547  5.325   1.00 27.84 ? 69   TYR A OH  1 
ATOM   463 N N   . LYS A 1 71  ? 5.637   4.772   4.898   1.00 26.62 ? 70   LYS A N   1 
ATOM   464 C CA  . LYS A 1 71  ? 5.893   3.378   4.615   1.00 26.33 ? 70   LYS A CA  1 
ATOM   465 C C   . LYS A 1 71  ? 4.517   2.791   4.423   1.00 30.03 ? 70   LYS A C   1 
ATOM   466 O O   . LYS A 1 71  ? 3.638   2.965   5.276   1.00 29.93 ? 70   LYS A O   1 
ATOM   467 C CB  . LYS A 1 71  ? 6.569   2.726   5.832   1.00 29.05 ? 70   LYS A CB  1 
ATOM   468 C CG  . LYS A 1 71  ? 6.692   1.191   5.714   1.00 30.36 ? 70   LYS A CG  1 
ATOM   469 C CD  . LYS A 1 71  ? 7.604   0.592   6.767   1.00 40.08 ? 70   LYS A CD  1 
ATOM   470 C CE  . LYS A 1 71  ? 7.050   0.792   8.168   1.00 38.18 ? 70   LYS A CE  1 
ATOM   471 N NZ  . LYS A 1 71  ? 7.653   -0.165  9.184   1.00 53.14 ? 70   LYS A NZ  1 
ATOM   472 N N   . VAL A 1 72  ? 4.312   2.115   3.296   1.00 27.81 ? 71   VAL A N   1 
ATOM   473 C CA  . VAL A 1 72  ? 3.039   1.417   3.078   1.00 25.64 ? 71   VAL A CA  1 
ATOM   474 C C   . VAL A 1 72  ? 3.292   -0.092  3.187   1.00 26.98 ? 71   VAL A C   1 
ATOM   475 O O   . VAL A 1 72  ? 4.187   -0.625  2.491   1.00 30.96 ? 71   VAL A O   1 
ATOM   476 C CB  . VAL A 1 72  ? 2.457   1.759   1.721   1.00 27.16 ? 71   VAL A CB  1 
ATOM   477 C CG1 . VAL A 1 72  ? 1.166   0.995   1.522   1.00 33.38 ? 71   VAL A CG1 1 
ATOM   478 C CG2 . VAL A 1 72  ? 2.249   3.271   1.532   1.00 26.03 ? 71   VAL A CG2 1 
ATOM   479 N N   . GLU A 1 73  ? 2.564   -0.765  4.095   1.00 23.19 ? 72   GLU A N   1 
ATOM   480 C CA  . GLU A 1 73  ? 2.753   -2.191  4.362   1.00 27.49 ? 72   GLU A CA  1 
ATOM   481 C C   . GLU A 1 73  ? 1.453   -2.907  3.949   1.00 29.06 ? 72   GLU A C   1 
ATOM   482 O O   . GLU A 1 73  ? 0.361   -2.510  4.350   1.00 28.47 ? 72   GLU A O   1 
ATOM   483 C CB  . GLU A 1 73  ? 3.109   -2.361  5.841   1.00 31.79 ? 72   GLU A CB  1 
ATOM   484 C CG  . GLU A 1 73  ? 2.946   -3.737  6.438   1.00 41.21 ? 72   GLU A CG  1 
ATOM   485 C CD  . GLU A 1 73  ? 3.050   -3.696  7.966   1.00 51.95 ? 72   GLU A CD  1 
ATOM   486 O OE1 . GLU A 1 73  ? 3.956   -2.963  8.497   1.00 60.61 ? 72   GLU A OE1 1 
ATOM   487 O OE2 . GLU A 1 73  ? 2.221   -4.385  8.631   1.00 62.47 ? 72   GLU A OE2 1 
ATOM   488 N N   . ILE A 1 74  ? 1.573   -3.898  3.084   1.00 26.53 ? 73   ILE A N   1 
ATOM   489 C CA  . ILE A 1 74  ? 0.442   -4.621  2.554   1.00 27.89 ? 73   ILE A CA  1 
ATOM   490 C C   . ILE A 1 74  ? 0.527   -6.024  3.128   1.00 31.22 ? 73   ILE A C   1 
ATOM   491 O O   . ILE A 1 74  ? 1.483   -6.750  2.857   1.00 32.49 ? 73   ILE A O   1 
ATOM   492 C CB  . ILE A 1 74  ? 0.449   -4.603  1.009   1.00 25.68 ? 73   ILE A CB  1 
ATOM   493 C CG1 . ILE A 1 74  ? 0.452   -3.142  0.514   1.00 27.38 ? 73   ILE A CG1 1 
ATOM   494 C CG2 . ILE A 1 74  ? -0.744  -5.347  0.479   1.00 28.42 ? 73   ILE A CG2 1 
ATOM   495 C CD1 . ILE A 1 74  ? 0.616   -2.961  -0.963  1.00 28.92 ? 73   ILE A CD1 1 
ATOM   496 N N   . ASP A 1 75  ? -0.455  -6.413  3.923   1.00 28.78 ? 74   ASP A N   1 
ATOM   497 C CA  . ASP A 1 75  ? -0.369  -7.711  4.644   1.00 33.38 ? 74   ASP A CA  1 
ATOM   498 C C   . ASP A 1 75  ? -0.910  -8.862  3.776   1.00 38.66 ? 74   ASP A C   1 
ATOM   499 O O   . ASP A 1 75  ? -2.098  -9.125  3.720   1.00 47.27 ? 74   ASP A O   1 
ATOM   500 C CB  . ASP A 1 75  ? -1.014  -7.605  6.024   1.00 34.46 ? 74   ASP A CB  1 
ATOM   501 C CG  . ASP A 1 75  ? -0.542  -6.351  6.780   1.00 45.75 ? 74   ASP A CG  1 
ATOM   502 O OD1 . ASP A 1 75  ? 0.703   -6.182  6.980   1.00 47.16 ? 74   ASP A OD1 1 
ATOM   503 O OD2 . ASP A 1 75  ? -1.401  -5.523  7.180   1.00 61.58 ? 74   ASP A OD2 1 
ATOM   504 N N   . THR A 1 76  ? 0.017   -9.495  3.057   1.00 44.09 ? 75   THR A N   1 
ATOM   505 C CA  . THR A 1 76  ? -0.270  -10.312 1.859   1.00 40.93 ? 75   THR A CA  1 
ATOM   506 C C   . THR A 1 76  ? -0.302  -11.735 2.250   1.00 46.71 ? 75   THR A C   1 
ATOM   507 O O   . THR A 1 76  ? -0.872  -12.565 1.555   1.00 56.42 ? 75   THR A O   1 
ATOM   508 C CB  . THR A 1 76  ? 0.859   -10.186 0.818   1.00 40.28 ? 75   THR A CB  1 
ATOM   509 O OG1 . THR A 1 76  ? 2.092   -10.636 1.370   1.00 43.70 ? 75   THR A OG1 1 
ATOM   510 C CG2 . THR A 1 76  ? 1.068   -8.763  0.359   1.00 46.04 ? 75   THR A CG2 1 
ATOM   511 N N   . LYS A 1 77  ? 0.307   -12.033 3.397   1.00 52.21 ? 76   LYS A N   1 
ATOM   512 C CA  . LYS A 1 77  ? 0.433   -13.409 3.835   1.00 52.41 ? 76   LYS A CA  1 
ATOM   513 C C   . LYS A 1 77  ? -0.977  -13.971 4.195   1.00 51.21 ? 76   LYS A C   1 
ATOM   514 O O   . LYS A 1 77  ? -1.300  -15.092 3.786   1.00 57.08 ? 76   LYS A O   1 
ATOM   515 C CB  . LYS A 1 77  ? 1.455   -13.519 4.982   1.00 55.80 ? 76   LYS A CB  1 
ATOM   516 C CG  . LYS A 1 77  ? 1.818   -14.955 5.331   1.00 55.45 ? 76   LYS A CG  1 
ATOM   517 C CD  . LYS A 1 77  ? 2.714   -15.054 6.545   1.00 62.37 ? 76   LYS A CD  1 
ATOM   518 C CE  . LYS A 1 77  ? 2.274   -14.048 7.593   1.00 58.40 ? 76   LYS A CE  1 
ATOM   519 N NZ  . LYS A 1 77  ? 1.938   -14.793 8.816   1.00 74.07 ? 76   LYS A NZ  1 
ATOM   520 N N   . SER A 1 78  ? -1.810  -13.172 4.895   1.00 51.01 ? 77   SER A N   1 
ATOM   521 C CA  . SER A 1 78  ? -3.176  -13.579 5.230   1.00 51.36 ? 77   SER A CA  1 
ATOM   522 C C   . SER A 1 78  ? -3.949  -13.856 3.973   1.00 48.38 ? 77   SER A C   1 
ATOM   523 O O   . SER A 1 78  ? -4.619  -14.877 3.865   1.00 51.73 ? 77   SER A O   1 
ATOM   524 C CB  . SER A 1 78  ? -3.908  -12.495 6.012   1.00 57.28 ? 77   SER A CB  1 
ATOM   525 O OG  . SER A 1 78  ? -5.094  -13.037 6.581   1.00 66.93 ? 77   SER A OG  1 
ATOM   526 N N   . TYR A 1 79  ? -3.808  -12.935 3.011   1.00 50.10 ? 78   TYR A N   1 
ATOM   527 C CA  . TYR A 1 79  ? -4.500  -13.041 1.734   1.00 46.61 ? 78   TYR A CA  1 
ATOM   528 C C   . TYR A 1 79  ? -4.186  -14.368 1.021   1.00 46.08 ? 78   TYR A C   1 
ATOM   529 O O   . TYR A 1 79  ? -5.089  -15.021 0.557   1.00 47.50 ? 78   TYR A O   1 
ATOM   530 C CB  . TYR A 1 79  ? -4.141  -11.840 0.873   1.00 44.08 ? 78   TYR A CB  1 
ATOM   531 C CG  . TYR A 1 79  ? -4.622  -11.925 -0.536  1.00 38.86 ? 78   TYR A CG  1 
ATOM   532 C CD1 . TYR A 1 79  ? -5.912  -11.546 -0.869  1.00 40.76 ? 78   TYR A CD1 1 
ATOM   533 C CD2 . TYR A 1 79  ? -3.774  -12.386 -1.541  1.00 39.14 ? 78   TYR A CD2 1 
ATOM   534 C CE1 . TYR A 1 79  ? -6.355  -11.616 -2.184  1.00 37.18 ? 78   TYR A CE1 1 
ATOM   535 C CE2 . TYR A 1 79  ? -4.204  -12.471 -2.858  1.00 38.35 ? 78   TYR A CE2 1 
ATOM   536 C CZ  . TYR A 1 79  ? -5.496  -12.076 -3.164  1.00 35.94 ? 78   TYR A CZ  1 
ATOM   537 O OH  . TYR A 1 79  ? -5.896  -12.157 -4.464  1.00 40.90 ? 78   TYR A OH  1 
ATOM   538 N N   . TRP A 1 80  ? -2.898  -14.726 0.933   1.00 47.67 ? 79   TRP A N   1 
ATOM   539 C CA  . TRP A 1 80  ? -2.458  -15.937 0.286   1.00 42.35 ? 79   TRP A CA  1 
ATOM   540 C C   . TRP A 1 80  ? -2.932  -17.163 1.018   1.00 51.09 ? 79   TRP A C   1 
ATOM   541 O O   . TRP A 1 80  ? -3.348  -18.152 0.380   1.00 55.76 ? 79   TRP A O   1 
ATOM   542 C CB  . TRP A 1 80  ? -0.940  -15.990 0.199   1.00 43.46 ? 79   TRP A CB  1 
ATOM   543 C CG  . TRP A 1 80  ? -0.355  -15.048 -0.803  1.00 44.25 ? 79   TRP A CG  1 
ATOM   544 C CD1 . TRP A 1 80  ? 0.549   -14.005 -0.575  1.00 42.66 ? 79   TRP A CD1 1 
ATOM   545 C CD2 . TRP A 1 80  ? -0.644  -15.005 -2.230  1.00 39.22 ? 79   TRP A CD2 1 
ATOM   546 N NE1 . TRP A 1 80  ? 0.842   -13.366 -1.748  1.00 41.89 ? 79   TRP A NE1 1 
ATOM   547 C CE2 . TRP A 1 80  ? 0.153   -13.911 -2.779  1.00 40.33 ? 79   TRP A CE2 1 
ATOM   548 C CE3 . TRP A 1 80  ? -1.438  -15.754 -3.084  1.00 42.93 ? 79   TRP A CE3 1 
ATOM   549 C CZ2 . TRP A 1 80  ? 0.111   -13.577 -4.124  1.00 38.90 ? 79   TRP A CZ2 1 
ATOM   550 C CZ3 . TRP A 1 80  ? -1.477  -15.402 -4.438  1.00 44.99 ? 79   TRP A CZ3 1 
ATOM   551 C CH2 . TRP A 1 80  ? -0.709  -14.344 -4.939  1.00 41.38 ? 79   TRP A CH2 1 
ATOM   552 N N   . LYS A 1 81  ? -2.867  -17.160 2.352   1.00 52.47 ? 80   LYS A N   1 
ATOM   553 C CA  . LYS A 1 81  ? -3.485  -18.286 3.093   1.00 58.42 ? 80   LYS A CA  1 
ATOM   554 C C   . LYS A 1 81  ? -4.972  -18.435 2.725   1.00 58.33 ? 80   LYS A C   1 
ATOM   555 O O   . LYS A 1 81  ? -5.430  -19.546 2.473   1.00 66.48 ? 80   LYS A O   1 
ATOM   556 C CB  . LYS A 1 81  ? -3.327  -18.136 4.614   1.00 63.82 ? 80   LYS A CB  1 
ATOM   557 C CG  . LYS A 1 81  ? -1.883  -18.065 5.089   1.00 69.39 ? 80   LYS A CG  1 
ATOM   558 C CD  . LYS A 1 81  ? -1.333  -19.469 5.386   1.00 77.61 ? 80   LYS A CD  1 
ATOM   559 C CE  . LYS A 1 81  ? -0.085  -19.399 6.265   1.00 72.11 ? 80   LYS A CE  1 
ATOM   560 N NZ  . LYS A 1 81  ? -0.164  -18.103 6.985   1.00 76.09 ? 80   LYS A NZ  1 
ATOM   561 N N   . ALA A 1 82  ? -5.696  -17.316 2.638   1.00 54.10 ? 81   ALA A N   1 
ATOM   562 C CA  . ALA A 1 82  ? -7.144  -17.342 2.447   1.00 56.77 ? 81   ALA A CA  1 
ATOM   563 C C   . ALA A 1 82  ? -7.509  -17.830 1.050   1.00 57.83 ? 81   ALA A C   1 
ATOM   564 O O   . ALA A 1 82  ? -8.663  -18.179 0.796   1.00 68.93 ? 81   ALA A O   1 
ATOM   565 C CB  . ALA A 1 82  ? -7.731  -15.965 2.716   1.00 62.45 ? 81   ALA A CB  1 
ATOM   566 N N   . LEU A 1 83  ? -6.536  -17.854 0.136   1.00 58.22 ? 82   LEU A N   1 
ATOM   567 C CA  . LEU A 1 83  ? -6.769  -18.536 -1.171  1.00 56.25 ? 82   LEU A CA  1 
ATOM   568 C C   . LEU A 1 83  ? -6.157  -19.933 -1.262  1.00 57.16 ? 82   LEU A C   1 
ATOM   569 O O   . LEU A 1 83  ? -6.065  -20.518 -2.355  1.00 63.99 ? 82   LEU A O   1 
ATOM   570 C CB  . LEU A 1 83  ? -6.325  -17.677 -2.372  1.00 48.57 ? 82   LEU A CB  1 
ATOM   571 C CG  . LEU A 1 83  ? -6.931  -16.286 -2.481  1.00 48.92 ? 82   LEU A CG  1 
ATOM   572 C CD1 . LEU A 1 83  ? -6.101  -15.532 -3.485  1.00 53.69 ? 82   LEU A CD1 1 
ATOM   573 C CD2 . LEU A 1 83  ? -8.422  -16.271 -2.838  1.00 52.54 ? 82   LEU A CD2 1 
ATOM   574 N N   . GLY A 1 84  ? -5.732  -20.463 -0.128  1.00 58.53 ? 83   GLY A N   1 
ATOM   575 C CA  . GLY A 1 84  ? -5.287  -21.842 -0.051  1.00 56.28 ? 83   GLY A CA  1 
ATOM   576 C C   . GLY A 1 84  ? -3.790  -21.925 -0.274  1.00 56.14 ? 83   GLY A C   1 
ATOM   577 O O   . GLY A 1 84  ? -3.302  -23.012 -0.592  1.00 57.50 ? 83   GLY A O   1 
ATOM   578 N N   . ILE A 1 85  ? -3.070  -20.803 -0.079  1.00 56.02 ? 84   ILE A N   1 
ATOM   579 C CA  . ILE A 1 85  ? -1.604  -20.669 -0.436  1.00 57.06 ? 84   ILE A CA  1 
ATOM   580 C C   . ILE A 1 85  ? -0.624  -20.238 0.725   1.00 54.33 ? 84   ILE A C   1 
ATOM   581 O O   . ILE A 1 85  ? -0.844  -19.250 1.382   1.00 50.42 ? 84   ILE A O   1 
ATOM   582 C CB  . ILE A 1 85  ? -1.402  -19.718 -1.661  1.00 50.93 ? 84   ILE A CB  1 
ATOM   583 C CG1 . ILE A 1 85  ? -2.007  -20.294 -2.955  1.00 48.73 ? 84   ILE A CG1 1 
ATOM   584 C CG2 . ILE A 1 85  ? 0.075   -19.337 -1.903  1.00 51.02 ? 84   ILE A CG2 1 
ATOM   585 C CD1 . ILE A 1 85  ? -2.116  -19.237 -4.044  1.00 42.44 ? 84   ILE A CD1 1 
ATOM   586 N N   . SER A 1 86  ? 0.473   -20.987 0.920   1.00 57.89 ? 85   SER A N   1 
ATOM   587 C CA  . SER A 1 86  ? 1.470   -20.704 1.956   1.00 56.80 ? 85   SER A CA  1 
ATOM   588 C C   . SER A 1 86  ? 2.620   -19.884 1.330   1.00 57.53 ? 85   SER A C   1 
ATOM   589 O O   . SER A 1 86  ? 3.528   -20.430 0.683   1.00 66.65 ? 85   SER A O   1 
ATOM   590 C CB  . SER A 1 86  ? 1.971   -22.015 2.612   1.00 68.75 ? 85   SER A CB  1 
ATOM   591 O OG  . SER A 1 86  ? 3.026   -21.774 3.541   1.00 75.06 ? 85   SER A OG  1 
ATOM   592 N N   . PRO A 1 87  ? 2.597   -18.562 1.548   1.00 53.51 ? 86   PRO A N   1 
ATOM   593 C CA  . PRO A 1 87  ? 3.427   -17.691 0.743   1.00 51.41 ? 86   PRO A CA  1 
ATOM   594 C C   . PRO A 1 87  ? 4.795   -17.586 1.340   1.00 47.00 ? 86   PRO A C   1 
ATOM   595 O O   . PRO A 1 87  ? 5.167   -18.417 2.090   1.00 52.81 ? 86   PRO A O   1 
ATOM   596 C CB  . PRO A 1 87  ? 2.687   -16.350 0.837   1.00 54.61 ? 86   PRO A CB  1 
ATOM   597 C CG  . PRO A 1 87  ? 1.964   -16.400 2.182   1.00 53.20 ? 86   PRO A CG  1 
ATOM   598 C CD  . PRO A 1 87  ? 1.995   -17.835 2.683   1.00 57.79 ? 86   PRO A CD  1 
ATOM   599 N N   . PHE A 1 88  ? 5.531   -16.538 1.042   1.00 54.25 ? 87   PHE A N   1 
ATOM   600 C CA  . PHE A 1 88  ? 6.920   -16.524 1.441   1.00 52.74 ? 87   PHE A CA  1 
ATOM   601 C C   . PHE A 1 88  ? 7.209   -15.220 2.156   1.00 50.37 ? 87   PHE A C   1 
ATOM   602 O O   . PHE A 1 88  ? 7.874   -15.220 3.206   1.00 50.14 ? 87   PHE A O   1 
ATOM   603 C CB  . PHE A 1 88  ? 7.769   -16.688 0.187   1.00 54.16 ? 87   PHE A CB  1 
ATOM   604 C CG  . PHE A 1 88  ? 9.204   -16.270 0.345   1.00 53.71 ? 87   PHE A CG  1 
ATOM   605 C CD1 . PHE A 1 88  ? 10.134  -17.119 0.937   1.00 55.43 ? 87   PHE A CD1 1 
ATOM   606 C CD2 . PHE A 1 88  ? 9.630   -15.033 -0.157  1.00 52.11 ? 87   PHE A CD2 1 
ATOM   607 C CE1 . PHE A 1 88  ? 11.462  -16.744 1.035   1.00 57.01 ? 87   PHE A CE1 1 
ATOM   608 C CE2 . PHE A 1 88  ? 10.958  -14.630 -0.030  1.00 54.28 ? 87   PHE A CE2 1 
ATOM   609 C CZ  . PHE A 1 88  ? 11.874  -15.485 0.563   1.00 56.11 ? 87   PHE A CZ  1 
ATOM   610 N N   . HIS A 1 89  ? 6.702   -14.127 1.579   1.00 47.47 ? 88   HIS A N   1 
ATOM   611 C CA  . HIS A 1 89  ? 6.805   -12.821 2.242   1.00 46.68 ? 88   HIS A CA  1 
ATOM   612 C C   . HIS A 1 89  ? 5.851   -12.698 3.386   1.00 47.06 ? 88   HIS A C   1 
ATOM   613 O O   . HIS A 1 89  ? 4.706   -13.178 3.303   1.00 47.38 ? 88   HIS A O   1 
ATOM   614 C CB  . HIS A 1 89  ? 6.538   -11.654 1.298   1.00 46.22 ? 88   HIS A CB  1 
ATOM   615 C CG  . HIS A 1 89  ? 7.265   -11.751 0.007   1.00 45.36 ? 88   HIS A CG  1 
ATOM   616 N ND1 . HIS A 1 89  ? 6.647   -12.059 -1.124  1.00 52.01 ? 88   HIS A ND1 1 
ATOM   617 C CD2 . HIS A 1 89  ? 8.612   -11.553 -0.308  1.00 49.94 ? 88   HIS A CD2 1 
ATOM   618 C CE1 . HIS A 1 89  ? 7.549   -12.085 -2.137  1.00 58.89 ? 88   HIS A CE1 1 
ATOM   619 N NE2 . HIS A 1 89  ? 8.753   -11.777 -1.635  1.00 57.57 ? 88   HIS A NE2 1 
ATOM   620 N N   . GLU A 1 90  ? 6.313   -12.021 4.442   1.00 44.55 ? 89   GLU A N   1 
ATOM   621 C CA  . GLU A 1 90  ? 5.421   -11.594 5.493   1.00 49.79 ? 89   GLU A CA  1 
ATOM   622 C C   . GLU A 1 90  ? 4.457   -10.507 5.005   1.00 50.79 ? 89   GLU A C   1 
ATOM   623 O O   . GLU A 1 90  ? 3.268   -10.511 5.365   1.00 71.19 ? 89   GLU A O   1 
ATOM   624 C CB  . GLU A 1 90  ? 6.210   -11.185 6.732   1.00 51.74 ? 89   GLU A CB  1 
ATOM   625 C CG  . GLU A 1 90  ? 7.011   -12.374 7.227   1.00 59.15 ? 89   GLU A CG  1 
ATOM   626 C CD  . GLU A 1 90  ? 6.119   -13.452 7.815   1.00 62.96 ? 89   GLU A CD  1 
ATOM   627 O OE1 . GLU A 1 90  ? 5.250   -13.080 8.637   1.00 72.64 ? 89   GLU A OE1 1 
ATOM   628 O OE2 . GLU A 1 90  ? 6.276   -14.656 7.473   1.00 73.76 ? 89   GLU A OE2 1 
ATOM   629 N N   . HIS A 1 91  ? 4.961   -9.593  4.165   1.00 47.49 ? 90   HIS A N   1 
ATOM   630 C CA  . HIS A 1 91  ? 4.161   -8.596  3.513   1.00 40.71 ? 90   HIS A CA  1 
ATOM   631 C C   . HIS A 1 91  ? 4.957   -7.893  2.478   1.00 40.36 ? 90   HIS A C   1 
ATOM   632 O O   . HIS A 1 91  ? 6.151   -8.142  2.301   1.00 43.88 ? 90   HIS A O   1 
ATOM   633 C CB  . HIS A 1 91  ? 3.581   -7.583  4.508   1.00 51.46 ? 90   HIS A CB  1 
ATOM   634 C CG  . HIS A 1 91  ? 4.521   -7.160  5.592   1.00 49.61 ? 90   HIS A CG  1 
ATOM   635 N ND1 . HIS A 1 91  ? 5.515   -6.274  5.386   1.00 51.07 ? 90   HIS A ND1 1 
ATOM   636 C CD2 . HIS A 1 91  ? 4.581   -7.521  6.943   1.00 57.97 ? 90   HIS A CD2 1 
ATOM   637 C CE1 . HIS A 1 91  ? 6.178   -6.084  6.541   1.00 55.98 ? 90   HIS A CE1 1 
ATOM   638 N NE2 . HIS A 1 91  ? 5.608   -6.855  7.488   1.00 57.73 ? 90   HIS A NE2 1 
ATOM   639 N N   . ALA A 1 92  ? 4.290   -7.017  1.762   1.00 31.19 ? 91   ALA A N   1 
ATOM   640 C CA  . ALA A 1 92  ? 4.979   -6.136  0.850   1.00 35.10 ? 91   ALA A CA  1 
ATOM   641 C C   . ALA A 1 92  ? 5.088   -4.775  1.548   1.00 35.73 ? 91   ALA A C   1 
ATOM   642 O O   . ALA A 1 92  ? 4.149   -4.345  2.248   1.00 35.94 ? 91   ALA A O   1 
ATOM   643 C CB  . ALA A 1 92  ? 4.209   -6.041  -0.471  1.00 31.92 ? 91   ALA A CB  1 
ATOM   644 N N   . GLU A 1 93  ? 6.236   -4.118  1.411   1.00 31.67 ? 92   GLU A N   1 
ATOM   645 C CA  . GLU A 1 93  ? 6.492   -2.819  2.093   1.00 30.69 ? 92   GLU A CA  1 
ATOM   646 C C   . GLU A 1 93  ? 7.052   -1.920  0.998   1.00 38.60 ? 92   GLU A C   1 
ATOM   647 O O   . GLU A 1 93  ? 7.839   -2.406  0.080   1.00 39.42 ? 92   GLU A O   1 
ATOM   648 C CB  . GLU A 1 93  ? 7.558   -2.938  3.185   1.00 41.77 ? 92   GLU A CB  1 
ATOM   649 C CG  . GLU A 1 93  ? 7.182   -3.779  4.376   1.00 48.76 ? 92   GLU A CG  1 
ATOM   650 C CD  . GLU A 1 93  ? 7.670   -3.162  5.667   1.00 55.20 ? 92   GLU A CD  1 
ATOM   651 O OE1 . GLU A 1 93  ? 8.883   -3.317  5.995   1.00 57.43 ? 92   GLU A OE1 1 
ATOM   652 O OE2 . GLU A 1 93  ? 6.838   -2.505  6.365   1.00 69.98 ? 92   GLU A OE2 1 
ATOM   653 N N   . VAL A 1 94  ? 6.649   -0.656  1.062   1.00 30.79 ? 93   VAL A N   1 
ATOM   654 C CA  . VAL A 1 94  ? 7.096   0.394   0.138   1.00 27.90 ? 93   VAL A CA  1 
ATOM   655 C C   . VAL A 1 94  ? 7.410   1.614   1.021   1.00 28.58 ? 93   VAL A C   1 
ATOM   656 O O   . VAL A 1 94  ? 6.541   2.084   1.749   1.00 28.58 ? 93   VAL A O   1 
ATOM   657 C CB  . VAL A 1 94  ? 6.000   0.833   -0.867  1.00 29.95 ? 93   VAL A CB  1 
ATOM   658 C CG1 . VAL A 1 94  ? 6.575   1.832   -1.863  1.00 36.07 ? 93   VAL A CG1 1 
ATOM   659 C CG2 . VAL A 1 94  ? 5.428   -0.352  -1.626  1.00 35.89 ? 93   VAL A CG2 1 
ATOM   660 N N   . VAL A 1 95  ? 8.646   2.121   0.984   1.00 27.38 ? 94   VAL A N   1 
ATOM   661 C CA  . VAL A 1 95  ? 8.967   3.336   1.750   1.00 27.83 ? 94   VAL A CA  1 
ATOM   662 C C   . VAL A 1 95  ? 9.259   4.458   0.761   1.00 28.51 ? 94   VAL A C   1 
ATOM   663 O O   . VAL A 1 95  ? 10.036  4.243   -0.113  1.00 29.32 ? 94   VAL A O   1 
ATOM   664 C CB  . VAL A 1 95  ? 10.197  3.153   2.679   1.00 32.52 ? 94   VAL A CB  1 
ATOM   665 C CG1 . VAL A 1 95  ? 10.456  4.436   3.490   1.00 36.83 ? 94   VAL A CG1 1 
ATOM   666 C CG2 . VAL A 1 95  ? 9.996   2.010   3.654   1.00 34.11 ? 94   VAL A CG2 1 
ATOM   667 N N   . PHE A 1 96  ? 8.661   5.642   0.904   1.00 26.92 ? 95   PHE A N   1 
ATOM   668 C CA  . PHE A 1 96  ? 8.855   6.700   -0.085  1.00 27.22 ? 95   PHE A CA  1 
ATOM   669 C C   . PHE A 1 96  ? 8.745   8.035   0.589   1.00 28.96 ? 95   PHE A C   1 
ATOM   670 O O   . PHE A 1 96  ? 8.183   8.115   1.668   1.00 28.23 ? 95   PHE A O   1 
ATOM   671 C CB  . PHE A 1 96  ? 7.785   6.574   -1.205  1.00 27.72 ? 95   PHE A CB  1 
ATOM   672 C CG  . PHE A 1 96  ? 6.341   6.749   -0.728  1.00 26.48 ? 95   PHE A CG  1 
ATOM   673 C CD1 . PHE A 1 96  ? 5.631   5.685   -0.225  1.00 30.46 ? 95   PHE A CD1 1 
ATOM   674 C CD2 . PHE A 1 96  ? 5.692   7.974   -0.831  1.00 30.63 ? 95   PHE A CD2 1 
ATOM   675 C CE1 . PHE A 1 96  ? 4.328   5.834   0.245   1.00 31.70 ? 95   PHE A CE1 1 
ATOM   676 C CE2 . PHE A 1 96  ? 4.388   8.147   -0.408  1.00 32.48 ? 95   PHE A CE2 1 
ATOM   677 C CZ  . PHE A 1 96  ? 3.701   7.067   0.150   1.00 34.21 ? 95   PHE A CZ  1 
ATOM   678 N N   . THR A 1 97  ? 9.318   9.077   -0.016  1.00 29.44 ? 96   THR A N   1 
ATOM   679 C CA  . THR A 1 97  ? 9.098   10.458  0.434   1.00 33.01 ? 96   THR A CA  1 
ATOM   680 C C   . THR A 1 97  ? 7.976   11.081  -0.368  1.00 34.62 ? 96   THR A C   1 
ATOM   681 O O   . THR A 1 97  ? 7.944   10.926  -1.598  1.00 37.42 ? 96   THR A O   1 
ATOM   682 C CB  . THR A 1 97  ? 10.366  11.280  0.230   1.00 40.59 ? 96   THR A CB  1 
ATOM   683 O OG1 . THR A 1 97  ? 11.428  10.657  0.954   1.00 44.45 ? 96   THR A OG1 1 
ATOM   684 C CG2 . THR A 1 97  ? 10.207  12.719  0.735   1.00 43.72 ? 96   THR A CG2 1 
ATOM   685 N N   . ALA A 1 98  ? 7.085   11.796  0.321   1.00 33.07 ? 97   ALA A N   1 
ATOM   686 C CA  . ALA A 1 98  ? 5.872   12.336  -0.253  1.00 35.18 ? 97   ALA A CA  1 
ATOM   687 C C   . ALA A 1 98  ? 5.873   13.840  -0.189  1.00 44.61 ? 97   ALA A C   1 
ATOM   688 O O   . ALA A 1 98  ? 6.624   14.445  0.617   1.00 44.75 ? 97   ALA A O   1 
ATOM   689 C CB  . ALA A 1 98  ? 4.652   11.771  0.455   1.00 32.53 ? 97   ALA A CB  1 
ATOM   690 N N   . ASN A 1 99  ? 5.085   14.439  -1.104  1.00 43.42 ? 98   ASN A N   1 
ATOM   691 C CA  . ASN A 1 99  ? 4.823   15.872  -1.203  1.00 42.31 ? 98   ASN A CA  1 
ATOM   692 C C   . ASN A 1 99  ? 6.026   16.781  -1.132  1.00 45.32 ? 98   ASN A C   1 
ATOM   693 O O   . ASN A 1 99  ? 5.902   17.994  -0.898  1.00 52.07 ? 98   ASN A O   1 
ATOM   694 C CB  . ASN A 1 99  ? 3.705   16.269  -0.241  1.00 42.89 ? 98   ASN A CB  1 
ATOM   695 C CG  . ASN A 1 99  ? 2.461   15.415  -0.464  1.00 42.52 ? 98   ASN A CG  1 
ATOM   696 O OD1 . ASN A 1 99  ? 1.957   15.343  -1.592  1.00 43.78 ? 98   ASN A OD1 1 
ATOM   697 N ND2 . ASN A 1 99  ? 2.040   14.677  0.560   1.00 43.40 ? 98   ASN A ND2 1 
ATOM   698 N N   . ASP A 1 100 ? 7.194   16.209  -1.378  1.00 44.32 ? 99   ASP A N   1 
ATOM   699 C CA  . ASP A 1 100 ? 8.398   17.010  -1.299  1.00 52.46 ? 99   ASP A CA  1 
ATOM   700 C C   . ASP A 1 100 ? 8.288   18.278  -2.183  1.00 57.41 ? 99   ASP A C   1 
ATOM   701 O O   . ASP A 1 100 ? 8.728   19.374  -1.781  1.00 67.77 ? 99   ASP A O   1 
ATOM   702 C CB  . ASP A 1 100 ? 9.636   16.184  -1.685  1.00 55.82 ? 99   ASP A CB  1 
ATOM   703 C CG  . ASP A 1 100 ? 10.919  16.806  -1.163  1.00 59.86 ? 99   ASP A CG  1 
ATOM   704 O OD1 . ASP A 1 100 ? 11.223  16.595  0.032   1.00 75.87 ? 99   ASP A OD1 1 
ATOM   705 O OD2 . ASP A 1 100 ? 11.613  17.548  -1.915  1.00 76.40 ? 99   ASP A OD2 1 
ATOM   706 N N   . SER A 1 101 ? 7.685   18.143  -3.370  1.00 63.57 ? 100  SER A N   1 
ATOM   707 C CA  . SER A 1 101 ? 7.566   19.258  -4.362  1.00 61.14 ? 100  SER A CA  1 
ATOM   708 C C   . SER A 1 101 ? 6.216   20.033  -4.322  1.00 59.45 ? 100  SER A C   1 
ATOM   709 O O   . SER A 1 101 ? 5.810   20.626  -5.328  1.00 67.52 ? 100  SER A O   1 
ATOM   710 C CB  . SER A 1 101 ? 7.788   18.701  -5.783  1.00 66.71 ? 100  SER A CB  1 
ATOM   711 O OG  . SER A 1 101 ? 9.157   18.441  -6.038  1.00 75.92 ? 100  SER A OG  1 
ATOM   712 N N   . GLY A 1 102 ? 5.535   20.030  -3.176  1.00 59.63 ? 101  GLY A N   1 
ATOM   713 C CA  . GLY A 1 102 ? 4.115   20.450  -3.100  1.00 55.37 ? 101  GLY A CA  1 
ATOM   714 C C   . GLY A 1 102 ? 3.185   19.238  -3.171  1.00 53.26 ? 101  GLY A C   1 
ATOM   715 O O   . GLY A 1 102 ? 3.626   18.147  -3.549  1.00 58.33 ? 101  GLY A O   1 
ATOM   716 N N   . PRO A 1 103 ? 1.897   19.390  -2.784  1.00 51.62 ? 102  PRO A N   1 
ATOM   717 C CA  . PRO A 1 103 ? 0.981   18.227  -2.793  1.00 49.48 ? 102  PRO A CA  1 
ATOM   718 C C   . PRO A 1 103 ? 0.710   17.559  -4.138  1.00 47.89 ? 102  PRO A C   1 
ATOM   719 O O   . PRO A 1 103 ? 0.471   18.239  -5.142  1.00 53.64 ? 102  PRO A O   1 
ATOM   720 C CB  . PRO A 1 103 ? -0.320  18.786  -2.208  1.00 55.34 ? 102  PRO A CB  1 
ATOM   721 C CG  . PRO A 1 103 ? 0.146   19.829  -1.260  1.00 60.61 ? 102  PRO A CG  1 
ATOM   722 C CD  . PRO A 1 103 ? 1.384   20.453  -1.891  1.00 58.58 ? 102  PRO A CD  1 
ATOM   723 N N   . ARG A 1 104 ? 0.750   16.223  -4.126  1.00 44.57 ? 103  ARG A N   1 
ATOM   724 C CA  . ARG A 1 104 ? 0.451   15.434  -5.299  1.00 43.96 ? 103  ARG A CA  1 
ATOM   725 C C   . ARG A 1 104 ? -0.618  14.394  -4.982  1.00 40.07 ? 103  ARG A C   1 
ATOM   726 O O   . ARG A 1 104 ? -0.892  14.084  -3.823  1.00 41.53 ? 103  ARG A O   1 
ATOM   727 C CB  . ARG A 1 104 ? 1.717   14.711  -5.808  1.00 45.54 ? 103  ARG A CB  1 
ATOM   728 C CG  . ARG A 1 104 ? 2.964   15.565  -5.849  1.00 48.25 ? 103  ARG A CG  1 
ATOM   729 C CD  . ARG A 1 104 ? 3.013   16.323  -7.138  1.00 44.94 ? 103  ARG A CD  1 
ATOM   730 N NE  . ARG A 1 104 ? 3.950   17.434  -6.999  1.00 52.76 ? 103  ARG A NE  1 
ATOM   731 C CZ  . ARG A 1 104 ? 4.008   18.465  -7.823  1.00 61.30 ? 103  ARG A CZ  1 
ATOM   732 N NH1 . ARG A 1 104 ? 3.181   18.537  -8.865  1.00 70.79 ? 103  ARG A NH1 1 
ATOM   733 N NH2 . ARG A 1 104 ? 4.902   19.422  -7.607  1.00 70.85 ? 103  ARG A NH2 1 
ATOM   734 N N   . ARG A 1 105 ? -1.211  13.836  -6.031  1.00 38.92 ? 104  ARG A N   1 
ATOM   735 C CA  . ARG A 1 105 ? -1.998  12.634  -5.875  1.00 36.80 ? 104  ARG A CA  1 
ATOM   736 C C   . ARG A 1 105 ? -1.103  11.412  -6.169  1.00 35.15 ? 104  ARG A C   1 
ATOM   737 O O   . ARG A 1 105 ? -0.470  11.342  -7.224  1.00 37.89 ? 104  ARG A O   1 
ATOM   738 C CB  . ARG A 1 105 ? -3.190  12.718  -6.814  1.00 46.73 ? 104  ARG A CB  1 
ATOM   739 C CG  . ARG A 1 105 ? -4.292  13.669  -6.275  1.00 55.82 ? 104  ARG A CG  1 
ATOM   740 C CD  . ARG A 1 105 ? -5.600  13.626  -7.093  1.00 60.25 ? 104  ARG A CD  1 
ATOM   741 N NE  . ARG A 1 105 ? -6.179  12.262  -7.163  1.00 65.90 ? 104  ARG A NE  1 
ATOM   742 C CZ  . ARG A 1 105 ? -6.976  11.829  -8.145  1.00 60.18 ? 104  ARG A CZ  1 
ATOM   743 N NH1 . ARG A 1 105 ? -7.286  12.644  -9.149  1.00 78.61 ? 104  ARG A NH1 1 
ATOM   744 N NH2 . ARG A 1 105 ? -7.451  10.599  -8.139  1.00 64.21 ? 104  ARG A NH2 1 
ATOM   745 N N   . TYR A 1 106 ? -1.045  10.463  -5.222  1.00 33.22 ? 105  TYR A N   1 
ATOM   746 C CA  . TYR A 1 106 ? -0.152  9.288   -5.256  1.00 31.20 ? 105  TYR A CA  1 
ATOM   747 C C   . TYR A 1 106 ? -1.013  8.054   -5.286  1.00 34.01 ? 105  TYR A C   1 
ATOM   748 O O   . TYR A 1 106 ? -1.914  7.891   -4.414  1.00 36.13 ? 105  TYR A O   1 
ATOM   749 C CB  . TYR A 1 106 ? 0.709   9.168   -3.979  1.00 29.04 ? 105  TYR A CB  1 
ATOM   750 C CG  . TYR A 1 106 ? 1.778   10.206  -3.844  1.00 33.99 ? 105  TYR A CG  1 
ATOM   751 C CD1 . TYR A 1 106 ? 1.507   11.433  -3.252  1.00 34.60 ? 105  TYR A CD1 1 
ATOM   752 C CD2 . TYR A 1 106 ? 3.054   9.974   -4.334  1.00 33.44 ? 105  TYR A CD2 1 
ATOM   753 C CE1 . TYR A 1 106 ? 2.478   12.409  -3.141  1.00 36.27 ? 105  TYR A CE1 1 
ATOM   754 C CE2 . TYR A 1 106 ? 4.045   10.938  -4.219  1.00 35.63 ? 105  TYR A CE2 1 
ATOM   755 C CZ  . TYR A 1 106 ? 3.751   12.136  -3.630  1.00 35.99 ? 105  TYR A CZ  1 
ATOM   756 O OH  . TYR A 1 106 ? 4.697   13.092  -3.525  1.00 39.08 ? 105  TYR A OH  1 
ATOM   757 N N   . THR A 1 107 ? -0.763  7.196   -6.270  1.00 30.75 ? 106  THR A N   1 
ATOM   758 C CA  . THR A 1 107 ? -1.325  5.818   -6.270  1.00 32.06 ? 106  THR A CA  1 
ATOM   759 C C   . THR A 1 107 ? -0.154  4.896   -6.114  1.00 26.63 ? 106  THR A C   1 
ATOM   760 O O   . THR A 1 107 ? 0.739   4.925   -6.933  1.00 30.24 ? 106  THR A O   1 
ATOM   761 C CB  . THR A 1 107 ? -2.076  5.459   -7.575  1.00 31.48 ? 106  THR A CB  1 
ATOM   762 O OG1 . THR A 1 107 ? -3.282  6.257   -7.697  1.00 37.71 ? 106  THR A OG1 1 
ATOM   763 C CG2 . THR A 1 107 ? -2.454  3.975   -7.574  1.00 29.49 ? 106  THR A CG2 1 
ATOM   764 N N   . ILE A 1 108 ? -0.137  4.114   -5.037  1.00 26.99 ? 107  ILE A N   1 
ATOM   765 C CA  . ILE A 1 108 ? 0.908   3.123   -4.797  1.00 25.24 ? 107  ILE A CA  1 
ATOM   766 C C   . ILE A 1 108 ? 0.298   1.784   -5.193  1.00 25.95 ? 107  ILE A C   1 
ATOM   767 O O   . ILE A 1 108 ? -0.703  1.350   -4.634  1.00 25.92 ? 107  ILE A O   1 
ATOM   768 C CB  . ILE A 1 108 ? 1.257   3.057   -3.326  1.00 27.01 ? 107  ILE A CB  1 
ATOM   769 C CG1 . ILE A 1 108 ? 1.828   4.394   -2.832  1.00 33.17 ? 107  ILE A CG1 1 
ATOM   770 C CG2 . ILE A 1 108 ? 2.268   1.966   -3.058  1.00 29.47 ? 107  ILE A CG2 1 
ATOM   771 C CD1 . ILE A 1 108 ? 2.930   5.002   -3.661  1.00 33.30 ? 107  ILE A CD1 1 
ATOM   772 N N   . ALA A 1 109 ? 0.851   1.164   -6.210  1.00 24.97 ? 108  ALA A N   1 
ATOM   773 C CA  . ALA A 1 109 ? 0.266   -0.037  -6.744  1.00 23.56 ? 108  ALA A CA  1 
ATOM   774 C C   . ALA A 1 109 ? 1.220   -1.212  -6.498  1.00 25.82 ? 108  ALA A C   1 
ATOM   775 O O   . ALA A 1 109 ? 2.410   -1.052  -6.537  1.00 24.95 ? 108  ALA A O   1 
ATOM   776 C CB  . ALA A 1 109 ? 0.069   0.152   -8.233  1.00 29.01 ? 108  ALA A CB  1 
ATOM   777 N N   . ALA A 1 110 ? 0.665   -2.374  -6.221  1.00 23.30 ? 109  ALA A N   1 
ATOM   778 C CA  . ALA A 1 110 ? 1.442   -3.506  -5.947  1.00 21.40 ? 109  ALA A CA  1 
ATOM   779 C C   . ALA A 1 110 ? 0.919   -4.698  -6.703  1.00 22.22 ? 109  ALA A C   1 
ATOM   780 O O   . ALA A 1 110 ? -0.237  -4.936  -6.690  1.00 26.17 ? 109  ALA A O   1 
ATOM   781 C CB  . ALA A 1 110 ? 1.395   -3.782  -4.463  1.00 22.11 ? 109  ALA A CB  1 
ATOM   782 N N   . LEU A 1 111 ? 1.801   -5.476  -7.293  1.00 21.26 ? 110  LEU A N   1 
ATOM   783 C CA  . LEU A 1 111 ? 1.456   -6.664  -8.022  1.00 20.92 ? 110  LEU A CA  1 
ATOM   784 C C   . LEU A 1 111 ? 2.109   -7.815  -7.242  1.00 24.27 ? 110  LEU A C   1 
ATOM   785 O O   . LEU A 1 111 ? 3.349   -7.904  -7.110  1.00 25.50 ? 110  LEU A O   1 
ATOM   786 C CB  . LEU A 1 111 ? 2.068   -6.581  -9.416  1.00 23.88 ? 110  LEU A CB  1 
ATOM   787 C CG  . LEU A 1 111 ? 1.949   -7.713  -10.411 1.00 26.98 ? 110  LEU A CG  1 
ATOM   788 C CD1 . LEU A 1 111 ? 0.438   -7.942  -10.640 1.00 25.86 ? 110  LEU A CD1 1 
ATOM   789 C CD2 . LEU A 1 111 ? 2.663   -7.306  -11.712 1.00 27.89 ? 110  LEU A CD2 1 
ATOM   790 N N   . LEU A 1 112 ? 1.274   -8.728  -6.783  1.00 24.03 ? 111  LEU A N   1 
ATOM   791 C CA  . LEU A 1 112 ? 1.712   -9.826  -5.880  1.00 28.09 ? 111  LEU A CA  1 
ATOM   792 C C   . LEU A 1 112 ? 1.824   -11.230 -6.496  1.00 30.16 ? 111  LEU A C   1 
ATOM   793 O O   . LEU A 1 112 ? 0.940   -11.666 -7.220  1.00 28.27 ? 111  LEU A O   1 
ATOM   794 C CB  . LEU A 1 112 ? 0.691   -9.936  -4.743  1.00 28.13 ? 111  LEU A CB  1 
ATOM   795 C CG  . LEU A 1 112 ? 0.299   -8.670  -3.991  1.00 26.24 ? 111  LEU A CG  1 
ATOM   796 C CD1 . LEU A 1 112 ? -0.581  -9.056  -2.807  1.00 30.43 ? 111  LEU A CD1 1 
ATOM   797 C CD2 . LEU A 1 112 ? 1.524   -7.898  -3.502  1.00 27.77 ? 111  LEU A CD2 1 
ATOM   798 N N   . SER A 1 113 ? 2.852   -11.977 -6.117  1.00 30.97 ? 112  SER A N   1 
ATOM   799 C CA  . SER A 1 113 ? 3.003   -13.392 -6.483  1.00 30.52 ? 112  SER A CA  1 
ATOM   800 C C   . SER A 1 113 ? 3.566   -14.047 -5.239  1.00 30.75 ? 112  SER A C   1 
ATOM   801 O O   . SER A 1 113 ? 4.060   -13.322 -4.343  1.00 32.23 ? 112  SER A O   1 
ATOM   802 C CB  . SER A 1 113 ? 4.037   -13.577 -7.622  1.00 38.52 ? 112  SER A CB  1 
ATOM   803 O OG  . SER A 1 113 ? 3.577   -13.043 -8.914  1.00 40.65 ? 112  SER A OG  1 
ATOM   804 N N   . PRO A 1 114 ? 3.538   -15.411 -5.155  1.00 31.57 ? 113  PRO A N   1 
ATOM   805 C CA  . PRO A 1 114 ? 3.986   -15.982 -3.862  1.00 39.42 ? 113  PRO A CA  1 
ATOM   806 C C   . PRO A 1 114 ? 5.466   -15.639 -3.547  1.00 41.06 ? 113  PRO A C   1 
ATOM   807 O O   . PRO A 1 114 ? 5.773   -15.322 -2.400  1.00 43.10 ? 113  PRO A O   1 
ATOM   808 C CB  . PRO A 1 114 ? 3.762   -17.493 -4.039  1.00 43.95 ? 113  PRO A CB  1 
ATOM   809 C CG  . PRO A 1 114 ? 2.651   -17.589 -5.059  1.00 41.23 ? 113  PRO A CG  1 
ATOM   810 C CD  . PRO A 1 114 ? 2.928   -16.443 -6.010  1.00 36.51 ? 113  PRO A CD  1 
ATOM   811 N N   . TYR A 1 115 ? 6.355   -15.700 -4.548  1.00 33.70 ? 114  TYR A N   1 
ATOM   812 C CA  . TYR A 1 115 ? 7.775   -15.472 -4.312  1.00 34.70 ? 114  TYR A CA  1 
ATOM   813 C C   . TYR A 1 115 ? 8.305   -14.164 -4.862  1.00 32.93 ? 114  TYR A C   1 
ATOM   814 O O   . TYR A 1 115 ? 9.511   -13.909 -4.830  1.00 36.51 ? 114  TYR A O   1 
ATOM   815 C CB  . TYR A 1 115 ? 8.561   -16.602 -4.880  1.00 38.41 ? 114  TYR A CB  1 
ATOM   816 C CG  . TYR A 1 115 ? 8.446   -17.781 -3.974  1.00 44.25 ? 114  TYR A CG  1 
ATOM   817 C CD1 . TYR A 1 115 ? 9.271   -17.906 -2.893  1.00 49.85 ? 114  TYR A CD1 1 
ATOM   818 C CD2 . TYR A 1 115 ? 7.443   -18.718 -4.155  1.00 47.06 ? 114  TYR A CD2 1 
ATOM   819 C CE1 . TYR A 1 115 ? 9.169   -18.978 -2.021  1.00 55.79 ? 114  TYR A CE1 1 
ATOM   820 C CE2 . TYR A 1 115 ? 7.320   -19.806 -3.293  1.00 53.81 ? 114  TYR A CE2 1 
ATOM   821 C CZ  . TYR A 1 115 ? 8.190   -19.921 -2.232  1.00 53.12 ? 114  TYR A CZ  1 
ATOM   822 O OH  . TYR A 1 115 ? 8.074   -20.951 -1.369  1.00 60.76 ? 114  TYR A OH  1 
ATOM   823 N N   . SER A 1 116 ? 7.417   -13.292 -5.271  1.00 28.82 ? 115  SER A N   1 
ATOM   824 C CA  . SER A 1 116 ? 7.855   -12.071 -5.868  1.00 30.99 ? 115  SER A CA  1 
ATOM   825 C C   . SER A 1 116 ? 6.815   -10.978 -5.712  1.00 26.43 ? 115  SER A C   1 
ATOM   826 O O   . SER A 1 116 ? 5.633   -11.272 -5.552  1.00 26.46 ? 115  SER A O   1 
ATOM   827 C CB  . SER A 1 116 ? 8.017   -12.357 -7.374  1.00 36.66 ? 115  SER A CB  1 
ATOM   828 O OG  . SER A 1 116 ? 8.178   -11.130 -8.046  1.00 43.43 ? 115  SER A OG  1 
ATOM   829 N N   . TYR A 1 117 ? 7.254   -9.711  -5.757  1.00 27.10 ? 116  TYR A N   1 
ATOM   830 C CA  . TYR A 1 117 ? 6.354   -8.616  -5.971  1.00 27.24 ? 116  TYR A CA  1 
ATOM   831 C C   . TYR A 1 117 ? 6.958   -7.424  -6.612  1.00 25.81 ? 116  TYR A C   1 
ATOM   832 O O   . TYR A 1 117 ? 8.164   -7.241  -6.559  1.00 25.18 ? 116  TYR A O   1 
ATOM   833 C CB  . TYR A 1 117 ? 5.644   -8.147  -4.733  1.00 28.63 ? 116  TYR A CB  1 
ATOM   834 C CG  . TYR A 1 117 ? 6.465   -7.515  -3.674  1.00 32.52 ? 116  TYR A CG  1 
ATOM   835 C CD1 . TYR A 1 117 ? 7.023   -8.305  -2.654  1.00 35.45 ? 116  TYR A CD1 1 
ATOM   836 C CD2 . TYR A 1 117 ? 6.647   -6.127  -3.645  1.00 29.10 ? 116  TYR A CD2 1 
ATOM   837 C CE1 . TYR A 1 117 ? 7.735   -7.722  -1.604  1.00 39.30 ? 116  TYR A CE1 1 
ATOM   838 C CE2 . TYR A 1 117 ? 7.361   -5.506  -2.626  1.00 34.21 ? 116  TYR A CE2 1 
ATOM   839 C CZ  . TYR A 1 117 ? 7.915   -6.321  -1.601  1.00 37.73 ? 116  TYR A CZ  1 
ATOM   840 O OH  . TYR A 1 117 ? 8.582   -5.738  -0.574  1.00 43.58 ? 116  TYR A OH  1 
ATOM   841 N N   A SER A 1 118 ? 6.110   -6.611  -7.242  0.17 25.70 ? 117  SER A N   1 
ATOM   842 N N   B SER A 1 118 ? 6.112   -6.602  -7.218  0.21 25.50 ? 117  SER A N   1 
ATOM   843 N N   C SER A 1 118 ? 6.094   -6.606  -7.185  0.62 23.44 ? 117  SER A N   1 
ATOM   844 C CA  A SER A 1 118 ? 6.507   -5.356  -7.898  0.17 26.05 ? 117  SER A CA  1 
ATOM   845 C CA  B SER A 1 118 ? 6.545   -5.353  -7.831  0.21 25.96 ? 117  SER A CA  1 
ATOM   846 C CA  C SER A 1 118 ? 6.509   -5.358  -7.815  0.62 23.75 ? 117  SER A CA  1 
ATOM   847 C C   A SER A 1 118 ? 5.625   -4.235  -7.368  0.17 24.31 ? 117  SER A C   1 
ATOM   848 C C   B SER A 1 118 ? 5.635   -4.240  -7.353  0.21 24.25 ? 117  SER A C   1 
ATOM   849 C C   C SER A 1 118 ? 5.645   -4.255  -7.237  0.62 23.39 ? 117  SER A C   1 
ATOM   850 O O   A SER A 1 118 ? 4.421   -4.436  -7.188  0.17 24.80 ? 117  SER A O   1 
ATOM   851 O O   B SER A 1 118 ? 4.429   -4.449  -7.201  0.21 24.63 ? 117  SER A O   1 
ATOM   852 O O   C SER A 1 118 ? 4.490   -4.494  -6.876  0.62 23.23 ? 117  SER A O   1 
ATOM   853 C CB  A SER A 1 118 ? 6.352   -5.469  -9.423  0.17 26.84 ? 117  SER A CB  1 
ATOM   854 C CB  B SER A 1 118 ? 6.485   -5.457  -9.353  0.21 26.83 ? 117  SER A CB  1 
ATOM   855 C CB  C SER A 1 118 ? 6.294   -5.437  -9.328  0.62 24.27 ? 117  SER A CB  1 
ATOM   856 O OG  A SER A 1 118 ? 6.512   -4.218  -10.092 0.17 21.32 ? 117  SER A OG  1 
ATOM   857 O OG  B SER A 1 118 ? 5.178   -5.794  -9.779  0.21 20.31 ? 117  SER A OG  1 
ATOM   858 O OG  C SER A 1 118 ? 6.991   -6.537  -9.896  0.62 22.50 ? 117  SER A OG  1 
ATOM   859 N N   . THR A 1 119 ? 6.219   -3.071  -7.108  1.00 22.61 ? 118  THR A N   1 
ATOM   860 C CA  . THR A 1 119 ? 5.487   -1.949  -6.607  1.00 22.73 ? 118  THR A CA  1 
ATOM   861 C C   . THR A 1 119 ? 5.826   -0.740  -7.435  1.00 26.88 ? 118  THR A C   1 
ATOM   862 O O   . THR A 1 119 ? 6.938   -0.633  -7.936  1.00 24.26 ? 118  THR A O   1 
ATOM   863 C CB  . THR A 1 119 ? 5.784   -1.651  -5.149  1.00 26.96 ? 118  THR A CB  1 
ATOM   864 O OG1 . THR A 1 119 ? 5.049   -0.481  -4.806  1.00 35.28 ? 118  THR A OG1 1 
ATOM   865 C CG2 . THR A 1 119 ? 7.190   -1.268  -4.930  1.00 26.86 ? 118  THR A CG2 1 
ATOM   866 N N   . THR A 1 120 ? 4.859   0.167   -7.625  1.00 24.57 ? 119  THR A N   1 
ATOM   867 C CA  . THR A 1 120 ? 5.199   1.368   -8.428  1.00 25.52 ? 119  THR A CA  1 
ATOM   868 C C   . THR A 1 120 ? 4.398   2.504   -7.843  1.00 26.45 ? 119  THR A C   1 
ATOM   869 O O   . THR A 1 120 ? 3.368   2.287   -7.237  1.00 25.93 ? 119  THR A O   1 
ATOM   870 C CB  . THR A 1 120 ? 4.943   1.214   -9.963  1.00 31.07 ? 119  THR A CB  1 
ATOM   871 O OG1 . THR A 1 120 ? 5.573   2.331   -10.688 1.00 41.33 ? 119  THR A OG1 1 
ATOM   872 C CG2 . THR A 1 120 ? 3.459   1.168   -10.324 1.00 32.05 ? 119  THR A CG2 1 
ATOM   873 N N   . ALA A 1 121 ? 4.891   3.700   -7.978  1.00 28.51 ? 120  ALA A N   1 
ATOM   874 C CA  . ALA A 1 121 ? 4.078   4.899   -7.650  1.00 26.10 ? 120  ALA A CA  1 
ATOM   875 C C   . ALA A 1 121 ? 3.665   5.611   -8.920  1.00 33.65 ? 120  ALA A C   1 
ATOM   876 O O   . ALA A 1 121 ? 4.482   5.789   -9.854  1.00 34.02 ? 120  ALA A O   1 
ATOM   877 C CB  . ALA A 1 121 ? 4.875   5.842   -6.785  1.00 33.61 ? 120  ALA A CB  1 
ATOM   878 N N   . VAL A 1 122 ? 2.393   5.995   -8.993  1.00 32.04 ? 121  VAL A N   1 
ATOM   879 C CA  . VAL A 1 122 ? 1.903   6.811   -10.091 1.00 36.00 ? 121  VAL A CA  1 
ATOM   880 C C   . VAL A 1 122 ? 1.509   8.106   -9.416  1.00 32.19 ? 121  VAL A C   1 
ATOM   881 O O   . VAL A 1 122 ? 0.703   8.114   -8.478  1.00 34.08 ? 121  VAL A O   1 
ATOM   882 C CB  . VAL A 1 122 ? 0.702   6.139   -10.840 1.00 34.97 ? 121  VAL A CB  1 
ATOM   883 C CG1 . VAL A 1 122 ? 0.299   6.915   -12.091 1.00 38.15 ? 121  VAL A CG1 1 
ATOM   884 C CG2 . VAL A 1 122 ? 1.049   4.693   -11.134 1.00 41.51 ? 121  VAL A CG2 1 
ATOM   885 N N   . ILE A 1 123 ? 2.119   9.171   -9.883  1.00 30.92 ? 122  ILE A N   1 
ATOM   886 C CA  . ILE A 1 123 ? 2.073   10.501  -9.248  1.00 36.72 ? 122  ILE A CA  1 
ATOM   887 C C   . ILE A 1 123 ? 1.513   11.507  -10.246 1.00 43.13 ? 122  ILE A C   1 
ATOM   888 O O   . ILE A 1 123 ? 1.973   11.580  -11.368 1.00 44.63 ? 122  ILE A O   1 
ATOM   889 C CB  . ILE A 1 123 ? 3.490   10.904  -8.787  1.00 40.10 ? 122  ILE A CB  1 
ATOM   890 C CG1 . ILE A 1 123 ? 3.994   9.827   -7.822  1.00 37.80 ? 122  ILE A CG1 1 
ATOM   891 C CG2 . ILE A 1 123 ? 3.512   12.273  -8.134  1.00 43.21 ? 122  ILE A CG2 1 
ATOM   892 C CD1 . ILE A 1 123 ? 5.475   9.887   -7.527  1.00 37.26 ? 122  ILE A CD1 1 
ATOM   893 N N   . THR A 1 124 ? 0.494   12.249  -9.814  1.00 48.99 ? 123  THR A N   1 
ATOM   894 C CA  . THR A 1 124 ? -0.204  13.281  -10.596 1.00 50.29 ? 123  THR A CA  1 
ATOM   895 C C   . THR A 1 124 ? -0.248  14.595  -9.824  1.00 52.55 ? 123  THR A C   1 
ATOM   896 O O   . THR A 1 124 ? -0.405  14.561  -8.596  1.00 46.65 ? 123  THR A O   1 
ATOM   897 C CB  . THR A 1 124 ? -1.684  12.901  -10.754 1.00 55.01 ? 123  THR A CB  1 
ATOM   898 O OG1 . THR A 1 124 ? -1.782  11.623  -11.388 1.00 57.97 ? 123  THR A OG1 1 
ATOM   899 C CG2 . THR A 1 124 ? -2.436  13.986  -11.566 1.00 63.24 ? 123  THR A CG2 1 
HETATM 900 O O13 . TCW B 2 .   ? -1.410  -3.592  -13.667 0.50 35.84 ? 1124 TCW A O13 1 
HETATM 901 C C12 . TCW B 2 .   ? -1.156  -2.678  -12.911 0.50 30.26 ? 1124 TCW A C12 1 
HETATM 902 C C4  . TCW B 2 .   ? -2.201  -1.597  -12.869 0.50 33.00 ? 1124 TCW A C4  1 
HETATM 903 C C3  . TCW B 2 .   ? -3.482  -1.819  -13.406 0.50 32.16 ? 1124 TCW A C3  1 
HETATM 904 C C2  . TCW B 2 .   ? -4.441  -0.807  -13.350 0.50 32.35 ? 1124 TCW A C2  1 
HETATM 905 O O7  . TCW B 2 .   ? -5.697  -0.979  -13.870 0.50 49.54 ? 1124 TCW A O7  1 
HETATM 906 C C5  . TCW B 2 .   ? -1.913  -0.372  -12.278 0.50 36.67 ? 1124 TCW A C5  1 
HETATM 907 C C6  . TCW B 2 .   ? -2.879  0.645   -12.234 0.50 32.90 ? 1124 TCW A C6  1 
HETATM 908 N N9  . TCW B 2 .   ? -2.546  1.964   -11.598 0.50 37.26 ? 1124 TCW A N9  1 
HETATM 909 O O11 . TCW B 2 .   ? -3.369  2.863   -11.551 0.50 57.22 ? 1124 TCW A O11 1 
HETATM 910 O O10 . TCW B 2 .   ? -1.497  2.094   -11.171 0.50 37.63 ? 1124 TCW A O10 1 
HETATM 911 C C1  . TCW B 2 .   ? -4.159  0.440   -12.761 0.50 34.77 ? 1124 TCW A C1  1 
HETATM 912 O O8  . TCW B 2 .   ? -5.074  1.445   -12.695 0.50 50.94 ? 1124 TCW A O8  1 
HETATM 913 C C14 . TCW B 2 .   ? 0.120   -2.732  -12.111 0.50 33.96 ? 1124 TCW A C14 1 
HETATM 914 C C19 . TCW B 2 .   ? 1.369   -2.990  -12.710 0.50 46.89 ? 1124 TCW A C19 1 
HETATM 915 C C18 . TCW B 2 .   ? 2.570   -3.028  -11.977 0.50 32.95 ? 1124 TCW A C18 1 
HETATM 916 C C17 . TCW B 2 .   ? 2.565   -2.808  -10.599 0.50 29.22 ? 1124 TCW A C17 1 
HETATM 917 C C20 . TCW B 2 .   ? 3.820   -2.838  -9.783  0.50 22.18 ? 1124 TCW A C20 1 
HETATM 918 C C16 . TCW B 2 .   ? 1.331   -2.533  -10.014 0.50 32.94 ? 1124 TCW A C16 1 
HETATM 919 C C15 . TCW B 2 .   ? 0.140   -2.497  -10.742 0.50 32.27 ? 1124 TCW A C15 1 
HETATM 920 O O   . HOH C 3 .   ? -6.513  9.180   0.542   1.00 38.44 ? 2001 HOH A O   1 
HETATM 921 O O   . HOH C 3 .   ? 7.996   12.208  7.849   1.00 31.16 ? 2002 HOH A O   1 
HETATM 922 O O   . HOH C 3 .   ? 7.121   16.772  9.817   1.00 34.00 ? 2003 HOH A O   1 
HETATM 923 O O   . HOH C 3 .   ? 7.797   13.434  17.330  1.00 44.64 ? 2004 HOH A O   1 
HETATM 924 O O   . HOH C 3 .   ? -12.039 -0.277  0.401   1.00 42.50 ? 2005 HOH A O   1 
HETATM 925 O O   . HOH C 3 .   ? -11.928 1.964   -1.050  1.00 36.51 ? 2006 HOH A O   1 
HETATM 926 O O   . HOH C 3 .   ? -10.119 8.884   6.134   1.00 49.47 ? 2007 HOH A O   1 
HETATM 927 O O   . HOH C 3 .   ? -4.691  10.897  7.592   1.00 40.54 ? 2008 HOH A O   1 
HETATM 928 O O   . HOH C 3 .   ? -8.495  16.612  7.960   1.00 49.26 ? 2009 HOH A O   1 
HETATM 929 O O   . HOH C 3 .   ? -8.744  15.382  0.407   1.00 46.43 ? 2010 HOH A O   1 
HETATM 930 O O   . HOH C 3 .   ? -3.981  17.965  12.581  1.00 37.04 ? 2011 HOH A O   1 
HETATM 931 O O   . HOH C 3 .   ? 0.322   17.360  0.721   1.00 47.06 ? 2012 HOH A O   1 
HETATM 932 O O   . HOH C 3 .   ? 9.990   20.973  0.035   1.00 47.78 ? 2013 HOH A O   1 
HETATM 933 O O   . HOH C 3 .   ? -7.236  -11.907 6.057   1.00 54.79 ? 2014 HOH A O   1 
HETATM 934 O O   . HOH C 3 .   ? -7.650  -14.313 0.171   1.00 39.91 ? 2015 HOH A O   1 
HETATM 935 O O   . HOH C 3 .   ? 3.304   -11.474 -2.206  1.00 46.78 ? 2016 HOH A O   1 
HETATM 936 O O   . HOH C 3 .   ? 3.838   -13.904 0.025   1.00 58.84 ? 2017 HOH A O   1 
HETATM 937 O O   . HOH C 3 .   ? 8.385   -8.189  1.427   1.00 33.44 ? 2018 HOH A O   1 
HETATM 938 O O   . HOH C 3 .   ? 8.367   12.990  -3.431  1.00 44.36 ? 2019 HOH A O   1 
HETATM 939 O O   . HOH C 3 .   ? 6.472   16.166  -4.179  1.00 45.93 ? 2020 HOH A O   1 
HETATM 940 O O   . HOH C 3 .   ? 6.661   13.380  -5.385  1.00 41.03 ? 2021 HOH A O   1 
HETATM 941 O O   . HOH C 3 .   ? -5.218  5.994   -9.596  1.00 41.68 ? 2022 HOH A O   1 
HETATM 942 O O   . HOH C 3 .   ? 6.616   -9.232  -10.113 1.00 56.68 ? 2023 HOH A O   1 
# 
loop_
_atom_site_anisotrop.id 
_atom_site_anisotrop.type_symbol 
_atom_site_anisotrop.pdbx_label_atom_id 
_atom_site_anisotrop.pdbx_label_alt_id 
_atom_site_anisotrop.pdbx_label_comp_id 
_atom_site_anisotrop.pdbx_label_asym_id 
_atom_site_anisotrop.pdbx_label_seq_id 
_atom_site_anisotrop.pdbx_PDB_ins_code 
_atom_site_anisotrop.U[1][1] 
_atom_site_anisotrop.U[2][2] 
_atom_site_anisotrop.U[3][3] 
_atom_site_anisotrop.U[1][2] 
_atom_site_anisotrop.U[1][3] 
_atom_site_anisotrop.U[2][3] 
_atom_site_anisotrop.pdbx_auth_seq_id 
_atom_site_anisotrop.pdbx_auth_comp_id 
_atom_site_anisotrop.pdbx_auth_asym_id 
_atom_site_anisotrop.pdbx_auth_atom_id 
1   N N   . CYS A 11  ? 0.6138 0.4800 0.8055 0.3287  0.0187  -0.0700 10   CYS A N   
2   C CA  . CYS A 11  ? 0.4455 0.4665 0.7493 0.2380  0.0570  -0.0133 10   CYS A CA  
3   C C   . CYS A 11  ? 0.4541 0.5177 0.5842 0.1370  0.0323  -0.0415 10   CYS A C   
4   O O   . CYS A 11  ? 0.5618 0.4747 0.6276 0.1558  0.0093  -0.0960 10   CYS A O   
5   C CB  . CYS A 11  ? 0.4337 0.4786 0.8874 0.2678  -0.0279 -0.0549 10   CYS A CB  
6   S SG  . CYS A 11  ? 0.6923 0.6921 0.8172 0.2204  0.0434  0.1600  10   CYS A SG  
7   N N   . PRO A 12  ? 0.4804 0.4477 0.5631 0.1010  0.0561  -0.0201 11   PRO A N   
8   C CA  . PRO A 12  ? 0.4791 0.4125 0.5301 0.1520  0.0514  -0.0026 11   PRO A CA  
9   C C   . PRO A 12  ? 0.4852 0.3498 0.5398 0.0909  0.1078  0.0425  11   PRO A C   
10  O O   . PRO A 12  ? 0.4862 0.3729 0.4546 0.0845  0.1111  0.0435  11   PRO A O   
11  C CB  . PRO A 12  ? 0.4786 0.3939 0.5744 0.1713  0.1163  -0.0428 11   PRO A CB  
12  C CG  . PRO A 12  ? 0.5779 0.3623 0.5045 0.0654  0.0881  0.0175  11   PRO A CG  
13  C CD  . PRO A 12  ? 0.5787 0.5023 0.5301 0.1061  0.0482  -0.0356 11   PRO A CD  
14  N N   . LEU A 13  ? 0.3970 0.3474 0.4554 0.1032  0.1009  0.0356  12   LEU A N   
15  C CA  . LEU A 13  ? 0.2986 0.3289 0.4138 0.0789  0.1122  0.0002  12   LEU A CA  
16  C C   . LEU A 13  ? 0.4208 0.3506 0.4415 0.0283  0.1248  0.0098  12   LEU A C   
17  O O   . LEU A 13  ? 0.3411 0.4400 0.5826 0.0108  0.1579  -0.0109 12   LEU A O   
18  C CB  . LEU A 13  ? 0.4384 0.3330 0.4447 0.0862  0.0673  -0.0066 12   LEU A CB  
19  C CG  . LEU A 13  ? 0.4009 0.4057 0.4066 0.0855  0.0829  0.0586  12   LEU A CG  
20  C CD1 . LEU A 13  ? 0.3461 0.3505 0.3275 0.0223  0.0826  0.0886  12   LEU A CD1 
21  C CD2 . LEU A 13  ? 0.4606 0.4075 0.4326 0.0278  0.0015  0.0543  12   LEU A CD2 
22  N N   . MET A 14  ? 0.3147 0.3615 0.3821 0.0480  0.0694  0.0175  13   MET A N   
23  C CA  A MET A 14  ? 0.3605 0.3712 0.3956 0.0506  0.0607  0.0242  13   MET A CA  
24  C CA  B MET A 14  ? 0.3499 0.3605 0.4144 0.0512  0.0481  0.0205  13   MET A CA  
25  C C   . MET A 14  ? 0.3295 0.3780 0.4191 0.0662  0.0788  0.0763  13   MET A C   
26  O O   . MET A 14  ? 0.3538 0.3743 0.4397 0.0034  0.0983  0.0883  13   MET A O   
27  C CB  A MET A 14  ? 0.3274 0.4058 0.4826 0.0299  0.0245  0.0161  13   MET A CB  
28  C CB  B MET A 14  ? 0.4074 0.3844 0.4554 0.0645  0.0016  0.0393  13   MET A CB  
29  C CG  A MET A 14  ? 0.4051 0.4371 0.5044 0.0759  0.1039  -0.0051 13   MET A CG  
30  C CG  B MET A 14  ? 0.3764 0.3758 0.4449 0.0918  0.0286  -0.0030 13   MET A CG  
31  S SD  A MET A 14  ? 0.6383 0.4857 0.7478 0.1004  -0.0127 0.0564  13   MET A SD  
32  S SD  B MET A 14  ? 0.3110 0.3269 0.4290 0.0964  0.0105  0.0270  13   MET A SD  
33  C CE  A MET A 14  ? 0.5955 0.3418 0.7608 0.1238  0.0443  -0.0807 13   MET A CE  
34  C CE  B MET A 14  ? 0.3456 0.3723 0.4280 0.0628  -0.1135 0.0156  13   MET A CE  
35  N N   . VAL A 15  ? 0.2515 0.3731 0.3752 0.0031  0.0670  0.0121  14   VAL A N   
36  C CA  . VAL A 15  ? 0.2626 0.3347 0.3799 0.0228  0.0228  0.0294  14   VAL A CA  
37  C C   . VAL A 15  ? 0.2804 0.4385 0.4101 0.0117  0.0861  -0.0397 14   VAL A C   
38  O O   . VAL A 15  ? 0.2598 0.4054 0.3956 0.0305  0.0696  -0.0119 14   VAL A O   
39  C CB  . VAL A 15  ? 0.3818 0.2940 0.3955 0.0283  0.0156  0.0117  14   VAL A CB  
40  C CG1 . VAL A 15  ? 0.3026 0.2576 0.3301 0.0030  0.0747  -0.0301 14   VAL A CG1 
41  C CG2 . VAL A 15  ? 0.2590 0.3958 0.3725 -0.0074 0.0664  -0.0271 14   VAL A CG2 
42  N N   . LYS A 16  ? 0.1495 0.3336 0.3530 0.0875  0.0372  0.0402  15   LYS A N   
43  C CA  . LYS A 16  ? 0.2328 0.3530 0.3628 0.0485  0.0492  0.0277  15   LYS A CA  
44  C C   . LYS A 16  ? 0.2616 0.3038 0.3567 0.0262  0.0410  0.0442  15   LYS A C   
45  O O   . LYS A 16  ? 0.2473 0.3145 0.3531 -0.0100 0.0031  0.0432  15   LYS A O   
46  C CB  . LYS A 16  ? 0.2910 0.3692 0.3968 0.0532  -0.0213 0.0846  15   LYS A CB  
47  C CG  . LYS A 16  ? 0.5246 0.3728 0.4111 0.0372  -0.0795 0.0746  15   LYS A CG  
48  C CD  . LYS A 16  ? 0.4899 0.5080 0.3933 0.0413  -0.0943 0.0565  15   LYS A CD  
49  C CE  . LYS A 16  ? 0.3005 0.4688 0.4950 0.1132  -0.0694 0.0230  15   LYS A CE  
50  N NZ  . LYS A 16  ? 0.5063 0.7450 0.4691 0.0407  -0.0578 0.0745  15   LYS A NZ  
51  N N   . VAL A 17  ? 0.2714 0.3081 0.2787 0.0050  0.0336  0.0591  16   VAL A N   
52  C CA  . VAL A 17  ? 0.2752 0.2885 0.3149 -0.0016 0.0448  0.0182  16   VAL A CA  
53  C C   . VAL A 17  ? 0.3031 0.3631 0.3290 -0.0102 0.0181  0.0064  16   VAL A C   
54  O O   . VAL A 17  ? 0.2984 0.3483 0.3082 -0.0264 0.0102  -0.0129 16   VAL A O   
55  C CB  . VAL A 17  ? 0.2713 0.2532 0.3389 -0.0114 -0.0318 0.0430  16   VAL A CB  
56  C CG1 . VAL A 17  ? 0.3003 0.2562 0.2769 -0.0044 0.0042  0.0586  16   VAL A CG1 
57  C CG2 . VAL A 17  ? 0.3216 0.2967 0.2694 0.0094  0.0464  0.0253  16   VAL A CG2 
58  N N   . LEU A 18  ? 0.3041 0.3466 0.2833 -0.0324 0.0302  0.0294  17   LEU A N   
59  C CA  . LEU A 18  ? 0.3319 0.3107 0.3375 -0.0386 0.0319  0.0134  17   LEU A CA  
60  C C   . LEU A 18  ? 0.3370 0.3281 0.3424 -0.0083 -0.0152 0.0292  17   LEU A C   
61  O O   . LEU A 18  ? 0.3315 0.3300 0.3347 -0.0600 0.0146  0.0524  17   LEU A O   
62  C CB  . LEU A 18  ? 0.2929 0.3451 0.2825 0.0043  0.0188  -0.0127 17   LEU A CB  
63  C CG  . LEU A 18  ? 0.3348 0.3951 0.3402 -0.0040 0.0039  0.0612  17   LEU A CG  
64  C CD1 . LEU A 18  ? 0.4527 0.4334 0.3435 0.0270  -0.0036 0.1201  17   LEU A CD1 
65  C CD2 . LEU A 18  ? 0.3315 0.5140 0.3546 0.0175  0.0066  0.0337  17   LEU A CD2 
66  N N   . ASP A 19  ? 0.3364 0.3679 0.3962 -0.0381 -0.0035 0.0325  18   ASP A N   
67  C CA  . ASP A 19  ? 0.4079 0.3208 0.4160 -0.0560 0.0084  -0.0103 18   ASP A CA  
68  C C   . ASP A 19  ? 0.3862 0.4066 0.3968 -0.0549 -0.0206 -0.0100 18   ASP A C   
69  O O   . ASP A 19  ? 0.3892 0.3751 0.3945 -0.0470 -0.0347 -0.0198 18   ASP A O   
70  C CB  . ASP A 19  ? 0.4242 0.3818 0.4073 -0.0725 -0.0482 0.0756  18   ASP A CB  
71  C CG  . ASP A 19  ? 0.5059 0.3907 0.4003 -0.0739 -0.0051 0.0375  18   ASP A CG  
72  O OD1 . ASP A 19  ? 0.4846 0.4950 0.4463 -0.0510 -0.0565 0.0059  18   ASP A OD1 
73  O OD2 . ASP A 19  ? 0.5427 0.4896 0.4361 -0.1210 0.0301  0.0291  18   ASP A OD2 
74  N N   . ALA A 20  ? 0.3684 0.2583 0.3519 -0.0012 -0.0308 0.0441  19   ALA A N   
75  C CA  . ALA A 20  ? 0.3728 0.3573 0.3384 -0.0094 -0.0632 0.0114  19   ALA A CA  
76  C C   . ALA A 20  ? 0.3592 0.4033 0.4122 -0.0468 -0.0325 -0.0013 19   ALA A C   
77  O O   . ALA A 20  ? 0.4557 0.4410 0.4344 -0.0809 -0.0510 0.0373  19   ALA A O   
78  C CB  . ALA A 20  ? 0.3666 0.3933 0.4263 -0.0258 -0.0108 0.0101  19   ALA A CB  
79  N N   . VAL A 21  ? 0.3670 0.3992 0.4201 -0.0493 -0.1156 0.0620  20   VAL A N   
80  C CA  . VAL A 21  ? 0.4547 0.3501 0.4018 -0.0274 -0.0366 -0.0324 20   VAL A CA  
81  C C   . VAL A 21  ? 0.4913 0.3844 0.4231 -0.0782 -0.0380 -0.0779 20   VAL A C   
82  O O   . VAL A 21  ? 0.3940 0.4306 0.4204 -0.0509 0.0460  -0.1271 20   VAL A O   
83  C CB  . VAL A 21  ? 0.5545 0.3322 0.4817 -0.0467 -0.0755 0.0505  20   VAL A CB  
84  C CG1 . VAL A 21  ? 0.5712 0.3348 0.5225 -0.0390 -0.0331 0.0201  20   VAL A CG1 
85  C CG2 . VAL A 21  ? 0.6325 0.4641 0.4979 -0.0911 -0.1306 0.0357  20   VAL A CG2 
86  N N   . ARG A 22  ? 0.4768 0.3930 0.4708 -0.0440 -0.0308 0.0216  21   ARG A N   
87  C CA  . ARG A 22  ? 0.4715 0.4254 0.4462 -0.0610 -0.0029 -0.0138 21   ARG A CA  
88  C C   . ARG A 22  ? 0.4473 0.3913 0.4265 -0.0656 -0.0088 -0.0747 21   ARG A C   
89  O O   . ARG A 22  ? 0.4808 0.4909 0.4394 -0.0839 -0.0276 -0.0408 21   ARG A O   
90  C CB  . ARG A 22  ? 0.4909 0.5334 0.5255 -0.0168 0.0294  0.0113  21   ARG A CB  
91  C CG  . ARG A 22  ? 0.6809 0.5801 0.6170 -0.0860 0.0621  0.0704  21   ARG A CG  
92  C CD  . ARG A 22  ? 0.8075 0.6348 0.6592 -0.0493 0.1208  -0.0242 21   ARG A CD  
93  N NE  . ARG A 22  ? 0.6823 0.6581 0.7638 -0.0462 0.1224  -0.0637 21   ARG A NE  
94  C CZ  . ARG A 22  ? 0.6670 0.5420 0.7862 -0.0943 0.0040  -0.0138 21   ARG A CZ  
95  N NH1 . ARG A 22  ? 0.7239 0.8197 0.6719 -0.0206 -0.0828 0.0248  21   ARG A NH1 
96  N NH2 . ARG A 22  ? 0.8475 0.6536 0.8016 0.0876  -0.0481 -0.1110 21   ARG A NH2 
97  N N   . GLY A 23  ? 0.3702 0.3914 0.4647 -0.0203 0.0281  0.0074  22   GLY A N   
98  C CA  . GLY A 23  ? 0.4046 0.4140 0.3840 -0.0246 -0.0522 -0.0252 22   GLY A CA  
99  C C   . GLY A 23  ? 0.4449 0.4867 0.3896 -0.0080 -0.0310 -0.0126 22   GLY A C   
100 O O   . GLY A 23  ? 0.3743 0.5147 0.4494 -0.0795 -0.0655 -0.0540 22   GLY A O   
101 N N   . SER A 24  ? 0.3991 0.3960 0.3605 -0.0436 -0.0289 -0.0157 23   SER A N   
102 C CA  . SER A 24  ? 0.4286 0.4488 0.4650 -0.0327 -0.0151 -0.0276 23   SER A CA  
103 C C   . SER A 24  ? 0.3441 0.4363 0.3769 -0.0488 0.0018  0.0023  23   SER A C   
104 O O   . SER A 24  ? 0.3199 0.4049 0.3906 -0.0454 0.0305  -0.0038 23   SER A O   
105 C CB  . SER A 24  ? 0.4228 0.4937 0.4711 -0.0880 -0.0189 -0.0981 23   SER A CB  
106 O OG  . SER A 24  ? 0.5935 0.5200 0.5243 -0.1100 0.0452  0.0430  23   SER A OG  
107 N N   . PRO A 25  ? 0.3442 0.4146 0.3966 -0.0487 -0.0068 0.0130  24   PRO A N   
108 C CA  . PRO A 25  ? 0.2594 0.4991 0.4029 -0.0577 -0.0007 -0.0174 24   PRO A CA  
109 C C   . PRO A 25  ? 0.2861 0.4318 0.4472 -0.0728 0.0065  0.0041  24   PRO A C   
110 O O   . PRO A 25  ? 0.3531 0.4541 0.4395 -0.0966 0.0600  0.0003  24   PRO A O   
111 C CB  . PRO A 25  ? 0.3011 0.5789 0.4802 0.0010  -0.0656 -0.0253 24   PRO A CB  
112 C CG  . PRO A 25  ? 0.4094 0.5784 0.5023 0.0224  -0.1080 -0.0475 24   PRO A CG  
113 C CD  . PRO A 25  ? 0.3110 0.5487 0.4417 0.0109  0.0070  -0.0518 24   PRO A CD  
114 N N   . ALA A 26  ? 0.3331 0.4572 0.3820 -0.0863 0.0073  0.0367  25   ALA A N   
115 C CA  . ALA A 26  ? 0.3940 0.3756 0.3776 -0.1127 0.0293  0.0079  25   ALA A CA  
116 C C   . ALA A 26  ? 0.3527 0.4287 0.4363 -0.1009 0.0350  0.0048  25   ALA A C   
117 O O   . ALA A 26  ? 0.3090 0.4050 0.4030 -0.0590 0.0463  -0.0074 25   ALA A O   
118 C CB  . ALA A 26  ? 0.4074 0.4502 0.3156 -0.0046 0.0311  -0.0017 25   ALA A CB  
119 N N   . ILE A 27  ? 0.3891 0.4562 0.4269 -0.1089 0.0365  -0.0247 26   ILE A N   
120 C CA  . ILE A 27  ? 0.4074 0.5703 0.4948 -0.1295 0.1083  -0.0242 26   ILE A CA  
121 C C   . ILE A 27  ? 0.4671 0.5006 0.5012 -0.1611 0.1101  -0.0392 26   ILE A C   
122 O O   . ILE A 27  ? 0.6420 0.5083 0.5682 -0.1504 0.1216  0.0367  26   ILE A O   
123 C CB  . ILE A 27  ? 0.4558 0.5737 0.5274 -0.1487 0.0899  -0.1047 26   ILE A CB  
124 C CG1 . ILE A 27  ? 0.5119 0.5745 0.5475 -0.1832 0.0755  0.0478  26   ILE A CG1 
125 C CG2 . ILE A 27  ? 0.5184 0.6428 0.5696 -0.0656 0.1110  -0.1192 26   ILE A CG2 
126 C CD1 . ILE A 27  ? 0.5155 0.6458 0.5372 -0.1023 -0.0446 0.0108  26   ILE A CD1 
127 N N   . ASN A 28  ? 0.4154 0.4712 0.5277 -0.1468 0.1528  -0.0169 27   ASN A N   
128 C CA  . ASN A 28  ? 0.4829 0.4798 0.5137 -0.1513 0.1778  -0.0749 27   ASN A CA  
129 C C   . ASN A 28  ? 0.5438 0.4601 0.4884 -0.2057 0.1324  0.0135  27   ASN A C   
130 O O   . ASN A 28  ? 0.6606 0.5008 0.5042 -0.1678 0.1658  0.0459  27   ASN A O   
131 C CB  . ASN A 28  ? 0.6452 0.4672 0.5077 -0.1941 0.1640  -0.0151 27   ASN A CB  
132 C CG  . ASN A 28  ? 0.6272 0.5874 0.6384 -0.2368 0.2361  -0.0616 27   ASN A CG  
133 O OD1 . ASN A 28  ? 0.6323 0.6044 0.8088 -0.1817 0.1228  -0.0512 27   ASN A OD1 
134 N ND2 . ASN A 28  ? 0.7877 0.7417 0.5937 -0.3466 0.2223  -0.0070 27   ASN A ND2 
135 N N   . VAL A 29  ? 0.4949 0.3178 0.3525 -0.1245 0.1639  -0.0519 28   VAL A N   
136 C CA  . VAL A 29  ? 0.5244 0.3443 0.3619 -0.1085 0.0818  0.0294  28   VAL A CA  
137 C C   . VAL A 29  ? 0.4918 0.3645 0.3755 -0.0789 0.1372  -0.0070 28   VAL A C   
138 O O   . VAL A 29  ? 0.4738 0.3659 0.2995 -0.1034 0.1567  -0.0059 28   VAL A O   
139 C CB  . VAL A 29  ? 0.4878 0.3850 0.3909 -0.0265 0.0819  -0.0769 28   VAL A CB  
140 C CG1 . VAL A 29  ? 0.4960 0.4031 0.3488 -0.0405 0.0725  -0.0621 28   VAL A CG1 
141 C CG2 . VAL A 29  ? 0.6006 0.3726 0.4511 -0.0437 -0.0392 -0.0614 28   VAL A CG2 
142 N N   . ALA A 30  ? 0.5032 0.2809 0.3496 -0.0650 0.1647  0.0167  29   ALA A N   
143 C CA  . ALA A 30  ? 0.5028 0.3320 0.3201 -0.0624 0.1331  0.0134  29   ALA A CA  
144 C C   . ALA A 30  ? 0.5247 0.3233 0.3519 -0.0583 0.1050  0.0105  29   ALA A C   
145 O O   . ALA A 30  ? 0.4766 0.2813 0.3536 -0.0386 0.0084  -0.0169 29   ALA A O   
146 C CB  . ALA A 30  ? 0.5355 0.2920 0.3405 -0.1305 0.1152  0.0400  29   ALA A CB  
147 N N   . VAL A 31  ? 0.4184 0.3213 0.3372 -0.0408 0.0843  0.0080  30   VAL A N   
148 C CA  . VAL A 31  ? 0.3850 0.2872 0.3442 -0.0046 0.0709  0.0141  30   VAL A CA  
149 C C   . VAL A 31  ? 0.4321 0.3005 0.2685 -0.0817 0.1144  0.0588  30   VAL A C   
150 O O   . VAL A 31  ? 0.5111 0.2731 0.3623 -0.0262 0.1207  -0.0274 30   VAL A O   
151 C CB  . VAL A 31  ? 0.3366 0.3388 0.3307 -0.0802 0.0604  0.0183  30   VAL A CB  
152 C CG1 . VAL A 31  ? 0.3319 0.3432 0.3665 -0.0484 0.0834  0.0966  30   VAL A CG1 
153 C CG2 . VAL A 31  ? 0.2718 0.3349 0.3276 -0.0124 0.0344  0.0345  30   VAL A CG2 
154 N N   . HIS A 32  ? 0.4594 0.3122 0.2940 -0.0016 0.0395  0.0418  31   HIS A N   
155 C CA  . HIS A 32  ? 0.4847 0.3307 0.3161 -0.0466 0.0794  0.0166  31   HIS A CA  
156 C C   . HIS A 32  ? 0.4761 0.3167 0.3386 -0.0378 0.1126  -0.0026 31   HIS A C   
157 O O   . HIS A 32  ? 0.3821 0.3375 0.3861 -0.0055 0.0457  -0.0286 31   HIS A O   
158 C CB  . HIS A 32  ? 0.4942 0.3962 0.3015 -0.0380 0.0692  0.0373  31   HIS A CB  
159 C CG  . HIS A 32  ? 0.5896 0.3792 0.3646 -0.0434 0.0402  0.0876  31   HIS A CG  
160 N ND1 . HIS A 32  ? 0.6626 0.4084 0.4764 -0.1057 -0.0160 0.1072  31   HIS A ND1 
161 C CD2 . HIS A 32  ? 0.6449 0.5077 0.3531 -0.0772 0.0640  0.1271  31   HIS A CD2 
162 C CE1 . HIS A 32  ? 0.6935 0.4830 0.3424 -0.0727 0.0337  0.0447  31   HIS A CE1 
163 N NE2 . HIS A 32  ? 0.7809 0.4740 0.4351 -0.1228 0.0523  -0.0111 31   HIS A NE2 
164 N N   . VAL A 33  ? 0.3622 0.3098 0.3225 0.0313  0.0619  0.0383  32   VAL A N   
165 C CA  . VAL A 33  ? 0.3891 0.2755 0.2608 0.0342  0.0957  0.0201  32   VAL A CA  
166 C C   . VAL A 33  ? 0.4482 0.2535 0.3263 0.0323  0.0636  0.0247  32   VAL A C   
167 O O   . VAL A 33  ? 0.5607 0.3074 0.3517 0.0214  0.0989  -0.0046 32   VAL A O   
168 C CB  . VAL A 33  ? 0.3801 0.2818 0.3423 0.0174  0.0474  0.0072  32   VAL A CB  
169 C CG1 . VAL A 33  ? 0.3779 0.2575 0.3566 0.0751  0.1846  -0.0059 32   VAL A CG1 
170 C CG2 . VAL A 33  ? 0.3689 0.2902 0.3528 0.0634  0.0653  -0.0456 32   VAL A CG2 
171 N N   . PHE A 34  ? 0.4597 0.3198 0.3030 -0.0027 0.0849  0.0046  33   PHE A N   
172 C CA  . PHE A 34  ? 0.4863 0.3393 0.3691 0.0001  0.0066  -0.0214 33   PHE A CA  
173 C C   . PHE A 34  ? 0.4505 0.3554 0.3637 0.0017  0.0182  -0.0526 33   PHE A C   
174 O O   . PHE A 34  ? 0.4396 0.3384 0.3913 -0.0328 0.0488  -0.0527 33   PHE A O   
175 C CB  . PHE A 34  ? 0.5288 0.2991 0.2993 0.0273  -0.0060 -0.0857 33   PHE A CB  
176 C CG  . PHE A 34  ? 0.5981 0.3411 0.3603 0.0408  0.0007  -0.0272 33   PHE A CG  
177 C CD1 . PHE A 34  ? 0.5325 0.3568 0.3592 0.0164  -0.0358 -0.0104 33   PHE A CD1 
178 C CD2 . PHE A 34  ? 0.7750 0.3970 0.4006 -0.0138 0.0320  -0.0111 33   PHE A CD2 
179 C CE1 . PHE A 34  ? 0.4761 0.3715 0.3518 0.0602  -0.0274 0.0540  33   PHE A CE1 
180 C CE2 . PHE A 34  ? 0.7693 0.3455 0.4478 0.0093  0.0443  -0.0362 33   PHE A CE2 
181 C CZ  . PHE A 34  ? 0.6733 0.3410 0.3348 0.0023  -0.0645 0.0495  33   PHE A CZ  
182 N N   . ARG A 35  ? 0.4477 0.3557 0.3693 -0.0025 0.0091  -0.0763 34   ARG A N   
183 C CA  . ARG A 35  ? 0.4821 0.3436 0.2991 0.0211  0.0379  -0.0688 34   ARG A CA  
184 C C   . ARG A 35  ? 0.4946 0.3191 0.4322 -0.0177 -0.0139 -0.0989 34   ARG A C   
185 O O   . ARG A 35  ? 0.5970 0.4239 0.4130 0.0647  -0.0380 -0.1637 34   ARG A O   
186 C CB  . ARG A 35  ? 0.5454 0.2804 0.3781 0.0029  0.0207  -0.0895 34   ARG A CB  
187 C CG  . ARG A 35  ? 0.5137 0.3225 0.3586 -0.0189 0.0163  -0.1112 34   ARG A CG  
188 C CD  . ARG A 35  ? 0.4821 0.3505 0.4075 -0.0039 0.0054  -0.0806 34   ARG A CD  
189 N NE  . ARG A 35  ? 0.6415 0.4475 0.4975 -0.0593 -0.0408 -0.0501 34   ARG A NE  
190 C CZ  . ARG A 35  ? 0.6939 0.3941 0.5698 -0.1030 0.0110  -0.1108 34   ARG A CZ  
191 N NH1 . ARG A 35  ? 0.5679 0.3509 0.5088 0.0970  -0.0618 -0.1767 34   ARG A NH1 
192 N NH2 . ARG A 35  ? 0.5259 0.4066 0.5063 -0.0321 0.0138  -0.0460 34   ARG A NH2 
193 N N   . LYS A 36  ? 0.5033 0.4088 0.3945 0.0165  -0.0244 -0.1458 35   LYS A N   
194 C CA  . LYS A 36  ? 0.5479 0.4478 0.4311 0.0067  -0.0846 -0.1315 35   LYS A CA  
195 C C   . LYS A 36  ? 0.5494 0.4431 0.5257 0.0062  -0.0844 -0.1521 35   LYS A C   
196 O O   . LYS A 36  ? 0.5249 0.3779 0.5782 -0.0151 -0.0976 -0.1975 35   LYS A O   
197 C CB  . LYS A 36  ? 0.5345 0.5149 0.5109 -0.0278 -0.0780 -0.1573 35   LYS A CB  
198 C CG  . LYS A 36  ? 0.5623 0.5436 0.5911 -0.0079 -0.1114 -0.0867 35   LYS A CG  
199 C CD  . LYS A 36  ? 0.5617 0.7448 0.7571 0.0025  -0.0772 -0.1816 35   LYS A CD  
200 C CE  . LYS A 36  ? 0.6532 0.9296 0.8803 -0.0512 -0.1245 -0.1854 35   LYS A CE  
201 N NZ  . LYS A 36  ? 0.5407 1.1126 1.0507 0.0187  -0.1613 -0.0869 35   LYS A NZ  
202 N N   . ALA A 37  ? 0.6315 0.4695 0.5400 0.0709  -0.0993 -0.1273 36   ALA A N   
203 C CA  . ALA A 37  ? 0.6709 0.5689 0.5045 -0.0218 -0.0844 -0.1690 36   ALA A CA  
204 C C   . ALA A 37  ? 0.6770 0.5999 0.5412 -0.0205 -0.1310 -0.1867 36   ALA A C   
205 O O   . ALA A 37  ? 0.6917 0.6905 0.6220 0.0401  -0.1576 -0.1965 36   ALA A O   
206 C CB  . ALA A 37  ? 0.7430 0.7415 0.5343 -0.0126 0.0032  -0.2195 36   ALA A CB  
207 N N   . ALA A 38  ? 0.7021 0.5793 0.5492 -0.0192 -0.0935 -0.1907 37   ALA A N   
208 C CA  . ALA A 38  ? 0.7248 0.5920 0.7345 -0.0405 -0.1087 -0.2698 37   ALA A CA  
209 C C   . ALA A 38  ? 0.7816 0.6324 0.7287 -0.0316 -0.1457 -0.2703 37   ALA A C   
210 O O   . ALA A 38  ? 0.7870 0.6971 0.8146 -0.0483 -0.0722 -0.3268 37   ALA A O   
211 C CB  . ALA A 38  ? 0.7957 0.5934 0.7881 0.0528  -0.0110 -0.2265 37   ALA A CB  
212 N N   . ASP A 39  ? 0.8937 0.7082 0.6836 -0.0258 -0.1495 -0.1937 38   ASP A N   
213 C CA  . ASP A 39  ? 0.8958 0.7393 0.7376 0.0541  -0.1458 -0.1955 38   ASP A CA  
214 C C   . ASP A 39  ? 0.8485 0.8405 0.6871 0.1129  -0.1992 -0.1863 38   ASP A C   
215 O O   . ASP A 39  ? 0.8272 1.0168 0.8188 0.1407  -0.2202 -0.1405 38   ASP A O   
216 C CB  . ASP A 39  ? 0.9138 0.8489 0.6198 0.0264  -0.1837 -0.1344 38   ASP A CB  
217 C CG  . ASP A 39  ? 1.0309 0.8252 0.5985 -0.0122 -0.1677 -0.2386 38   ASP A CG  
218 O OD1 . ASP A 39  ? 0.9333 0.9224 0.8585 -0.0401 -0.3316 -0.2818 38   ASP A OD1 
219 O OD2 . ASP A 39  ? 1.0959 0.8691 0.9809 -0.0431 -0.1219 -0.1155 38   ASP A OD2 
220 N N   . ASP A 40  ? 0.8302 0.7150 0.7134 0.1187  -0.2386 -0.1905 39   ASP A N   
221 C CA  . ASP A 40  ? 0.7315 0.7203 0.7626 0.1104  -0.2017 -0.1634 39   ASP A CA  
222 C C   . ASP A 40  ? 0.7734 0.7417 0.7551 0.0950  -0.2349 -0.1366 39   ASP A C   
223 O O   . ASP A 40  ? 0.9351 0.8394 0.8632 0.1996  -0.1220 -0.0458 39   ASP A O   
224 C CB  . ASP A 40  ? 0.7277 0.8285 0.9100 0.0852  -0.1725 -0.2146 39   ASP A CB  
225 C CG  . ASP A 40  ? 0.7434 0.9294 0.9529 0.1048  -0.2148 -0.2299 39   ASP A CG  
226 O OD1 . ASP A 40  ? 0.9804 1.0945 1.0043 -0.1363 -0.2311 -0.1282 39   ASP A OD1 
227 O OD2 . ASP A 40  ? 0.6935 1.2034 1.2600 0.2139  -0.3604 0.0232  39   ASP A OD2 
228 N N   . THR A 41  ? 0.7890 0.7047 0.6430 0.0404  -0.1972 -0.1022 40   THR A N   
229 C CA  . THR A 41  ? 0.8493 0.6460 0.5424 0.0635  -0.2165 -0.0703 40   THR A CA  
230 C C   . THR A 41  ? 0.7568 0.5815 0.5075 0.0400  -0.1494 -0.1027 40   THR A C   
231 O O   . THR A 41  ? 0.7622 0.5364 0.5777 0.0762  -0.0543 -0.1008 40   THR A O   
232 C CB  . THR A 41  ? 0.9405 0.6701 0.5204 0.0466  -0.2155 -0.1199 40   THR A CB  
233 O OG1 . THR A 41  ? 0.9856 0.7735 0.6430 0.1088  -0.0732 -0.0443 40   THR A OG1 
234 C CG2 . THR A 41  ? 0.8763 0.9596 0.6089 0.0502  -0.2381 -0.1324 40   THR A CG2 
235 N N   . TRP A 42  ? 0.8063 0.4459 0.4938 0.1242  -0.1640 -0.1215 41   TRP A N   
236 C CA  . TRP A 42  ? 0.7349 0.5044 0.4304 0.0494  -0.1041 -0.0783 41   TRP A CA  
237 C C   . TRP A 42  ? 0.7584 0.5110 0.4920 0.0319  -0.0508 -0.0684 41   TRP A C   
238 O O   . TRP A 42  ? 0.9861 0.6217 0.4809 -0.0042 -0.0482 -0.0420 41   TRP A O   
239 C CB  . TRP A 42  ? 0.6984 0.5227 0.4520 0.1326  -0.1194 -0.1026 41   TRP A CB  
240 C CG  . TRP A 42  ? 0.6809 0.6078 0.5462 0.1306  -0.0771 -0.0630 41   TRP A CG  
241 C CD1 . TRP A 42  ? 0.7194 0.6616 0.5743 0.1938  -0.1990 -0.0799 41   TRP A CD1 
242 C CD2 . TRP A 42  ? 0.5567 0.5761 0.5413 0.1113  -0.1115 -0.0624 41   TRP A CD2 
243 N NE1 . TRP A 42  ? 0.6676 0.7152 0.6386 0.1392  -0.1844 -0.0096 41   TRP A NE1 
244 C CE2 . TRP A 42  ? 0.6244 0.5591 0.5976 0.1481  -0.0775 -0.0714 41   TRP A CE2 
245 C CE3 . TRP A 42  ? 0.5370 0.4072 0.4749 0.0299  -0.0783 -0.0775 41   TRP A CE3 
246 C CZ2 . TRP A 42  ? 0.5223 0.5291 0.5467 0.1110  -0.1502 -0.1065 41   TRP A CZ2 
247 C CZ3 . TRP A 42  ? 0.4896 0.4668 0.4541 0.0079  -0.0501 -0.1502 41   TRP A CZ3 
248 C CH2 . TRP A 42  ? 0.4245 0.4538 0.4399 0.0205  -0.0917 -0.0873 41   TRP A CH2 
249 N N   . GLU A 43  ? 0.7615 0.5229 0.3669 0.0373  -0.0042 -0.0440 42   GLU A N   
250 C CA  . GLU A 43  ? 0.7757 0.5567 0.4572 0.0057  0.0139  -0.0656 42   GLU A CA  
251 C C   . GLU A 43  ? 0.7579 0.5130 0.3900 0.0142  0.0668  -0.0612 42   GLU A C   
252 O O   . GLU A 43  ? 0.7475 0.4573 0.3842 0.0708  0.0849  -0.0995 42   GLU A O   
253 C CB  . GLU A 43  ? 0.8726 0.5703 0.3563 0.0106  0.0356  -0.1652 42   GLU A CB  
254 C CG  . GLU A 43  ? 0.8471 0.7944 0.5517 -0.1278 -0.0083 -0.1201 42   GLU A CG  
255 C CD  . GLU A 43  ? 1.1199 0.8347 0.5659 -0.2075 0.0395  -0.1243 42   GLU A CD  
256 O OE1 . GLU A 43  ? 1.1355 0.8768 0.9833 -0.2464 0.0888  -0.0601 42   GLU A OE1 
257 O OE2 . GLU A 43  ? 1.1782 0.8710 0.6884 -0.0708 -0.0044 -0.2359 42   GLU A OE2 
258 N N   . PRO A 44  ? 0.8541 0.4647 0.4137 -0.0605 0.0324  -0.0264 43   PRO A N   
259 C CA  . PRO A 44  ? 0.7590 0.4735 0.3218 -0.0461 0.0422  0.0352  43   PRO A CA  
260 C C   . PRO A 44  ? 0.7308 0.4351 0.3485 0.0087  0.1097  -0.0456 43   PRO A C   
261 O O   . PRO A 44  ? 0.8690 0.4405 0.4127 -0.0074 0.0839  -0.1143 43   PRO A O   
262 C CB  . PRO A 44  ? 0.8276 0.6378 0.3048 -0.1161 0.1156  0.0293  43   PRO A CB  
263 C CG  . PRO A 44  ? 0.7472 0.6334 0.4617 -0.1579 0.0899  0.0998  43   PRO A CG  
264 C CD  . PRO A 44  ? 0.9007 0.5233 0.4424 -0.0597 0.0600  0.0395  43   PRO A CD  
265 N N   . PHE A 45  ? 0.5583 0.2983 0.3234 0.0227  0.1432  -0.0858 44   PHE A N   
266 C CA  . PHE A 45  ? 0.5500 0.4220 0.3567 -0.0024 0.0719  -0.0229 44   PHE A CA  
267 C C   . PHE A 45  ? 0.4781 0.4120 0.3890 -0.0060 0.1584  -0.0408 44   PHE A C   
268 O O   . PHE A 45  ? 0.6421 0.3593 0.4375 0.0041  0.1629  -0.0873 44   PHE A O   
269 C CB  . PHE A 45  ? 0.4554 0.4605 0.3930 0.0248  0.0822  -0.0157 44   PHE A CB  
270 C CG  . PHE A 45  ? 0.5070 0.3552 0.3848 -0.0148 0.1047  -0.0383 44   PHE A CG  
271 C CD1 . PHE A 45  ? 0.5602 0.3678 0.4679 0.0123  0.1090  -0.0345 44   PHE A CD1 
272 C CD2 . PHE A 45  ? 0.4510 0.3193 0.4146 0.0382  0.1011  -0.0583 44   PHE A CD2 
273 C CE1 . PHE A 45  ? 0.5411 0.3432 0.4203 -0.0017 0.1253  -0.0641 44   PHE A CE1 
274 C CE2 . PHE A 45  ? 0.4172 0.3600 0.4133 0.0139  0.0602  -0.0515 44   PHE A CE2 
275 C CZ  . PHE A 45  ? 0.4175 0.3493 0.4640 -0.0365 0.1013  -0.0304 44   PHE A CZ  
276 N N   . ALA A 46  ? 0.4653 0.3952 0.3436 0.0427  0.1081  -0.0168 45   ALA A N   
277 C CA  . ALA A 46  ? 0.5513 0.3591 0.4473 -0.0676 0.0959  0.0002  45   ALA A CA  
278 C C   . ALA A 46  ? 0.4969 0.3485 0.3974 -0.0236 0.1731  -0.0261 45   ALA A C   
279 O O   . ALA A 46  ? 0.4528 0.3365 0.3574 -0.0421 0.1217  0.0086  45   ALA A O   
280 C CB  . ALA A 46  ? 0.6658 0.2874 0.4121 -0.0631 0.1257  -0.0141 45   ALA A CB  
281 N N   . SER A 47  ? 0.4998 0.3605 0.3408 -0.0325 0.1538  -0.0297 46   SER A N   
282 C CA  . SER A 47  ? 0.4732 0.3281 0.3649 -0.0158 0.2014  -0.0263 46   SER A CA  
283 C C   . SER A 47  ? 0.5249 0.3552 0.3617 -0.0403 0.1879  -0.0294 46   SER A C   
284 O O   . SER A 47  ? 0.5418 0.2823 0.4534 -0.0711 0.2000  -0.0703 46   SER A O   
285 C CB  . SER A 47  ? 0.5044 0.3728 0.3575 -0.0419 0.1631  -0.0295 46   SER A CB  
286 O OG  . SER A 47  ? 0.5590 0.3570 0.3160 -0.0952 0.1261  0.0233  46   SER A OG  
287 N N   . GLY A 48  ? 0.4489 0.3133 0.3124 -0.0527 0.2065  0.0203  47   GLY A N   
288 C CA  . GLY A 48  ? 0.4564 0.4096 0.3784 -0.0467 0.2040  -0.0127 47   GLY A CA  
289 C C   . GLY A 48  ? 0.4454 0.3844 0.3843 -0.1148 0.2083  0.0083  47   GLY A C   
290 O O   . GLY A 48  ? 0.5244 0.3322 0.3672 -0.0528 0.1451  0.0295  47   GLY A O   
291 N N   . LYS A 49  ? 0.3943 0.4751 0.3968 -0.0954 0.2052  -0.0169 48   LYS A N   
292 C CA  . LYS A 49  ? 0.4111 0.5086 0.4210 -0.1083 0.1802  -0.0381 48   LYS A CA  
293 C C   . LYS A 49  ? 0.4052 0.5106 0.4616 -0.0909 0.1564  -0.0060 48   LYS A C   
294 O O   . LYS A 49  ? 0.4251 0.5121 0.4211 -0.0859 0.1773  0.0463  48   LYS A O   
295 C CB  . LYS A 49  ? 0.5818 0.5337 0.4264 -0.1930 0.1915  -0.0607 48   LYS A CB  
296 C CG  . LYS A 49  ? 0.5534 0.5421 0.4863 -0.1834 0.2151  0.0029  48   LYS A CG  
297 C CD  . LYS A 49  ? 0.7580 0.5544 0.5045 -0.2048 0.2368  -0.0286 48   LYS A CD  
298 C CE  . LYS A 49  ? 0.6450 0.5945 0.4838 -0.2818 0.2284  -0.0375 48   LYS A CE  
299 N NZ  . LYS A 49  ? 1.0178 0.5241 0.7684 -0.2192 0.1456  0.0017  48   LYS A NZ  
300 N N   . THR A 50  ? 0.3857 0.4509 0.4321 -0.1420 0.1149  -0.0041 49   THR A N   
301 C CA  . THR A 50  ? 0.3709 0.4643 0.4284 -0.0279 0.1263  -0.0423 49   THR A CA  
302 C C   . THR A 50  ? 0.3898 0.4745 0.5004 -0.1013 0.1294  -0.0329 49   THR A C   
303 O O   . THR A 50  ? 0.3356 0.5613 0.5646 -0.1530 0.1135  0.0162  49   THR A O   
304 C CB  . THR A 50  ? 0.3233 0.4082 0.3965 -0.0061 0.1031  0.0153  49   THR A CB  
305 O OG1 . THR A 50  ? 0.3663 0.3993 0.4186 -0.1269 0.0684  -0.0184 49   THR A OG1 
306 C CG2 . THR A 50  ? 0.3931 0.3202 0.3084 0.0008  0.0685  0.0414  49   THR A CG2 
307 N N   . SER A 51  ? 0.3045 0.4840 0.5071 -0.1100 0.1126  -0.0717 50   SER A N   
308 C CA  . SER A 51  ? 0.3133 0.5645 0.5932 -0.0997 0.0783  -0.0974 50   SER A CA  
309 C C   . SER A 51  ? 0.2827 0.6498 0.5706 -0.0691 0.1496  -0.1001 50   SER A C   
310 O O   . SER A 51  ? 0.2641 0.5513 0.4260 -0.0405 0.0564  -0.0581 50   SER A O   
311 C CB  . SER A 51  ? 0.4201 0.6502 0.6872 -0.0536 0.0431  -0.0380 50   SER A CB  
312 O OG  . SER A 51  ? 0.4208 0.6184 0.7136 -0.0233 0.0051  0.0421  50   SER A OG  
313 N N   . GLU A 52  ? 0.3360 0.6130 0.6184 -0.0670 0.0661  -0.1100 51   GLU A N   
314 C CA  . GLU A 52  ? 0.2997 0.6452 0.6660 -0.0761 0.0387  -0.1333 51   GLU A CA  
315 C C   . GLU A 52  ? 0.3172 0.5760 0.6027 -0.0436 -0.0149 -0.1018 51   GLU A C   
316 O O   . GLU A 52  ? 0.3900 0.6446 0.5351 0.0109  -0.0263 -0.0825 51   GLU A O   
317 C CB  . GLU A 52  ? 0.3276 0.7983 0.8129 -0.1466 0.0232  -0.1193 51   GLU A CB  
318 C CG  . GLU A 52  ? 0.4730 0.8267 0.8990 -0.1870 0.0922  -0.1316 51   GLU A CG  
319 C CD  . GLU A 52  ? 0.5566 1.0460 1.0139 -0.2091 0.0964  -0.1913 51   GLU A CD  
320 O OE1 . GLU A 52  ? 0.8879 1.1725 1.0593 0.0104  -0.0433 -0.2235 51   GLU A OE1 
321 O OE2 . GLU A 52  ? 1.0391 1.2079 1.1943 -0.2864 0.3073  -0.0821 51   GLU A OE2 
322 N N   . SER A 53  ? 0.2937 0.5948 0.6208 -0.0319 -0.0215 -0.0763 52   SER A N   
323 C CA  . SER A 53  ? 0.3257 0.5663 0.5550 0.0121  -0.0063 -0.1236 52   SER A CA  
324 C C   . SER A 53  ? 0.3396 0.4820 0.4957 0.0069  0.0133  -0.0464 52   SER A C   
325 O O   . SER A 53  ? 0.3998 0.4791 0.4676 0.0481  0.0050  0.0333  52   SER A O   
326 C CB  . SER A 53  ? 0.4768 0.6438 0.5816 0.0242  -0.1278 -0.0116 52   SER A CB  
327 O OG  . SER A 53  ? 0.6473 0.7351 0.6406 -0.0231 -0.0708 -0.0518 52   SER A OG  
328 N N   . GLY A 54  ? 0.2915 0.5044 0.5086 -0.0469 0.0151  -0.0168 53   GLY A N   
329 C CA  . GLY A 54  ? 0.2816 0.4228 0.4143 -0.0357 0.0107  0.0093  53   GLY A CA  
330 C C   . GLY A 54  ? 0.2599 0.4209 0.4010 -0.0054 -0.0061 -0.0091 53   GLY A C   
331 O O   . GLY A 54  ? 0.2791 0.3833 0.3752 -0.0203 0.0190  0.0192  53   GLY A O   
332 N N   . GLU A 55  ? 0.3307 0.4471 0.3543 0.0018  0.0390  -0.0124 54   GLU A N   
333 C CA  . GLU A 55  ? 0.2851 0.4175 0.4488 0.0099  0.0050  -0.0079 54   GLU A CA  
334 C C   . GLU A 55  ? 0.2388 0.4477 0.4345 -0.0059 0.0187  0.0349  54   GLU A C   
335 O O   . GLU A 55  ? 0.3117 0.5056 0.4598 -0.0163 0.0533  0.0102  54   GLU A O   
336 C CB  . GLU A 55  ? 0.2925 0.4664 0.5081 0.0475  -0.0028 -0.0033 54   GLU A CB  
337 C CG  . GLU A 55  ? 0.3953 0.4754 0.5038 0.1401  -0.0230 0.0106  54   GLU A CG  
338 C CD  . GLU A 55  ? 0.6172 0.5573 0.5332 0.0945  -0.1208 0.0394  54   GLU A CD  
339 O OE1 . GLU A 55  ? 0.6648 0.6016 0.8171 0.1845  -0.0689 0.0173  54   GLU A OE1 
340 O OE2 . GLU A 55  ? 0.5968 0.9028 0.6021 0.0724  -0.0403 -0.1054 54   GLU A OE2 
341 N N   . LEU A 56  ? 0.2626 0.4020 0.4178 0.0356  0.0374  0.0393  55   LEU A N   
342 C CA  . LEU A 56  ? 0.2784 0.3954 0.4571 0.0355  0.0992  -0.0275 55   LEU A CA  
343 C C   . LEU A 56  ? 0.2916 0.4057 0.4370 0.0398  0.0800  -0.0089 55   LEU A C   
344 O O   . LEU A 56  ? 0.3583 0.4221 0.4846 0.0127  0.0913  0.0049  55   LEU A O   
345 C CB  . LEU A 56  ? 0.2734 0.3886 0.4294 -0.0249 0.0895  -0.0284 55   LEU A CB  
346 C CG  . LEU A 56  ? 0.3334 0.4353 0.4409 0.0043  0.0608  -0.0466 55   LEU A CG  
347 C CD1 . LEU A 56  ? 0.4526 0.5382 0.3158 -0.0831 0.0911  -0.0676 55   LEU A CD1 
348 C CD2 . LEU A 56  ? 0.3663 0.4911 0.3671 -0.0232 0.0036  -0.0685 55   LEU A CD2 
349 N N   . HIS A 57  ? 0.3124 0.4729 0.4134 0.0701  0.0361  -0.0390 56   HIS A N   
350 C CA  . HIS A 57  ? 0.3877 0.4759 0.5778 0.0654  0.0359  -0.0762 56   HIS A CA  
351 C C   . HIS A 57  ? 0.4307 0.4868 0.5796 0.0503  0.0345  -0.0931 56   HIS A C   
352 O O   . HIS A 57  ? 0.4668 0.6089 0.6287 -0.0459 0.0945  -0.0862 56   HIS A O   
353 C CB  . HIS A 57  ? 0.4854 0.5195 0.5757 0.1301  0.0392  -0.0413 56   HIS A CB  
354 C CG  . HIS A 57  ? 0.6095 0.5767 0.6023 -0.0030 0.0555  -0.0944 56   HIS A CG  
355 N ND1 . HIS A 57  ? 0.6391 0.5921 0.6244 0.0134  0.1013  -0.1052 56   HIS A ND1 
356 C CD2 . HIS A 57  ? 0.5498 0.6244 0.6656 -0.0259 0.0146  -0.0820 56   HIS A CD2 
357 C CE1 . HIS A 57  ? 0.5261 0.6701 0.6105 -0.0263 0.0137  -0.0807 56   HIS A CE1 
358 N NE2 . HIS A 57  ? 0.5720 0.5034 0.6426 0.0333  -0.0136 -0.0451 56   HIS A NE2 
359 N N   . GLY A 58  ? 0.3635 0.4523 0.6071 0.0650  0.0255  -0.0618 57   GLY A N   
360 C CA  . GLY A 58  ? 0.3909 0.5942 0.6499 0.0081  0.0900  -0.1215 57   GLY A CA  
361 C C   . GLY A 58  ? 0.3462 0.5057 0.5716 0.0431  0.1506  -0.0630 57   GLY A C   
362 O O   . GLY A 58  ? 0.4885 0.5958 0.5878 -0.0683 0.1876  -0.0613 57   GLY A O   
363 N N   . LEU A 59  ? 0.3463 0.4026 0.4766 0.0183  0.1196  -0.0260 58   LEU A N   
364 C CA  . LEU A 59  ? 0.3036 0.4015 0.4928 0.0084  0.1428  -0.0188 58   LEU A CA  
365 C C   . LEU A 59  ? 0.3410 0.4402 0.4885 0.0859  0.1371  -0.0669 58   LEU A C   
366 O O   . LEU A 59  ? 0.4486 0.4682 0.4850 0.0170  0.1651  -0.0069 58   LEU A O   
367 C CB  . LEU A 59  ? 0.3674 0.3761 0.4674 0.0419  0.1399  -0.0694 58   LEU A CB  
368 C CG  . LEU A 59  ? 0.2937 0.3442 0.4142 0.0473  0.1177  0.0020  58   LEU A CG  
369 C CD1 . LEU A 59  ? 0.3213 0.3745 0.3434 -0.0232 0.1384  0.0320  58   LEU A CD1 
370 C CD2 . LEU A 59  ? 0.4886 0.3557 0.3834 -0.0266 0.1785  -0.0244 58   LEU A CD2 
371 N N   . THR A 60  ? 0.4028 0.4213 0.5536 0.0353  0.1007  -0.0684 59   THR A N   
372 C CA  . THR A 60  ? 0.4232 0.4354 0.5604 0.0105  0.0637  -0.0640 59   THR A CA  
373 C C   . THR A 60  ? 0.4795 0.4420 0.6088 0.0591  0.0499  -0.0992 59   THR A C   
374 O O   . THR A 60  ? 0.3767 0.5233 0.6248 0.1014  0.0540  -0.0451 59   THR A O   
375 C CB  . THR A 60  ? 0.4265 0.4574 0.5361 0.0209  0.1154  -0.0632 59   THR A CB  
376 O OG1 . THR A 60  ? 0.5821 0.4974 0.5833 0.0686  0.1460  -0.1616 59   THR A OG1 
377 C CG2 . THR A 60  ? 0.4013 0.3133 0.5637 0.0130  0.0892  -0.0417 59   THR A CG2 
378 N N   . THR A 61  ? 0.5014 0.4211 0.5892 0.0665  0.1202  -0.0832 60   THR A N   
379 C CA  . THR A 61  ? 0.4460 0.4303 0.6648 0.1197  0.0890  -0.0916 60   THR A CA  
380 C C   . THR A 61  ? 0.4883 0.3494 0.6269 0.1403  0.0841  -0.0727 60   THR A C   
381 O O   . THR A 61  ? 0.4578 0.3097 0.5885 0.0057  0.0877  -0.0455 60   THR A O   
382 C CB  . THR A 61  ? 0.4624 0.5581 0.7018 0.0630  0.1312  -0.1428 60   THR A CB  
383 O OG1 . THR A 61  ? 0.4229 0.4403 0.7432 -0.0297 0.1429  -0.1098 60   THR A OG1 
384 C CG2 . THR A 61  ? 0.4291 0.6511 0.6977 0.0328  0.0741  -0.0910 60   THR A CG2 
385 N N   . GLU A 62  ? 0.5848 0.4463 0.5490 0.0933  0.0648  -0.0588 61   GLU A N   
386 C CA  . GLU A 62  ? 0.5966 0.4398 0.6196 0.0721  0.0240  -0.0509 61   GLU A CA  
387 C C   . GLU A 62  ? 0.5604 0.4351 0.6089 0.0887  0.1016  -0.1015 61   GLU A C   
388 O O   . GLU A 62  ? 0.5141 0.4988 0.5113 0.1326  0.0930  0.0403  61   GLU A O   
389 C CB  . GLU A 62  ? 0.7479 0.4122 0.7697 0.1206  -0.0116 0.0368  61   GLU A CB  
390 C CG  . GLU A 62  ? 0.8472 0.5009 0.7653 0.0440  -0.0456 0.0633  61   GLU A CG  
391 C CD  . GLU A 62  ? 0.9461 0.5062 0.7651 0.1814  0.0774  0.0197  61   GLU A CD  
392 O OE1 . GLU A 62  ? 1.1690 0.8670 0.8136 0.0957  0.0658  -0.2365 61   GLU A OE1 
393 O OE2 . GLU A 62  ? 0.9876 0.5017 1.0800 0.1746  0.0835  0.1691  61   GLU A OE2 
394 N N   . GLU A 63  ? 0.4072 0.3535 0.6915 0.2186  0.0653  -0.0786 62   GLU A N   
395 C CA  . GLU A 63  ? 0.5667 0.3201 0.6641 0.1530  0.1453  -0.1085 62   GLU A CA  
396 C C   . GLU A 63  ? 0.5579 0.3568 0.5721 0.0863  0.1285  -0.0946 62   GLU A C   
397 O O   . GLU A 63  ? 0.6374 0.2880 0.6720 0.0342  0.0939  -0.0887 62   GLU A O   
398 C CB  . GLU A 63  ? 0.5792 0.4102 0.6973 0.1068  0.1689  -0.1682 62   GLU A CB  
399 C CG  . GLU A 63  ? 0.6631 0.5228 0.7721 0.2092  0.1837  -0.0857 62   GLU A CG  
400 C CD  . GLU A 63  ? 0.6827 0.6958 0.9388 0.1843  0.0946  -0.1184 62   GLU A CD  
401 O OE1 . GLU A 63  ? 0.7088 0.7888 0.9482 0.0745  0.1101  -0.2093 62   GLU A OE1 
402 O OE2 . GLU A 63  ? 0.6640 0.8240 1.0072 0.1575  -0.0055 -0.0673 62   GLU A OE2 
403 N N   . GLU A 64  ? 0.5116 0.3319 0.5517 0.0821  0.1303  -0.1445 63   GLU A N   
404 C CA  . GLU A 64  ? 0.4787 0.4380 0.4976 0.0384  0.1600  -0.0586 63   GLU A CA  
405 C C   . GLU A 64  ? 0.4580 0.3186 0.4952 0.0025  0.1507  -0.0444 63   GLU A C   
406 O O   . GLU A 64  ? 0.4571 0.3138 0.3952 -0.0566 0.1288  -0.0526 63   GLU A O   
407 C CB  . GLU A 64  ? 0.5274 0.3297 0.5471 0.0411  0.1246  -0.0946 63   GLU A CB  
408 C CG  . GLU A 64  ? 0.5702 0.4566 0.6203 0.0636  0.1960  -0.0938 63   GLU A CG  
409 C CD  . GLU A 64  ? 0.6783 0.6265 0.7112 0.1303  0.1244  -0.1706 63   GLU A CD  
410 O OE1 . GLU A 64  ? 0.6410 0.7608 0.8375 0.0925  0.1238  -0.0396 63   GLU A OE1 
411 O OE2 . GLU A 64  ? 0.8254 0.5391 0.6574 0.0487  0.0857  -0.2206 63   GLU A OE2 
412 N N   . PHE A 65  ? 0.4034 0.2464 0.4827 -0.0385 0.1530  -0.0619 64   PHE A N   
413 C CA  . PHE A 65  ? 0.4005 0.2240 0.5033 0.0478  0.1079  -0.0502 64   PHE A CA  
414 C C   . PHE A 65  ? 0.3782 0.3876 0.5134 -0.0006 0.1206  -0.0418 64   PHE A C   
415 O O   . PHE A 65  ? 0.3945 0.3480 0.5748 -0.0019 0.0815  -0.0082 64   PHE A O   
416 C CB  . PHE A 65  ? 0.3730 0.2117 0.5243 0.0405  0.1095  -0.0649 64   PHE A CB  
417 C CG  . PHE A 65  ? 0.4046 0.2833 0.4469 0.0230  0.1177  -0.0812 64   PHE A CG  
418 C CD1 . PHE A 65  ? 0.3398 0.3228 0.4269 -0.0094 0.0929  -0.0663 64   PHE A CD1 
419 C CD2 . PHE A 65  ? 0.4794 0.3618 0.4882 0.0432  0.1581  -0.0046 64   PHE A CD2 
420 C CE1 . PHE A 65  ? 0.4506 0.2072 0.3954 0.0076  0.0857  -0.0347 64   PHE A CE1 
421 C CE2 . PHE A 65  ? 0.5194 0.3011 0.4613 0.0960  0.1112  -0.0200 64   PHE A CE2 
422 C CZ  . PHE A 65  ? 0.4554 0.3900 0.4217 0.0032  0.0873  0.0427  64   PHE A CZ  
423 N N   . VAL A 66  ? 0.3846 0.3037 0.4450 0.0209  0.1465  -0.0797 65   VAL A N   
424 C CA  . VAL A 66  ? 0.4755 0.3147 0.4986 -0.0402 0.1290  -0.0567 65   VAL A CA  
425 C C   . VAL A 66  ? 0.4962 0.2804 0.3858 -0.0365 0.1059  -0.0930 65   VAL A C   
426 O O   . VAL A 66  ? 0.3985 0.2936 0.4840 -0.0729 0.1620  -0.0189 65   VAL A O   
427 C CB  . VAL A 66  ? 0.4897 0.2992 0.5067 -0.0327 0.1507  -0.0872 65   VAL A CB  
428 C CG1 . VAL A 66  ? 0.5098 0.3902 0.5723 -0.0322 0.1308  -0.1915 65   VAL A CG1 
429 C CG2 . VAL A 66  ? 0.4169 0.2857 0.4310 -0.1134 0.1615  -0.0909 65   VAL A CG2 
430 N N   . GLU A 67  ? 0.4786 0.3027 0.3832 -0.0387 0.0658  -0.0576 66   GLU A N   
431 C CA  . GLU A 67  ? 0.5136 0.3209 0.4586 -0.0620 0.1182  -0.1328 66   GLU A CA  
432 C C   . GLU A 67  ? 0.4743 0.2840 0.5362 -0.0820 0.1479  -0.0851 66   GLU A C   
433 O O   . GLU A 67  ? 0.4199 0.2817 0.5372 -0.0423 0.1213  -0.0911 66   GLU A O   
434 C CB  . GLU A 67  ? 0.4575 0.3904 0.5640 -0.1109 0.1737  -0.0974 66   GLU A CB  
435 C CG  . GLU A 67  ? 0.6864 0.4423 0.6286 -0.1064 0.1622  -0.0748 66   GLU A CG  
436 C CD  . GLU A 67  ? 0.6733 0.5504 0.7185 -0.2100 0.2343  -0.0599 66   GLU A CD  
437 O OE1 . GLU A 67  ? 0.6090 0.6776 0.6500 -0.0469 0.2554  -0.0843 66   GLU A OE1 
438 O OE2 . GLU A 67  ? 0.9638 0.7824 0.6588 -0.1695 0.3591  -0.1688 66   GLU A OE2 
439 N N   . GLY A 68  ? 0.4597 0.3203 0.5252 -0.0756 0.0775  -0.1374 67   GLY A N   
440 C CA  . GLY A 68  ? 0.4765 0.3288 0.5241 -0.0169 0.1009  -0.1304 67   GLY A CA  
441 C C   . GLY A 68  ? 0.4134 0.3487 0.5270 -0.0330 0.0104  -0.1619 67   GLY A C   
442 O O   . GLY A 68  ? 0.3744 0.3172 0.5087 0.0403  0.0973  -0.0879 67   GLY A O   
443 N N   . ILE A 69  ? 0.4078 0.3266 0.4492 -0.0409 0.0346  -0.1750 68   ILE A N   
444 C CA  . ILE A 69  ? 0.3676 0.3132 0.4897 -0.0112 0.0100  -0.1503 68   ILE A CA  
445 C C   . ILE A 69  ? 0.3474 0.2917 0.4647 0.0479  -0.0003 -0.0890 68   ILE A C   
446 O O   . ILE A 69  ? 0.3630 0.2974 0.4618 -0.0086 -0.0001 -0.1262 68   ILE A O   
447 C CB  . ILE A 69  ? 0.3883 0.3469 0.5334 0.0021  -0.0018 -0.1391 68   ILE A CB  
448 C CG1 . ILE A 69  ? 0.3457 0.4990 0.6486 -0.0195 0.0120  -0.1029 68   ILE A CG1 
449 C CG2 . ILE A 69  ? 0.3160 0.4060 0.5500 0.0249  0.0195  -0.2117 68   ILE A CG2 
450 C CD1 . ILE A 69  ? 0.5366 0.5508 0.6767 -0.1088 -0.0419 -0.1278 68   ILE A CD1 
451 N N   . TYR A 70  ? 0.3728 0.3183 0.3538 0.0410  0.0239  -0.0480 69   TYR A N   
452 C CA  . TYR A 70  ? 0.3468 0.3404 0.3356 0.0097  0.0250  -0.0848 69   TYR A CA  
453 C C   . TYR A 70  ? 0.3401 0.3457 0.3723 0.0085  0.0181  -0.0614 69   TYR A C   
454 O O   . TYR A 70  ? 0.3950 0.3025 0.4674 0.0104  0.0670  -0.0461 69   TYR A O   
455 C CB  . TYR A 70  ? 0.3552 0.2960 0.3969 -0.0208 0.0096  -0.0926 69   TYR A CB  
456 C CG  . TYR A 70  ? 0.3610 0.2818 0.3770 -0.0116 0.0230  -0.0612 69   TYR A CG  
457 C CD1 . TYR A 70  ? 0.3937 0.2790 0.2978 0.0115  0.0380  -0.0445 69   TYR A CD1 
458 C CD2 . TYR A 70  ? 0.3699 0.3323 0.4242 0.0212  0.0616  -0.0450 69   TYR A CD2 
459 C CE1 . TYR A 70  ? 0.3682 0.2664 0.3771 -0.0048 0.0450  -0.0587 69   TYR A CE1 
460 C CE2 . TYR A 70  ? 0.4821 0.2854 0.3183 -0.0039 0.0409  -0.0446 69   TYR A CE2 
461 C CZ  . TYR A 70  ? 0.4153 0.2550 0.3836 0.0209  0.0583  -0.0818 69   TYR A CZ  
462 O OH  . TYR A 70  ? 0.4404 0.2273 0.3899 0.0095  0.0889  -0.0336 69   TYR A OH  
463 N N   . LYS A 71  ? 0.3724 0.2990 0.3397 0.0647  -0.0167 -0.0331 70   LYS A N   
464 C CA  . LYS A 71  ? 0.3808 0.3051 0.3143 0.0193  0.0228  -0.0523 70   LYS A CA  
465 C C   . LYS A 71  ? 0.3789 0.3825 0.3796 0.0144  0.0182  -0.0662 70   LYS A C   
466 O O   . LYS A 71  ? 0.4334 0.3339 0.3700 0.0077  0.0698  0.0233  70   LYS A O   
467 C CB  . LYS A 71  ? 0.3699 0.3061 0.4274 0.1096  -0.0104 -0.0492 70   LYS A CB  
468 C CG  . LYS A 71  ? 0.4837 0.2899 0.3798 0.0420  -0.0199 -0.0177 70   LYS A CG  
469 C CD  . LYS A 71  ? 0.5786 0.5162 0.4281 0.0508  -0.1512 -0.0417 70   LYS A CD  
470 C CE  . LYS A 71  ? 0.6234 0.3858 0.4413 0.0410  -0.1337 -0.0006 70   LYS A CE  
471 N NZ  . LYS A 71  ? 0.6774 0.6099 0.7314 0.2393  -0.2906 0.0584  70   LYS A NZ  
472 N N   . VAL A 72  ? 0.3599 0.3103 0.3863 0.0046  0.0267  -0.0508 71   VAL A N   
473 C CA  . VAL A 72  ? 0.3374 0.2930 0.3436 0.0060  0.0627  0.0068  71   VAL A CA  
474 C C   . VAL A 72  ? 0.3732 0.3006 0.3511 0.0247  0.0183  -0.0090 71   VAL A C   
475 O O   . VAL A 72  ? 0.4202 0.2797 0.4762 0.0188  0.0123  -0.0704 71   VAL A O   
476 C CB  . VAL A 72  ? 0.3539 0.2994 0.3786 0.0473  -0.0109 -0.0601 71   VAL A CB  
477 C CG1 . VAL A 72  ? 0.3589 0.4366 0.4725 -0.0200 0.0397  -0.0138 71   VAL A CG1 
478 C CG2 . VAL A 72  ? 0.3518 0.3284 0.3088 0.0453  0.0036  -0.0061 71   VAL A CG2 
479 N N   . GLU A 73  ? 0.3043 0.2598 0.3169 0.0682  0.0116  -0.0148 72   GLU A N   
480 C CA  . GLU A 73  ? 0.4053 0.2934 0.3455 0.0037  0.0163  -0.0127 72   GLU A CA  
481 C C   . GLU A 73  ? 0.4310 0.3317 0.3411 -0.0295 0.0403  -0.0217 72   GLU A C   
482 O O   . GLU A 73  ? 0.4368 0.2757 0.3689 0.0108  -0.0058 0.0126  72   GLU A O   
483 C CB  . GLU A 73  ? 0.4868 0.3516 0.3691 0.0151  0.0017  0.0458  72   GLU A CB  
484 C CG  . GLU A 73  ? 0.7304 0.3890 0.4461 0.0547  -0.0392 0.0562  72   GLU A CG  
485 C CD  . GLU A 73  ? 0.9667 0.5346 0.4722 -0.0321 -0.0828 0.1451  72   GLU A CD  
486 O OE1 . GLU A 73  ? 1.0224 0.5182 0.7622 0.0429  -0.0624 -0.1053 72   GLU A OE1 
487 O OE2 . GLU A 73  ? 0.9596 0.6976 0.7162 -0.1629 -0.0128 0.1368  72   GLU A OE2 
488 N N   . ILE A 74  ? 0.3600 0.2966 0.3515 0.0254  0.0349  0.0059  73   ILE A N   
489 C CA  . ILE A 74  ? 0.4228 0.2956 0.3413 0.0155  0.0106  0.0312  73   ILE A CA  
490 C C   . ILE A 74  ? 0.5211 0.2745 0.3906 -0.0132 0.0182  0.0215  73   ILE A C   
491 O O   . ILE A 74  ? 0.5165 0.2955 0.4223 -0.0086 0.0119  -0.0017 73   ILE A O   
492 C CB  . ILE A 74  ? 0.3434 0.2610 0.3711 0.0333  -0.0011 0.0027  73   ILE A CB  
493 C CG1 . ILE A 74  ? 0.3881 0.3239 0.3283 0.0331  0.0196  0.0809  73   ILE A CG1 
494 C CG2 . ILE A 74  ? 0.4625 0.2718 0.3455 -0.0301 -0.0602 0.0127  73   ILE A CG2 
495 C CD1 . ILE A 74  ? 0.4368 0.3280 0.3339 0.0746  0.0276  -0.0107 73   ILE A CD1 
496 N N   . ASP A 75  ? 0.5442 0.2607 0.2886 -0.0061 0.0189  0.0200  74   ASP A N   
497 C CA  . ASP A 75  ? 0.6365 0.2968 0.3347 -0.0090 -0.0316 0.0612  74   ASP A CA  
498 C C   . ASP A 75  ? 0.6516 0.4466 0.3704 -0.0932 0.0033  0.0252  74   ASP A C   
499 O O   . ASP A 75  ? 0.6663 0.6910 0.4387 -0.1964 0.0223  0.2062  74   ASP A O   
500 C CB  . ASP A 75  ? 0.5251 0.3485 0.4355 -0.1030 0.0537  0.0513  74   ASP A CB  
501 C CG  . ASP A 75  ? 0.6759 0.5322 0.5300 -0.0469 0.0249  -0.0874 74   ASP A CG  
502 O OD1 . ASP A 75  ? 0.7383 0.4490 0.6043 -0.1776 -0.1248 0.0217  74   ASP A OD1 
503 O OD2 . ASP A 75  ? 0.9273 0.5175 0.8947 0.1579  0.0803  -0.0023 74   ASP A OD2 
504 N N   . THR A 76  ? 0.8787 0.3998 0.3965 0.1377  -0.1258 -0.0100 75   THR A N   
505 C CA  . THR A 76  ? 0.7942 0.3772 0.3838 -0.0230 -0.0626 0.0351  75   THR A CA  
506 C C   . THR A 76  ? 0.8471 0.4331 0.4943 -0.0208 -0.0625 0.0361  75   THR A C   
507 O O   . THR A 76  ? 0.9025 0.6875 0.5534 -0.0390 -0.0264 -0.0966 75   THR A O   
508 C CB  . THR A 76  ? 0.7364 0.3623 0.4316 0.0943  -0.0678 0.0028  75   THR A CB  
509 O OG1 . THR A 76  ? 0.7089 0.4704 0.4808 0.1025  -0.0735 -0.0985 75   THR A OG1 
510 C CG2 . THR A 76  ? 0.7363 0.3973 0.6156 -0.0010 0.0699  -0.0510 75   THR A CG2 
511 N N   . LYS A 77  ? 0.9690 0.4412 0.5735 -0.0630 -0.1202 0.0690  76   LYS A N   
512 C CA  . LYS A 77  ? 0.9726 0.4516 0.5668 -0.0496 -0.0830 0.0962  76   LYS A CA  
513 C C   . LYS A 77  ? 1.0302 0.3981 0.5174 -0.0866 -0.0199 0.0819  76   LYS A C   
514 O O   . LYS A 77  ? 1.1299 0.4121 0.6267 -0.0923 -0.1231 0.1185  76   LYS A O   
515 C CB  . LYS A 77  ? 0.9962 0.4144 0.7095 0.0520  -0.1760 -0.0182 76   LYS A CB  
516 C CG  . LYS A 77  ? 1.1213 0.3857 0.5998 -0.0062 -0.1979 -0.0362 76   LYS A CG  
517 C CD  . LYS A 77  ? 1.1695 0.7521 0.4479 -0.0108 -0.1057 0.0424  76   LYS A CD  
518 C CE  . LYS A 77  ? 1.1480 0.5286 0.5424 -0.0310 -0.1900 0.0438  76   LYS A CE  
519 N NZ  . LYS A 77  ? 1.2705 0.8751 0.6686 -0.0849 0.0198  0.1235  76   LYS A NZ  
520 N N   . SER A 78  ? 0.9875 0.4901 0.4604 -0.0914 0.0123  0.0234  77   SER A N   
521 C CA  . SER A 78  ? 1.0568 0.4466 0.4481 -0.1413 0.0739  0.0416  77   SER A CA  
522 C C   . SER A 78  ? 0.9211 0.4213 0.4957 -0.1733 0.0845  0.0632  77   SER A C   
523 O O   . SER A 78  ? 1.0328 0.3546 0.5779 -0.1493 0.1058  -0.0209 77   SER A O   
524 C CB  . SER A 78  ? 1.0179 0.6077 0.5505 -0.1185 0.2033  0.0499  77   SER A CB  
525 O OG  . SER A 78  ? 1.0658 0.5541 0.9230 -0.2819 0.1867  0.0823  77   SER A OG  
526 N N   . TYR A 79  ? 1.0748 0.4171 0.4115 -0.0809 0.0246  -0.0054 78   TYR A N   
527 C CA  . TYR A 79  ? 0.9077 0.4614 0.4018 -0.0619 0.0941  0.0611  78   TYR A CA  
528 C C   . TYR A 79  ? 0.8333 0.3955 0.5220 -0.1989 -0.0035 -0.0007 78   TYR A C   
529 O O   . TYR A 79  ? 0.8604 0.4518 0.4925 -0.2888 -0.0077 0.1143  78   TYR A O   
530 C CB  . TYR A 79  ? 0.8314 0.3850 0.4583 -0.1461 -0.0444 0.0424  78   TYR A CB  
531 C CG  . TYR A 79  ? 0.6943 0.3818 0.4002 -0.0930 0.0412  0.0367  78   TYR A CG  
532 C CD1 . TYR A 79  ? 0.6837 0.3498 0.5153 -0.0927 -0.0268 -0.0231 78   TYR A CD1 
533 C CD2 . TYR A 79  ? 0.6729 0.3684 0.4458 -0.0058 -0.0009 0.0583  78   TYR A CD2 
534 C CE1 . TYR A 79  ? 0.6360 0.3487 0.4278 -0.1232 0.0912  0.0201  78   TYR A CE1 
535 C CE2 . TYR A 79  ? 0.5710 0.4783 0.4078 -0.0761 0.0656  0.0497  78   TYR A CE2 
536 C CZ  . TYR A 79  ? 0.5509 0.3818 0.4328 -0.1139 0.0405  0.0595  78   TYR A CZ  
537 O OH  . TYR A 79  ? 0.6282 0.4883 0.4373 -0.1404 0.0229  0.0343  78   TYR A OH  
538 N N   . TRP A 80  ? 0.9061 0.3362 0.5687 -0.0506 -0.0794 -0.0198 79   TRP A N   
539 C CA  . TRP A 80  ? 0.8812 0.3281 0.3994 -0.1139 -0.0670 0.0275  79   TRP A CA  
540 C C   . TRP A 80  ? 1.0032 0.4695 0.4684 -0.2180 0.0265  0.0723  79   TRP A C   
541 O O   . TRP A 80  ? 1.0899 0.4911 0.5374 -0.1487 0.0267  -0.0301 79   TRP A O   
542 C CB  . TRP A 80  ? 0.8911 0.3477 0.4123 -0.1121 -0.0458 0.0866  79   TRP A CB  
543 C CG  . TRP A 80  ? 0.8719 0.3597 0.4497 -0.1051 -0.1278 0.1293  79   TRP A CG  
544 C CD1 . TRP A 80  ? 0.7958 0.3425 0.4825 -0.0452 -0.1038 0.0686  79   TRP A CD1 
545 C CD2 . TRP A 80  ? 0.7828 0.3169 0.3902 -0.0863 -0.0458 0.0609  79   TRP A CD2 
546 N NE1 . TRP A 80  ? 0.7580 0.3383 0.4950 -0.0951 -0.0488 0.0472  79   TRP A NE1 
547 C CE2 . TRP A 80  ? 0.7442 0.3607 0.4273 -0.0953 -0.0291 0.0412  79   TRP A CE2 
548 C CE3 . TRP A 80  ? 0.7625 0.4421 0.4264 -0.1568 -0.0336 0.0492  79   TRP A CE3 
549 C CZ2 . TRP A 80  ? 0.7817 0.3086 0.3873 -0.1211 -0.0238 -0.0070 79   TRP A CZ2 
550 C CZ3 . TRP A 80  ? 0.7868 0.4953 0.4272 -0.2122 -0.0209 0.0834  79   TRP A CZ3 
551 C CH2 . TRP A 80  ? 0.7070 0.4682 0.3970 -0.2030 -0.0536 0.0852  79   TRP A CH2 
552 N N   . LYS A 81  ? 1.1502 0.3855 0.4575 -0.2334 -0.0130 0.0313  80   LYS A N   
553 C CA  . LYS A 81  ? 1.2203 0.5010 0.4983 -0.1919 0.0340  0.1141  80   LYS A CA  
554 C C   . LYS A 81  ? 1.2065 0.4476 0.5621 -0.2467 0.0679  0.0782  80   LYS A C   
555 O O   . LYS A 81  ? 1.3937 0.5205 0.6116 -0.3162 0.0902  0.0759  80   LYS A O   
556 C CB  . LYS A 81  ? 1.3625 0.5780 0.4841 -0.0815 -0.0405 0.1609  80   LYS A CB  
557 C CG  . LYS A 81  ? 1.3795 0.6040 0.6528 -0.0560 -0.0832 0.0885  80   LYS A CG  
558 C CD  . LYS A 81  ? 1.5804 0.6774 0.6909 0.0406  -0.1175 0.0286  80   LYS A CD  
559 C CE  . LYS A 81  ? 1.6971 0.5052 0.5373 -0.0309 -0.1815 -0.0983 80   LYS A CE  
560 N NZ  . LYS A 81  ? 1.6196 0.5740 0.6973 -0.1441 -0.2171 -0.0791 80   LYS A NZ  
561 N N   . ALA A 82  ? 1.1255 0.5170 0.4128 -0.1824 0.0874  0.0225  81   ALA A N   
562 C CA  . ALA A 82  ? 1.1177 0.5060 0.5332 -0.2447 0.1368  0.0234  81   ALA A CA  
563 C C   . ALA A 82  ? 1.0842 0.5489 0.5640 -0.2599 0.1664  -0.0167 81   ALA A C   
564 O O   . ALA A 82  ? 1.0701 0.7127 0.8361 -0.3465 0.2523  0.0388  81   ALA A O   
565 C CB  . ALA A 82  ? 1.1217 0.6021 0.6487 -0.1274 0.1583  0.0610  81   ALA A CB  
566 N N   . LEU A 83  ? 1.0759 0.6362 0.4998 -0.1651 0.1457  -0.0290 82   LEU A N   
567 C CA  . LEU A 83  ? 1.0770 0.5297 0.5305 -0.2453 0.1261  -0.0085 82   LEU A CA  
568 C C   . LEU A 83  ? 1.1784 0.4656 0.5275 -0.2556 0.0712  0.0291  82   LEU A C   
569 O O   . LEU A 83  ? 1.2270 0.5767 0.6273 -0.2360 0.1334  -0.0709 82   LEU A O   
570 C CB  . LEU A 83  ? 0.8672 0.4509 0.5272 -0.2688 0.1426  -0.0281 82   LEU A CB  
571 C CG  . LEU A 83  ? 0.7671 0.5603 0.5311 -0.2078 0.0462  0.0695  82   LEU A CG  
572 C CD1 . LEU A 83  ? 0.8962 0.4883 0.6552 -0.2883 0.1222  0.0306  82   LEU A CD1 
573 C CD2 . LEU A 83  ? 0.7518 0.5451 0.6994 -0.3359 0.0401  -0.1190 82   LEU A CD2 
574 N N   . GLY A 84  ? 1.3059 0.4640 0.4536 -0.1954 0.1325  0.0260  83   GLY A N   
575 C CA  . GLY A 84  ? 1.2899 0.4500 0.3984 -0.2123 0.1218  0.0338  83   GLY A CA  
576 C C   . GLY A 84  ? 1.2778 0.3898 0.4654 -0.1507 0.0376  0.0291  83   GLY A C   
577 O O   . GLY A 84  ? 1.4720 0.3287 0.3839 -0.1706 -0.0202 0.0092  83   GLY A O   
578 N N   . ILE A 85  ? 1.2555 0.3392 0.5337 -0.1860 0.0987  0.1630  84   ILE A N   
579 C CA  . ILE A 85  ? 1.1669 0.3886 0.6122 -0.1187 -0.0745 0.0751  84   ILE A CA  
580 C C   . ILE A 85  ? 1.3634 0.2097 0.4909 0.0331  -0.0907 -0.0143 84   ILE A C   
581 O O   . ILE A 85  ? 1.3434 0.1370 0.4350 0.0028  -0.0222 0.0068  84   ILE A O   
582 C CB  . ILE A 85  ? 1.0260 0.3946 0.5143 -0.1000 -0.0919 0.0333  84   ILE A CB  
583 C CG1 . ILE A 85  ? 1.0658 0.3217 0.4640 -0.1963 -0.0372 0.0846  84   ILE A CG1 
584 C CG2 . ILE A 85  ? 1.0213 0.2625 0.6546 -0.0426 -0.0443 0.0266  84   ILE A CG2 
585 C CD1 . ILE A 85  ? 0.8719 0.2647 0.4758 -0.1111 -0.1098 0.0388  84   ILE A CD1 
586 N N   . SER A 86  ? 1.2812 0.3540 0.5642 -0.0224 -0.1570 0.1445  85   SER A N   
587 C CA  . SER A 86  ? 1.3414 0.2374 0.5794 0.0146  -0.1957 0.0918  85   SER A CA  
588 C C   . SER A 86  ? 1.2381 0.3334 0.6141 0.0811  -0.1918 0.0522  85   SER A C   
589 O O   . SER A 86  ? 1.3018 0.5506 0.6799 0.1366  -0.1784 -0.0499 85   SER A O   
590 C CB  . SER A 86  ? 1.5334 0.3762 0.7025 0.0964  -0.2475 0.1478  85   SER A CB  
591 O OG  . SER A 86  ? 1.6494 0.4932 0.7092 0.2025  -0.3481 0.1169  85   SER A OG  
592 N N   . PRO A 87  ? 1.1558 0.2928 0.5843 0.0434  -0.1912 0.1187  86   PRO A N   
593 C CA  . PRO A 87  ? 1.0164 0.3503 0.5868 0.0543  -0.1788 0.0859  86   PRO A CA  
594 C C   . PRO A 87  ? 1.0356 0.2542 0.4958 0.2272  -0.2156 0.1470  86   PRO A C   
595 O O   . PRO A 87  ? 1.1357 0.3198 0.5509 0.2237  -0.3107 0.2045  86   PRO A O   
596 C CB  . PRO A 87  ? 0.9884 0.4238 0.6627 0.0720  -0.1165 0.0486  86   PRO A CB  
597 C CG  . PRO A 87  ? 1.1662 0.3056 0.5494 -0.0426 -0.1316 0.0332  86   PRO A CG  
598 C CD  . PRO A 87  ? 1.2353 0.3364 0.6237 0.0112  -0.1534 0.0660  86   PRO A CD  
599 N N   . PHE A 88  ? 0.9114 0.4344 0.7152 0.0693  -0.2427 -0.0683 87   PHE A N   
600 C CA  . PHE A 88  ? 0.9414 0.3719 0.6906 0.1903  -0.2701 -0.0637 87   PHE A CA  
601 C C   . PHE A 88  ? 0.9015 0.4147 0.5974 0.1520  -0.3006 -0.0607 87   PHE A C   
602 O O   . PHE A 88  ? 0.9177 0.4331 0.5542 0.1361  -0.2783 -0.0263 87   PHE A O   
603 C CB  . PHE A 88  ? 0.9450 0.4566 0.6562 0.1903  -0.2791 -0.1089 87   PHE A CB  
604 C CG  . PHE A 88  ? 0.9373 0.3947 0.7086 0.2299  -0.3055 -0.1384 87   PHE A CG  
605 C CD1 . PHE A 88  ? 1.0040 0.4409 0.6609 0.2713  -0.4039 -0.1996 87   PHE A CD1 
606 C CD2 . PHE A 88  ? 0.8710 0.4190 0.6899 0.2194  -0.2503 -0.1501 87   PHE A CD2 
607 C CE1 . PHE A 88  ? 1.0209 0.4522 0.6926 0.2742  -0.3866 -0.2508 87   PHE A CE1 
608 C CE2 . PHE A 88  ? 0.8033 0.5729 0.6862 0.3266  -0.3254 -0.1003 87   PHE A CE2 
609 C CZ  . PHE A 88  ? 0.8990 0.4853 0.7474 0.4219  -0.2695 -0.1414 87   PHE A CZ  
610 N N   . HIS A 89  ? 0.8528 0.3648 0.5859 0.1277  -0.2502 -0.0548 88   HIS A N   
611 C CA  . HIS A 89  ? 0.8183 0.3778 0.5773 0.1525  -0.1845 -0.0493 88   HIS A CA  
612 C C   . HIS A 89  ? 0.8448 0.4175 0.5257 0.0688  -0.1831 -0.0103 88   HIS A C   
613 O O   . HIS A 89  ? 0.9291 0.3365 0.5345 -0.0498 -0.1167 -0.0513 88   HIS A O   
614 C CB  . HIS A 89  ? 0.7422 0.4985 0.5154 0.0917  -0.1719 0.0343  88   HIS A CB  
615 C CG  . HIS A 89  ? 0.7019 0.4551 0.5663 0.1793  -0.1565 -0.0777 88   HIS A CG  
616 N ND1 . HIS A 89  ? 0.9213 0.5077 0.5470 0.1277  -0.1342 -0.0698 88   HIS A ND1 
617 C CD2 . HIS A 89  ? 0.7298 0.5611 0.6067 0.2719  -0.1297 -0.0684 88   HIS A CD2 
618 C CE1 . HIS A 89  ? 0.7516 0.7147 0.7712 0.1066  -0.1203 -0.0590 88   HIS A CE1 
619 N NE2 . HIS A 89  ? 0.9039 0.7053 0.5782 0.1548  -0.3236 -0.1283 88   HIS A NE2 
620 N N   . GLU A 90  ? 0.7355 0.4388 0.5184 0.1698  -0.2422 -0.0313 89   GLU A N   
621 C CA  . GLU A 90  ? 0.8664 0.5480 0.4772 0.1105  -0.1855 0.0011  89   GLU A CA  
622 C C   . GLU A 90  ? 0.8806 0.4170 0.6321 0.0794  -0.0998 0.0542  89   GLU A C   
623 O O   . GLU A 90  ? 0.9880 0.7554 0.9615 0.0999  0.1132  0.0598  89   GLU A O   
624 C CB  . GLU A 90  ? 0.9194 0.5207 0.5255 0.1496  -0.2871 0.0897  89   GLU A CB  
625 C CG  . GLU A 90  ? 1.0231 0.5288 0.6956 0.1643  -0.3703 0.1068  89   GLU A CG  
626 C CD  . GLU A 90  ? 1.1337 0.5009 0.7576 0.1215  -0.3025 0.0399  89   GLU A CD  
627 O OE1 . GLU A 90  ? 1.1756 0.8289 0.7553 0.0583  -0.2631 -0.0329 89   GLU A OE1 
628 O OE2 . GLU A 90  ? 1.2751 0.5357 0.9917 0.0909  -0.2939 -0.0243 89   GLU A OE2 
629 N N   . HIS A 91  ? 0.6974 0.5325 0.5744 0.0870  -0.1304 0.0538  90   HIS A N   
630 C CA  . HIS A 91  ? 0.6429 0.3954 0.5083 0.0314  -0.0803 0.0268  90   HIS A CA  
631 C C   . HIS A 91  ? 0.5579 0.4035 0.5719 0.0941  -0.0817 0.0766  90   HIS A C   
632 O O   . HIS A 91  ? 0.6280 0.4343 0.6047 0.2300  -0.0085 -0.0250 90   HIS A O   
633 C CB  . HIS A 91  ? 0.7768 0.6123 0.5660 0.0289  -0.1039 -0.0744 90   HIS A CB  
634 C CG  . HIS A 91  ? 0.8914 0.4868 0.5067 -0.0194 -0.1446 0.0119  90   HIS A CG  
635 N ND1 . HIS A 91  ? 0.8436 0.5501 0.5466 0.0115  -0.1954 0.0208  90   HIS A ND1 
636 C CD2 . HIS A 91  ? 1.0284 0.6264 0.5478 -0.0354 -0.1885 -0.0111 90   HIS A CD2 
637 C CE1 . HIS A 91  ? 0.9068 0.7018 0.5182 -0.0557 -0.1942 -0.0073 90   HIS A CE1 
638 N NE2 . HIS A 91  ? 0.9151 0.6615 0.6168 -0.0156 -0.1872 0.0277  90   HIS A NE2 
639 N N   . ALA A 92  ? 0.4746 0.2935 0.4169 0.0661  -0.0782 -0.0414 91   ALA A N   
640 C CA  . ALA A 92  ? 0.5157 0.3573 0.4606 0.0586  -0.0371 -0.0298 91   ALA A CA  
641 C C   . ALA A 92  ? 0.4368 0.3674 0.5533 0.0348  -0.0138 -0.0991 91   ALA A C   
642 O O   . ALA A 92  ? 0.4159 0.3957 0.5537 0.0309  0.0131  -0.0330 91   ALA A O   
643 C CB  . ALA A 92  ? 0.4452 0.4209 0.3466 0.1138  0.0600  -0.0437 91   ALA A CB  
644 N N   . GLU A 93  ? 0.3877 0.3767 0.4387 0.0753  0.0224  -0.0691 92   GLU A N   
645 C CA  . GLU A 93  ? 0.3896 0.3289 0.4473 0.0957  -0.0617 0.0017  92   GLU A CA  
646 C C   . GLU A 93  ? 0.5051 0.3718 0.5896 0.0835  0.0738  0.0136  92   GLU A C   
647 O O   . GLU A 93  ? 0.5397 0.3372 0.6209 0.0841  0.0792  -0.0512 92   GLU A O   
648 C CB  . GLU A 93  ? 0.4752 0.6411 0.4705 -0.0131 -0.0843 -0.0454 92   GLU A CB  
649 C CG  . GLU A 93  ? 0.6680 0.6918 0.4928 -0.0305 -0.1950 0.0191  92   GLU A CG  
650 C CD  . GLU A 93  ? 0.6449 0.8814 0.5711 0.2216  -0.2080 -0.1639 92   GLU A CD  
651 O OE1 . GLU A 93  ? 0.5772 0.7788 0.8261 0.2624  -0.0563 -0.0106 92   GLU A OE1 
652 O OE2 . GLU A 93  ? 0.4461 1.3323 0.8804 0.0883  0.1393  -0.0526 92   GLU A OE2 
653 N N   . VAL A 94  ? 0.3512 0.3185 0.5002 0.0045  -0.0032 -0.0920 93   VAL A N   
654 C CA  . VAL A 94  ? 0.2786 0.3501 0.4311 0.0140  -0.0220 -0.0683 93   VAL A CA  
655 C C   . VAL A 94  ? 0.3064 0.3315 0.4478 0.0473  -0.0018 -0.0827 93   VAL A C   
656 O O   . VAL A 94  ? 0.3303 0.3805 0.3749 0.0454  0.0253  -0.0617 93   VAL A O   
657 C CB  . VAL A 94  ? 0.3906 0.2933 0.4540 -0.0044 -0.0480 -0.0302 93   VAL A CB  
658 C CG1 . VAL A 94  ? 0.4787 0.4634 0.4282 -0.1139 -0.0418 -0.0265 93   VAL A CG1 
659 C CG2 . VAL A 94  ? 0.4716 0.4481 0.4438 0.0247  -0.0777 -0.1196 93   VAL A CG2 
660 N N   . VAL A 95  ? 0.3017 0.3058 0.4324 0.0688  0.0250  -0.1148 94   VAL A N   
661 C CA  . VAL A 95  ? 0.3441 0.2839 0.4294 0.0259  -0.0230 -0.1010 94   VAL A CA  
662 C C   . VAL A 95  ? 0.3120 0.3643 0.4069 0.0422  0.0572  -0.0915 94   VAL A C   
663 O O   . VAL A 95  ? 0.3401 0.3087 0.4650 0.0194  0.1253  -0.0110 94   VAL A O   
664 C CB  . VAL A 95  ? 0.3431 0.3390 0.5534 0.0443  -0.0603 -0.0809 94   VAL A CB  
665 C CG1 . VAL A 95  ? 0.3815 0.5266 0.4911 -0.0497 -0.1247 -0.1479 94   VAL A CG1 
666 C CG2 . VAL A 95  ? 0.3458 0.4388 0.5112 -0.0103 -0.0533 -0.0474 94   VAL A CG2 
667 N N   . PHE A 96  ? 0.3199 0.3450 0.3578 0.0295  0.0992  -0.1028 95   PHE A N   
668 C CA  . PHE A 96  ? 0.2734 0.3123 0.4483 -0.0346 0.0829  -0.0896 95   PHE A CA  
669 C C   . PHE A 96  ? 0.2768 0.3468 0.4765 -0.0074 0.0698  -0.1032 95   PHE A C   
670 O O   . PHE A 96  ? 0.3367 0.2905 0.4451 0.0195  0.0545  -0.1211 95   PHE A O   
671 C CB  . PHE A 96  ? 0.2912 0.3202 0.4416 -0.0525 0.0750  -0.0629 95   PHE A CB  
672 C CG  . PHE A 96  ? 0.3271 0.3505 0.3283 -0.0329 0.0521  -0.0527 95   PHE A CG  
673 C CD1 . PHE A 96  ? 0.2665 0.4382 0.4524 -0.0112 0.0455  0.0006  95   PHE A CD1 
674 C CD2 . PHE A 96  ? 0.3465 0.4155 0.4016 -0.0159 0.1023  -0.0483 95   PHE A CD2 
675 C CE1 . PHE A 96  ? 0.2876 0.4762 0.4406 0.0557  0.0376  -0.0423 95   PHE A CE1 
676 C CE2 . PHE A 96  ? 0.3367 0.4151 0.4820 -0.0940 0.0967  -0.0912 95   PHE A CE2 
677 C CZ  . PHE A 96  ? 0.4372 0.3584 0.5042 -0.0183 0.0463  0.0433  95   PHE A CZ  
678 N N   . THR A 97  ? 0.2935 0.3339 0.4911 0.0168  0.0845  -0.1072 96   THR A N   
679 C CA  . THR A 97  ? 0.4267 0.3492 0.4784 -0.0536 0.0733  -0.1502 96   THR A CA  
680 C C   . THR A 97  ? 0.4861 0.3008 0.5285 -0.0115 0.0923  -0.1022 96   THR A C   
681 O O   . THR A 97  ? 0.5773 0.3110 0.5334 -0.0571 0.1099  -0.0479 96   THR A O   
682 C CB  . THR A 97  ? 0.4467 0.4035 0.6918 -0.0777 0.1150  -0.1248 96   THR A CB  
683 O OG1 . THR A 97  ? 0.3743 0.5925 0.7218 -0.1146 0.0638  -0.1555 96   THR A OG1 
684 C CG2 . THR A 97  ? 0.5599 0.3895 0.7116 -0.1642 0.0107  -0.1566 96   THR A CG2 
685 N N   . ALA A 98  ? 0.4790 0.3293 0.4481 -0.0410 0.0843  -0.0835 97   ALA A N   
686 C CA  . ALA A 98  ? 0.4642 0.3606 0.5120 -0.0684 0.0655  -0.0321 97   ALA A CA  
687 C C   . ALA A 98  ? 0.6638 0.3968 0.6341 -0.0233 0.0357  -0.0726 97   ALA A C   
688 O O   . ALA A 98  ? 0.7736 0.3683 0.5581 0.0030  -0.0026 -0.0226 97   ALA A O   
689 C CB  . ALA A 98  ? 0.3832 0.4097 0.4428 0.0869  0.1132  -0.0115 97   ALA A CB  
690 N N   . ASN A 99  ? 0.6027 0.4376 0.6092 -0.0401 0.0538  -0.0714 98   ASN A N   
691 C CA  . ASN A 99  ? 0.6291 0.4041 0.5744 -0.0760 0.1015  0.0271  98   ASN A CA  
692 C C   . ASN A 99  ? 0.6864 0.3677 0.6677 -0.0901 0.1199  -0.0344 98   ASN A C   
693 O O   . ASN A 99  ? 0.9049 0.3681 0.7054 -0.1193 0.0210  -0.0747 98   ASN A O   
694 C CB  . ASN A 99  ? 0.6679 0.4230 0.5384 -0.1046 0.0877  -0.0628 98   ASN A CB  
695 C CG  . ASN A 99  ? 0.5768 0.4723 0.5662 -0.0734 0.0905  0.0313  98   ASN A CG  
696 O OD1 . ASN A 99  ? 0.5582 0.5033 0.6017 0.0508  0.0516  -0.0928 98   ASN A OD1 
697 N ND2 . ASN A 99  ? 0.5637 0.5248 0.5603 0.0361  0.1351  0.0445  98   ASN A ND2 
698 N N   . ASP A 100 ? 0.6250 0.4886 0.5703 -0.1383 0.1914  -0.0322 99   ASP A N   
699 C CA  . ASP A 100 ? 0.7275 0.4714 0.7942 -0.2093 0.2001  -0.0260 99   ASP A CA  
700 C C   . ASP A 100 ? 0.9567 0.4617 0.7628 -0.2006 0.1591  -0.0467 99   ASP A C   
701 O O   . ASP A 100 ? 1.1222 0.5752 0.8772 -0.3038 0.3249  -0.1572 99   ASP A O   
702 C CB  . ASP A 100 ? 0.7062 0.5823 0.8322 -0.1372 0.1396  0.0091  99   ASP A CB  
703 C CG  . ASP A 100 ? 0.8479 0.5824 0.8441 -0.2970 0.1876  -0.0245 99   ASP A CG  
704 O OD1 . ASP A 100 ? 1.1848 0.8873 0.8104 -0.2045 0.2447  0.0540  99   ASP A OD1 
705 O OD2 . ASP A 100 ? 1.1293 0.7991 0.9741 -0.2121 0.2875  0.2182  99   ASP A OD2 
706 N N   . SER A 101 ? 1.0674 0.5780 0.7699 -0.1628 0.1216  -0.0339 100  SER A N   
707 C CA  . SER A 101 ? 0.9832 0.5995 0.7403 -0.1018 0.2543  -0.0258 100  SER A CA  
708 C C   . SER A 101 ? 1.0211 0.4808 0.7567 -0.0934 0.2530  0.0086  100  SER A C   
709 O O   . SER A 101 ? 1.2084 0.5193 0.8377 -0.1768 0.1501  0.0766  100  SER A O   
710 C CB  . SER A 101 ? 1.0045 0.7907 0.7392 -0.0642 0.3051  -0.0574 100  SER A CB  
711 O OG  . SER A 101 ? 1.1020 0.7587 1.0238 0.0496  0.4339  -0.2552 100  SER A OG  
712 N N   . GLY A 102 ? 0.9420 0.6194 0.7042 -0.0218 0.2150  -0.0207 101  GLY A N   
713 C CA  . GLY A 102 ? 0.9075 0.4391 0.7571 -0.0828 0.2184  0.0147  101  GLY A CA  
714 C C   . GLY A 102 ? 0.8801 0.4479 0.6955 -0.0733 0.1746  -0.0369 101  GLY A C   
715 O O   . GLY A 102 ? 0.7117 0.6469 0.8572 0.0004  0.1281  -0.1262 101  GLY A O   
716 N N   . PRO A 103 ? 0.8890 0.3648 0.7073 -0.0334 0.1619  -0.0289 102  PRO A N   
717 C CA  . PRO A 103 ? 0.7347 0.4432 0.7020 -0.0149 0.1127  -0.0775 102  PRO A CA  
718 C C   . PRO A 103 ? 0.8195 0.3391 0.6608 0.0286  0.0098  0.0165  102  PRO A C   
719 O O   . PRO A 103 ? 0.9518 0.4249 0.6612 -0.1347 0.0070  0.0735  102  PRO A O   
720 C CB  . PRO A 103 ? 0.8465 0.4712 0.7848 0.1155  0.1423  -0.1326 102  PRO A CB  
721 C CG  . PRO A 103 ? 0.9501 0.5332 0.8192 -0.0900 0.1687  -0.0839 102  PRO A CG  
722 C CD  . PRO A 103 ? 0.9331 0.4730 0.8196 0.0354  0.2221  -0.0301 102  PRO A CD  
723 N N   . ARG A 104 ? 0.7503 0.3132 0.6298 -0.0460 -0.0263 -0.0042 103  ARG A N   
724 C CA  . ARG A 104 ? 0.7320 0.3465 0.5916 0.0399  0.0446  -0.0149 103  ARG A CA  
725 C C   . ARG A 104 ? 0.6704 0.3092 0.5425 0.0703  0.0665  0.0458  103  ARG A C   
726 O O   . ARG A 104 ? 0.6095 0.4354 0.5329 0.0828  0.0263  0.0474  103  ARG A O   
727 C CB  . ARG A 104 ? 0.7046 0.4214 0.6042 -0.0255 0.1412  0.0196  103  ARG A CB  
728 C CG  . ARG A 104 ? 0.8183 0.3551 0.6596 -0.0979 0.1122  0.1281  103  ARG A CG  
729 C CD  . ARG A 104 ? 0.8140 0.3091 0.5841 0.0078  0.1573  0.0602  103  ARG A CD  
730 N NE  . ARG A 104 ? 0.9206 0.3397 0.7444 -0.0465 0.1393  0.1421  103  ARG A NE  
731 C CZ  . ARG A 104 ? 1.2202 0.4049 0.7038 -0.1600 0.1826  0.1507  103  ARG A CZ  
732 N NH1 . ARG A 104 ? 1.2900 0.5864 0.8132 -0.1280 0.0884  0.0160  103  ARG A NH1 
733 N NH2 . ARG A 104 ? 1.3079 0.6243 0.7593 -0.2496 0.0919  0.0857  103  ARG A NH2 
734 N N   . ARG A 105 ? 0.6282 0.2855 0.5648 0.0988  0.0895  0.0202  104  ARG A N   
735 C CA  . ARG A 105 ? 0.5771 0.2849 0.5361 0.0756  0.0495  0.0792  104  ARG A CA  
736 C C   . ARG A 105 ? 0.5380 0.3568 0.4407 0.0799  0.0672  0.0815  104  ARG A C   
737 O O   . ARG A 105 ? 0.5961 0.4020 0.4412 0.0549  0.0840  0.0910  104  ARG A O   
738 C CB  . ARG A 105 ? 0.6163 0.4791 0.6800 0.1092  -0.0092 0.0959  104  ARG A CB  
739 C CG  . ARG A 105 ? 0.7152 0.5893 0.8163 0.1519  -0.0060 0.0214  104  ARG A CG  
740 C CD  . ARG A 105 ? 0.7979 0.6543 0.8367 0.0400  -0.0888 0.1431  104  ARG A CD  
741 N NE  . ARG A 105 ? 0.9187 0.8319 0.7531 -0.1251 -0.1507 0.1240  104  ARG A NE  
742 C CZ  . ARG A 105 ? 0.9354 0.6222 0.7287 -0.0540 -0.1274 0.0667  104  ARG A CZ  
743 N NH1 . ARG A 105 ? 1.0147 0.9131 1.0587 0.3029  -0.3971 0.1026  104  ARG A NH1 
744 N NH2 . ARG A 105 ? 1.0887 0.5517 0.7992 0.0020  -0.0959 0.0266  104  ARG A NH2 
745 N N   . TYR A 106 ? 0.4971 0.3159 0.4492 0.0545  0.1266  0.0530  105  TYR A N   
746 C CA  . TYR A 106 ? 0.4705 0.2980 0.4168 0.0324  0.0855  0.0257  105  TYR A CA  
747 C C   . TYR A 106 ? 0.5441 0.3338 0.4143 0.0009  0.0908  0.0478  105  TYR A C   
748 O O   . TYR A 106 ? 0.4697 0.3834 0.5196 0.0507  0.1013  -0.0133 105  TYR A O   
749 C CB  . TYR A 106 ? 0.3845 0.3599 0.3589 0.0306  0.1628  0.0505  105  TYR A CB  
750 C CG  . TYR A 106 ? 0.4688 0.3491 0.4736 -0.0029 0.1179  0.0245  105  TYR A CG  
751 C CD1 . TYR A 106 ? 0.5014 0.3504 0.4628 0.0246  0.0873  0.0661  105  TYR A CD1 
752 C CD2 . TYR A 106 ? 0.4419 0.3038 0.5246 -0.0241 0.1091  0.0379  105  TYR A CD2 
753 C CE1 . TYR A 106 ? 0.4636 0.4506 0.4635 -0.0131 0.1194  0.0770  105  TYR A CE1 
754 C CE2 . TYR A 106 ? 0.5084 0.3184 0.5268 -0.0646 0.1808  0.0180  105  TYR A CE2 
755 C CZ  . TYR A 106 ? 0.5075 0.3650 0.4946 -0.0499 0.1708  0.0027  105  TYR A CZ  
756 O OH  . TYR A 106 ? 0.5486 0.4177 0.5183 -0.0914 0.1595  -0.0592 105  TYR A OH  
757 N N   . THR A 107 ? 0.4543 0.3160 0.3980 0.0342  0.0459  0.0506  106  THR A N   
758 C CA  . THR A 107 ? 0.4554 0.3001 0.4626 0.0774  -0.0081 0.0474  106  THR A CA  
759 C C   . THR A 107 ? 0.3862 0.2834 0.3419 0.0496  0.0883  -0.0074 106  THR A C   
760 O O   . THR A 107 ? 0.3784 0.3721 0.3982 -0.0077 0.1077  0.0020  106  THR A O   
761 C CB  . THR A 107 ? 0.4426 0.2875 0.4659 0.0761  0.0041  0.0068  106  THR A CB  
762 O OG1 . THR A 107 ? 0.5345 0.3566 0.5416 0.1700  0.0633  -0.0167 106  THR A OG1 
763 C CG2 . THR A 107 ? 0.4164 0.3251 0.3789 0.0306  -0.0241 0.1231  106  THR A CG2 
764 N N   . ILE A 108 ? 0.3759 0.2485 0.4011 0.0416  0.0601  0.0017  107  ILE A N   
765 C CA  . ILE A 108 ? 0.2761 0.3065 0.3764 0.0079  0.0145  0.0246  107  ILE A CA  
766 C C   . ILE A 108 ? 0.3619 0.2503 0.3737 0.0192  0.1141  0.0179  107  ILE A C   
767 O O   . ILE A 108 ? 0.3370 0.2416 0.4061 0.0630  0.0877  0.0073  107  ILE A O   
768 C CB  . ILE A 108 ? 0.3549 0.3079 0.3633 0.0634  0.0221  -0.0242 107  ILE A CB  
769 C CG1 . ILE A 108 ? 0.4378 0.3431 0.4792 -0.0334 0.1204  -0.0068 107  ILE A CG1 
770 C CG2 . ILE A 108 ? 0.3683 0.3343 0.4171 0.0728  0.0635  0.0161  107  ILE A CG2 
771 C CD1 . ILE A 108 ? 0.5111 0.3712 0.3828 -0.0710 0.1050  0.0342  107  ILE A CD1 
772 N N   . ALA A 109 ? 0.2882 0.2713 0.3893 0.0608  0.0556  0.0203  108  ALA A N   
773 C CA  . ALA A 109 ? 0.2654 0.3220 0.3077 0.0576  0.0549  0.0218  108  ALA A CA  
774 C C   . ALA A 109 ? 0.2977 0.2864 0.3968 0.0143  0.0368  0.0414  108  ALA A C   
775 O O   . ALA A 109 ? 0.2813 0.2429 0.4236 0.0247  0.0609  0.0191  108  ALA A O   
776 C CB  . ALA A 109 ? 0.3966 0.3915 0.3141 0.0574  0.0171  0.0648  108  ALA A CB  
777 N N   . ALA A 110 ? 0.3036 0.2913 0.2904 -0.0179 -0.0397 0.0470  109  ALA A N   
778 C CA  . ALA A 110 ? 0.2133 0.2780 0.3217 0.0213  0.0364  0.0062  109  ALA A CA  
779 C C   . ALA A 110 ? 0.2479 0.3158 0.2806 -0.0073 0.0306  0.0027  109  ALA A C   
780 O O   . ALA A 110 ? 0.2898 0.3122 0.3923 -0.0170 0.0170  -0.0485 109  ALA A O   
781 C CB  . ALA A 110 ? 0.3051 0.2631 0.2717 0.0251  0.0192  -0.0153 109  ALA A CB  
782 N N   . LEU A 111 ? 0.2751 0.2298 0.3027 0.0029  0.0371  0.0227  110  LEU A N   
783 C CA  . LEU A 111 ? 0.2311 0.2431 0.3204 0.0024  0.0069  0.0138  110  LEU A CA  
784 C C   . LEU A 111 ? 0.3184 0.2798 0.3239 0.0096  -0.0562 0.0011  110  LEU A C   
785 O O   . LEU A 111 ? 0.2621 0.3297 0.3771 -0.0147 0.0455  -0.0153 110  LEU A O   
786 C CB  . LEU A 111 ? 0.3258 0.2561 0.3253 -0.0115 0.0116  -0.0098 110  LEU A CB  
787 C CG  . LEU A 111 ? 0.3502 0.3519 0.3229 -0.0763 0.0425  -0.0265 110  LEU A CG  
788 C CD1 . LEU A 111 ? 0.2867 0.3437 0.3520 0.0360  0.0557  -0.0324 110  LEU A CD1 
789 C CD2 . LEU A 111 ? 0.3505 0.3850 0.3242 -0.0172 0.0798  -0.0737 110  LEU A CD2 
790 N N   . LEU A 112 ? 0.3207 0.3419 0.2501 0.0043  0.0077  0.0141  111  LEU A N   
791 C CA  . LEU A 112 ? 0.4056 0.3012 0.3602 0.0324  0.0280  0.0377  111  LEU A CA  
792 C C   . LEU A 112 ? 0.4070 0.3425 0.3964 0.0058  -0.0485 0.0113  111  LEU A C   
793 O O   . LEU A 112 ? 0.3619 0.3729 0.3393 -0.0320 -0.0388 0.0703  111  LEU A O   
794 C CB  . LEU A 112 ? 0.3986 0.3576 0.3124 0.0190  0.0053  0.0739  111  LEU A CB  
795 C CG  . LEU A 112 ? 0.4205 0.2719 0.3045 -0.0493 0.0297  0.0587  111  LEU A CG  
796 C CD1 . LEU A 112 ? 0.4486 0.3412 0.3664 -0.0040 0.0800  0.0459  111  LEU A CD1 
797 C CD2 . LEU A 112 ? 0.3695 0.3171 0.3683 0.0443  0.0293  0.0302  111  LEU A CD2 
798 N N   . SER A 113 ? 0.3935 0.3625 0.4204 0.0681  0.0180  0.0091  112  SER A N   
799 C CA  . SER A 113 ? 0.4322 0.3283 0.3988 -0.0013 -0.0574 0.0023  112  SER A CA  
800 C C   . SER A 113 ? 0.4721 0.3283 0.3679 0.0462  0.0109  0.0273  112  SER A C   
801 O O   . SER A 113 ? 0.5038 0.2741 0.4465 0.0195  -0.1051 0.0451  112  SER A O   
802 C CB  . SER A 113 ? 0.5606 0.4448 0.4581 0.1092  -0.0027 -0.0069 112  SER A CB  
803 O OG  . SER A 113 ? 0.5628 0.5767 0.4048 0.0318  -0.0131 -0.0889 112  SER A OG  
804 N N   . PRO A 114 ? 0.3926 0.3482 0.4585 0.0557  -0.0544 -0.0434 113  PRO A N   
805 C CA  . PRO A 114 ? 0.5940 0.3575 0.5461 0.0987  -0.1433 0.0211  113  PRO A CA  
806 C C   . PRO A 114 ? 0.6068 0.4420 0.5114 0.0866  -0.1359 -0.0345 113  PRO A C   
807 O O   . PRO A 114 ? 0.5082 0.6240 0.5053 0.0564  -0.1027 -0.0211 113  PRO A O   
808 C CB  . PRO A 114 ? 0.7402 0.4112 0.5184 0.0499  -0.1625 0.0388  113  PRO A CB  
809 C CG  . PRO A 114 ? 0.5858 0.4354 0.5453 -0.0186 -0.0921 0.0481  113  PRO A CG  
810 C CD  . PRO A 114 ? 0.5609 0.3292 0.4968 0.0685  -0.0666 -0.0377 113  PRO A CD  
811 N N   . TYR A 115 ? 0.6098 0.2362 0.4344 0.0676  -0.1540 -0.0052 114  TYR A N   
812 C CA  . TYR A 115 ? 0.5755 0.3120 0.4308 0.1940  -0.1480 -0.0793 114  TYR A CA  
813 C C   . TYR A 115 ? 0.5049 0.3313 0.4149 0.1720  -0.1297 -0.1243 114  TYR A C   
814 O O   . TYR A 115 ? 0.4778 0.4088 0.5007 0.2153  -0.0898 -0.0234 114  TYR A O   
815 C CB  . TYR A 115 ? 0.6335 0.3044 0.5213 0.1962  -0.1933 -0.1566 114  TYR A CB  
816 C CG  . TYR A 115 ? 0.7577 0.3389 0.5848 0.2023  -0.1925 -0.1200 114  TYR A CG  
817 C CD1 . TYR A 115 ? 0.8003 0.3839 0.7097 0.2154  -0.2705 -0.1177 114  TYR A CD1 
818 C CD2 . TYR A 115 ? 0.8631 0.3316 0.5935 0.1609  -0.1862 -0.1273 114  TYR A CD2 
819 C CE1 . TYR A 115 ? 0.9771 0.3997 0.7427 0.2336  -0.2781 -0.1041 114  TYR A CE1 
820 C CE2 . TYR A 115 ? 0.9409 0.4004 0.7032 0.1379  -0.2529 -0.0555 114  TYR A CE2 
821 C CZ  . TYR A 115 ? 1.0105 0.3452 0.6625 0.2383  -0.2716 -0.0358 114  TYR A CZ  
822 O OH  . TYR A 115 ? 1.1631 0.3223 0.8230 0.1736  -0.2514 -0.0551 114  TYR A OH  
823 N N   . SER A 116 ? 0.4186 0.3420 0.3343 0.1473  -0.0889 -0.0663 115  SER A N   
824 C CA  . SER A 116 ? 0.3834 0.3318 0.4623 0.1400  -0.0307 -0.0800 115  SER A CA  
825 C C   . SER A 116 ? 0.3919 0.3105 0.3015 0.1143  -0.0775 -0.0859 115  SER A C   
826 O O   . SER A 116 ? 0.4418 0.2101 0.3534 0.0795  -0.0591 0.0257  115  SER A O   
827 C CB  . SER A 116 ? 0.5078 0.4149 0.4699 0.1053  -0.0040 -0.0735 115  SER A CB  
828 O OG  . SER A 116 ? 0.6217 0.5066 0.5218 0.2012  0.0017  -0.0355 115  SER A OG  
829 N N   . TYR A 117 ? 0.3307 0.3509 0.3480 0.0785  -0.0705 0.0027  116  TYR A N   
830 C CA  . TYR A 117 ? 0.3185 0.3122 0.4044 0.0623  -0.0193 -0.0108 116  TYR A CA  
831 C C   . TYR A 117 ? 0.2921 0.2866 0.4017 0.0604  0.0003  -0.0585 116  TYR A C   
832 O O   . TYR A 117 ? 0.3061 0.2212 0.4291 0.0309  -0.0138 0.0037  116  TYR A O   
833 C CB  . TYR A 117 ? 0.4092 0.2831 0.3952 0.0259  -0.0193 0.0299  116  TYR A CB  
834 C CG  . TYR A 117 ? 0.4856 0.3624 0.3875 0.0338  -0.0316 -0.0242 116  TYR A CG  
835 C CD1 . TYR A 117 ? 0.3553 0.4444 0.5470 0.1631  -0.0826 -0.0594 116  TYR A CD1 
836 C CD2 . TYR A 117 ? 0.3969 0.3489 0.3599 0.1424  0.0083  -0.0568 116  TYR A CD2 
837 C CE1 . TYR A 117 ? 0.4664 0.4502 0.5764 0.0738  -0.0690 -0.1215 116  TYR A CE1 
838 C CE2 . TYR A 117 ? 0.3355 0.4629 0.5013 0.0131  -0.0676 -0.0063 116  TYR A CE2 
839 C CZ  . TYR A 117 ? 0.4321 0.4429 0.5585 0.0581  -0.1056 -0.0473 116  TYR A CZ  
840 O OH  . TYR A 117 ? 0.3995 0.7251 0.5312 -0.0772 -0.1544 0.0393  116  TYR A OH  
841 N N   A SER A 118 ? 0.2826 0.3201 0.3735 0.0502  0.0164  -0.0246 117  SER A N   
842 N N   B SER A 118 ? 0.2780 0.3228 0.3678 0.0489  0.0246  -0.0146 117  SER A N   
843 N N   C SER A 118 ? 0.2303 0.3232 0.3370 0.0419  0.0507  -0.0068 117  SER A N   
844 C CA  A SER A 118 ? 0.2819 0.3051 0.4029 0.0331  0.0420  -0.0513 117  SER A CA  
845 C CA  B SER A 118 ? 0.2754 0.3089 0.4018 0.0319  0.0534  -0.0425 117  SER A CA  
846 C CA  C SER A 118 ? 0.2225 0.2791 0.4005 0.0300  0.0723  -0.0487 117  SER A CA  
847 C C   A SER A 118 ? 0.2673 0.2882 0.3681 0.0221  0.0316  -0.0294 117  SER A C   
848 C C   B SER A 118 ? 0.2652 0.2882 0.3678 0.0228  0.0337  -0.0219 117  SER A C   
849 C C   C SER A 118 ? 0.2457 0.2838 0.3590 0.0462  0.0605  -0.0045 117  SER A C   
850 O O   A SER A 118 ? 0.2691 0.2791 0.3939 0.0362  0.0359  0.0443  117  SER A O   
851 O O   B SER A 118 ? 0.2655 0.2736 0.3964 0.0425  0.0395  0.0561  117  SER A O   
852 O O   C SER A 118 ? 0.2273 0.2467 0.4084 0.0693  0.0528  0.0278  117  SER A O   
853 C CB  A SER A 118 ? 0.3033 0.3167 0.3997 0.0343  0.0455  -0.0589 117  SER A CB  
854 C CB  B SER A 118 ? 0.2881 0.3332 0.3980 0.0037  0.0567  -0.0302 117  SER A CB  
855 C CB  C SER A 118 ? 0.2414 0.2886 0.3921 0.0284  0.0853  -0.0525 117  SER A CB  
856 O OG  A SER A 118 ? 0.3052 0.2761 0.2286 0.0471  0.0331  -0.1295 117  SER A OG  
857 O OG  B SER A 118 ? 0.2769 0.2491 0.2453 -0.0032 0.0864  0.0464  117  SER A OG  
858 O OG  C SER A 118 ? 0.1971 0.3060 0.3515 0.0511  0.0297  -0.0611 117  SER A OG  
859 N N   . THR A 119 ? 0.2274 0.2828 0.3487 0.0380  0.0121  -0.0443 118  THR A N   
860 C CA  . THR A 119 ? 0.2565 0.2503 0.3567 0.0113  0.0461  -0.0142 118  THR A CA  
861 C C   . THR A 119 ? 0.3063 0.3046 0.4104 0.0202  0.0950  0.0267  118  THR A C   
862 O O   . THR A 119 ? 0.3058 0.2049 0.4110 -0.0152 0.0625  0.0231  118  THR A O   
863 C CB  . THR A 119 ? 0.2700 0.3589 0.3952 0.0659  0.0223  -0.0815 118  THR A CB  
864 O OG1 . THR A 119 ? 0.4864 0.4072 0.4469 0.1457  0.0246  0.0122  118  THR A OG1 
865 C CG2 . THR A 119 ? 0.2813 0.3287 0.4102 0.0265  0.0724  -0.1209 118  THR A CG2 
866 N N   . THR A 120 ? 0.2844 0.2793 0.3698 0.0021  0.0757  0.0099  119  THR A N   
867 C CA  . THR A 120 ? 0.3632 0.2440 0.3623 0.0113  0.1235  0.0007  119  THR A CA  
868 C C   . THR A 120 ? 0.3481 0.2501 0.4065 0.0266  0.1297  0.0308  119  THR A C   
869 O O   . THR A 120 ? 0.2959 0.2958 0.3932 0.0455  0.1037  0.0276  119  THR A O   
870 C CB  . THR A 120 ? 0.3397 0.4253 0.4154 -0.0318 0.1378  0.0035  119  THR A CB  
871 O OG1 . THR A 120 ? 0.6596 0.4528 0.4576 -0.0274 0.0689  -0.0098 119  THR A OG1 
872 C CG2 . THR A 120 ? 0.3854 0.4391 0.3930 -0.0101 0.0753  -0.0268 119  THR A CG2 
873 N N   . ALA A 121 ? 0.3567 0.2644 0.4623 -0.0363 0.1352  -0.0280 120  ALA A N   
874 C CA  . ALA A 121 ? 0.2957 0.3502 0.3457 -0.0034 0.1858  -0.0258 120  ALA A CA  
875 C C   . ALA A 121 ? 0.4671 0.3732 0.4382 -0.0095 0.1276  0.0082  120  ALA A C   
876 O O   . ALA A 121 ? 0.4359 0.3336 0.5228 -0.0328 0.1497  -0.0021 120  ALA A O   
877 C CB  . ALA A 121 ? 0.4723 0.3347 0.4698 -0.0320 0.1032  -0.0675 120  ALA A CB  
878 N N   . VAL A 122 ? 0.4558 0.3811 0.3803 0.0211  0.1105  0.0131  121  VAL A N   
879 C CA  . VAL A 122 ? 0.5564 0.3659 0.4452 0.0141  0.0928  0.0440  121  VAL A CA  
880 C C   . VAL A 122 ? 0.5211 0.3265 0.3754 0.0136  0.0695  0.0621  121  VAL A C   
881 O O   . VAL A 122 ? 0.4994 0.3125 0.4828 0.0906  0.1254  0.0259  121  VAL A O   
882 C CB  . VAL A 122 ? 0.5841 0.3384 0.4060 0.0154  0.0582  0.0640  121  VAL A CB  
883 C CG1 . VAL A 122 ? 0.6697 0.4224 0.3572 0.0220  0.0416  0.0296  121  VAL A CG1 
884 C CG2 . VAL A 122 ? 0.7082 0.4031 0.4657 -0.0388 0.0798  -0.0535 121  VAL A CG2 
885 N N   . ILE A 123 ? 0.5305 0.2826 0.3617 0.0551  0.1093  0.0870  122  ILE A N   
886 C CA  . ILE A 123 ? 0.6326 0.3260 0.4363 0.0563  0.0822  0.0326  122  ILE A CA  
887 C C   . ILE A 123 ? 0.8579 0.3832 0.3973 0.0851  0.1260  0.0762  122  ILE A C   
888 O O   . ILE A 123 ? 0.7212 0.4590 0.5154 0.1108  0.2408  0.0388  122  ILE A O   
889 C CB  . ILE A 123 ? 0.6536 0.3399 0.5302 -0.0512 0.1244  0.0632  122  ILE A CB  
890 C CG1 . ILE A 123 ? 0.5842 0.3651 0.4866 -0.0522 0.0740  0.0278  122  ILE A CG1 
891 C CG2 . ILE A 123 ? 0.6928 0.3874 0.5613 -0.1318 0.1482  0.0375  122  ILE A CG2 
892 C CD1 . ILE A 123 ? 0.5624 0.3280 0.5250 -0.0937 0.1675  -0.0520 122  ILE A CD1 
893 N N   . THR A 124 ? 0.8249 0.4816 0.5544 0.1590  0.0451  0.0412  123  THR A N   
894 C CA  . THR A 124 ? 0.9349 0.4292 0.5467 0.0370  0.0024  0.0747  123  THR A CA  
895 C C   . THR A 124 ? 0.9122 0.5349 0.5495 0.1482  0.1823  -0.0347 123  THR A C   
896 O O   . THR A 124 ? 0.7331 0.4986 0.5406 0.0864  0.2201  0.0513  123  THR A O   
897 C CB  . THR A 124 ? 0.8913 0.5830 0.6157 0.1351  -0.1401 0.0835  123  THR A CB  
898 O OG1 . THR A 124 ? 0.8067 0.5856 0.8101 0.0842  -0.1708 0.0318  123  THR A OG1 
899 C CG2 . THR A 124 ? 1.1201 0.5067 0.7759 0.1943  0.0030  0.1875  123  THR A CG2 
900 O O13 . TCW B .   ? 0.5488 0.5152 0.2978 -0.0471 0.0580  -0.0005 1124 TCW A O13 
901 C C12 . TCW B .   ? 0.3223 0.3992 0.4282 -0.0165 0.0521  -0.0319 1124 TCW A C12 
902 C C4  . TCW B .   ? 0.3087 0.4302 0.5149 -0.0207 -0.0506 -0.0587 1124 TCW A C4  
903 C C3  . TCW B .   ? 0.3502 0.4467 0.4249 -0.0115 -0.0705 -0.0628 1124 TCW A C3  
904 C C2  . TCW B .   ? 0.3136 0.4292 0.4864 -0.0639 0.0819  0.0343  1124 TCW A C2  
905 O O7  . TCW B .   ? 0.4504 0.7814 0.6504 0.0937  -0.1407 0.1866  1124 TCW A O7  
906 C C5  . TCW B .   ? 0.4295 0.3394 0.6241 0.0309  0.0005  -0.0602 1124 TCW A C5  
907 C C6  . TCW B .   ? 0.3287 0.4551 0.4662 0.0505  0.0396  0.0364  1124 TCW A C6  
908 N N9  . TCW B .   ? 0.3149 0.5030 0.5979 0.0201  -0.0657 -0.0096 1124 TCW A N9  
909 O O11 . TCW B .   ? 0.6073 0.6793 0.8873 0.2148  0.0174  -0.0255 1124 TCW A O11 
910 O O10 . TCW B .   ? 0.3696 0.5282 0.5321 -0.0386 -0.1141 0.0730  1124 TCW A O10 
911 C C1  . TCW B .   ? 0.3825 0.4808 0.4577 0.0039  0.0344  0.0019  1124 TCW A C1  
912 O O8  . TCW B .   ? 0.4680 0.6841 0.7832 0.1011  0.1866  0.0481  1124 TCW A O8  
913 C C14 . TCW B .   ? 0.4114 0.5124 0.3662 0.0961  -0.0094 -0.0147 1124 TCW A C14 
914 C C19 . TCW B .   ? 0.4124 0.7611 0.6078 0.0939  0.0086  0.0084  1124 TCW A C19 
915 C C18 . TCW B .   ? 0.3980 0.4346 0.4192 0.0014  0.0266  -0.0208 1124 TCW A C18 
916 C C17 . TCW B .   ? 0.3200 0.3856 0.4045 -0.0425 -0.0122 0.0172  1124 TCW A C17 
917 C C20 . TCW B .   ? 0.3486 0.2267 0.2674 -0.0727 -0.0106 0.0509  1124 TCW A C20 
918 C C16 . TCW B .   ? 0.3820 0.4691 0.4005 0.0211  0.0052  -0.0610 1124 TCW A C16 
919 C C15 . TCW B .   ? 0.4254 0.4262 0.3744 0.0969  0.0108  0.0784  1124 TCW A C15 
920 O O   . HOH C .   ? 0.4846 0.4169 0.5589 -0.0224 0.0878  -0.0304 2001 HOH A O   
921 O O   . HOH C .   ? 0.4990 0.2630 0.4217 0.0139  0.0364  -0.0535 2002 HOH A O   
922 O O   . HOH C .   ? 0.4302 0.3642 0.4973 0.0339  0.0089  -0.0844 2003 HOH A O   
923 O O   . HOH C .   ? 0.4115 0.6073 0.6773 0.0134  0.1156  0.0466  2004 HOH A O   
924 O O   . HOH C .   ? 0.3631 0.6899 0.5618 0.0362  0.1093  -0.0806 2005 HOH A O   
925 O O   . HOH C .   ? 0.3113 0.5736 0.5023 0.0297  0.0576  -0.0712 2006 HOH A O   
926 O O   . HOH C .   ? 0.5656 0.6958 0.6182 0.1012  0.1950  -0.0177 2007 HOH A O   
927 O O   . HOH C .   ? 0.5372 0.4799 0.5229 -0.0875 0.0911  0.0125  2008 HOH A O   
928 O O   . HOH C .   ? 0.5852 0.6191 0.6672 -0.0611 0.0371  -0.0212 2009 HOH A O   
929 O O   . HOH C .   ? 0.5298 0.6121 0.6222 -0.0770 -0.0528 0.0558  2010 HOH A O   
930 O O   . HOH C .   ? 0.4185 0.4669 0.5220 -0.0757 -0.0393 0.0095  2011 HOH A O   
931 O O   . HOH C .   ? 0.6938 0.4754 0.6189 -0.0574 -0.1014 0.0451  2012 HOH A O   
932 O O   . HOH C .   ? 0.7904 0.5401 0.4846 -0.1498 -0.0911 -0.0761 2013 HOH A O   
933 O O   . HOH C .   ? 0.6105 0.6996 0.7714 0.0848  0.1185  -0.1065 2014 HOH A O   
934 O O   . HOH C .   ? 0.5089 0.4791 0.5281 -0.0620 0.0501  0.1059  2015 HOH A O   
935 O O   . HOH C .   ? 0.3929 0.7107 0.6734 -0.0289 -0.1113 0.0381  2016 HOH A O   
936 O O   . HOH C .   ? 0.5573 0.7092 0.9691 -0.2222 -0.1947 0.1768  2017 HOH A O   
937 O O   . HOH C .   ? 0.3870 0.4617 0.4218 0.0932  -0.0519 0.0371  2018 HOH A O   
938 O O   . HOH C .   ? 0.4910 0.7073 0.4869 -0.0437 0.0744  0.0772  2019 HOH A O   
939 O O   . HOH C .   ? 0.5875 0.5568 0.6005 0.0125  0.1023  0.0099  2020 HOH A O   
940 O O   . HOH C .   ? 0.4634 0.5557 0.5399 0.0081  0.0937  -0.1097 2021 HOH A O   
941 O O   . HOH C .   ? 0.4716 0.5412 0.5706 0.0064  0.0374  -0.0605 2022 HOH A O   
942 O O   . HOH C .   ? 0.6961 0.6152 0.8422 0.1192  0.0210  -0.2186 2023 HOH A O   
# 
